data_5HMG
#
_entry.id   5HMG
#
_cell.length_a   162.600
_cell.length_b   162.600
_cell.length_c   177.400
_cell.angle_alpha   90.00
_cell.angle_beta   90.00
_cell.angle_gamma   90.00
#
_symmetry.space_group_name_H-M   'P 41'
#
loop_
_entity.id
_entity.type
_entity.pdbx_description
1 polymer 'Hemagglutinin HA1 chain'
2 polymer 'Hemagglutinin HA2 chain'
3 branched alpha-D-mannopyranose-(1-4)-2-acetamido-2-deoxy-beta-D-glucopyranose-(1-4)-2-acetamido-2-deoxy-beta-D-glucopyranose
4 non-polymer 'N-acetyl-alpha-neuraminic acid'
5 non-polymer 2-acetamido-2-deoxy-beta-D-glucopyranose
6 water water
#
loop_
_entity_poly.entity_id
_entity_poly.type
_entity_poly.pdbx_seq_one_letter_code
_entity_poly.pdbx_strand_id
1 'polypeptide(L)'
;QDLPGNDNSTATLCLGHHAVPNGTLVKTITDDQIEVTNATELVQSSSTGKICNNPHRILDGIDCTLIDALLGDPHCDVFQ
NETWDLFVERSKAFSNCYPYDVPDYASLRSLVASSGTLEFITEGFTWTGVTQNGGSNACKRGPGSGFFSRLNWLTKSGST
YPVLNVTMPNNDNFDKLYIWGIHHPSTNQEQTSLYVQASGRVTVSTRRSQQTIIPNIGSRPWVRGLSSRISIYWTIVKPG
DVLVINSNGNLIAPRGYFKMRTGKSSIMRSDAPIDTCISECITPNGSIPNDKPFQNVNKITYGACPKYVKQNTLKLATGM
RNVPEKQT
;
A,C,E
2 'polypeptide(L)'
;GLFGAIAGFIENGWEGMIDGWYGFRHQNSEGTGQAADLKSTQAAIDQINGKLNRVIEKTNEKFHQIEKEFSEVEGRIQDL
EKYVEDTKIDLWSYNAELLVALENQHTIDLTGSEMNKLFEKTRRQLRENAEEMGNGCFKIYHKCDNACIESIRNGTYDHD
VYRDEALNNRFQIKG
;
B,D,F
#
loop_
_chem_comp.id
_chem_comp.type
_chem_comp.name
_chem_comp.formula
MAN D-saccharide, alpha linking alpha-D-mannopyranose 'C6 H12 O6'
NAG D-saccharide, beta linking 2-acetamido-2-deoxy-beta-D-glucopyranose 'C8 H15 N O6'
SIA D-saccharide, alpha linking 'N-acetyl-alpha-neuraminic acid' 'C11 H19 N O9'
#
# COMPACT_ATOMS: atom_id res chain seq x y z
N GLN A 1 54.50 40.90 -16.85
CA GLN A 1 55.32 40.36 -15.76
C GLN A 1 56.60 39.89 -16.43
N ASP A 2 56.48 38.97 -17.38
CA ASP A 2 57.67 38.58 -18.11
C ASP A 2 57.83 39.57 -19.25
N LEU A 3 59.03 39.54 -19.85
CA LEU A 3 59.49 40.41 -20.90
C LEU A 3 58.74 40.20 -22.23
N PRO A 4 58.66 41.20 -23.14
CA PRO A 4 58.00 41.08 -24.44
C PRO A 4 58.55 39.89 -25.25
N GLY A 5 57.65 38.96 -25.58
CA GLY A 5 58.01 37.75 -26.29
C GLY A 5 58.21 37.99 -27.78
N ASN A 6 59.19 37.30 -28.36
CA ASN A 6 59.48 37.40 -29.79
C ASN A 6 58.58 36.52 -30.65
N ASP A 7 57.80 35.66 -30.00
CA ASP A 7 56.93 34.74 -30.67
C ASP A 7 55.49 35.20 -30.43
N ASN A 8 54.52 34.58 -31.10
CA ASN A 8 53.10 34.85 -30.85
C ASN A 8 52.28 33.71 -31.46
N SER A 9 51.60 32.94 -30.62
CA SER A 9 50.70 31.90 -31.08
C SER A 9 49.72 31.59 -29.97
N THR A 10 48.62 30.92 -30.32
CA THR A 10 47.59 30.59 -29.36
C THR A 10 47.58 29.07 -29.10
N ALA A 11 46.60 28.56 -28.35
CA ALA A 11 46.46 27.11 -28.12
C ALA A 11 44.97 26.84 -28.04
N THR A 12 44.54 25.58 -28.06
CA THR A 12 43.13 25.25 -27.93
C THR A 12 42.92 24.14 -26.93
N LEU A 13 42.01 24.32 -25.98
CA LEU A 13 41.70 23.27 -25.02
C LEU A 13 40.24 22.92 -25.22
N CYS A 14 39.86 21.66 -25.25
CA CYS A 14 38.46 21.34 -25.38
C CYS A 14 38.08 20.39 -24.28
N LEU A 15 36.97 20.64 -23.62
CA LEU A 15 36.47 19.72 -22.62
C LEU A 15 35.44 18.82 -23.27
N GLY A 16 35.26 17.64 -22.72
CA GLY A 16 34.32 16.68 -23.28
C GLY A 16 34.14 15.55 -22.29
N HIS A 17 33.36 14.55 -22.69
CA HIS A 17 33.05 13.41 -21.84
C HIS A 17 33.08 12.14 -22.67
N HIS A 18 33.39 10.99 -22.14
CA HIS A 18 33.41 9.76 -22.92
C HIS A 18 32.06 9.34 -23.51
N ALA A 19 32.03 8.40 -24.43
CA ALA A 19 30.79 7.86 -24.95
C ALA A 19 31.11 6.41 -25.29
N VAL A 20 30.16 5.48 -25.26
CA VAL A 20 30.44 4.10 -25.57
C VAL A 20 29.76 3.74 -26.86
N PRO A 21 30.27 2.78 -27.63
CA PRO A 21 29.69 2.41 -28.91
C PRO A 21 28.33 1.74 -28.79
N ASN A 22 28.22 0.93 -27.74
CA ASN A 22 27.04 0.13 -27.42
C ASN A 22 26.06 0.90 -26.53
N GLY A 23 26.07 0.99 -25.19
CA GLY A 23 25.11 1.88 -24.53
C GLY A 23 23.70 1.34 -24.37
N THR A 24 23.11 1.50 -23.17
CA THR A 24 21.84 0.86 -22.83
C THR A 24 20.68 1.81 -22.81
N LEU A 25 19.47 1.40 -23.12
CA LEU A 25 18.38 2.36 -23.01
C LEU A 25 17.77 2.35 -21.63
N VAL A 26 17.24 3.47 -21.14
CA VAL A 26 16.72 3.57 -19.78
C VAL A 26 15.47 4.48 -19.72
N LYS A 27 14.58 4.38 -18.75
CA LYS A 27 13.40 5.26 -18.65
C LYS A 27 13.73 6.48 -17.81
N THR A 28 13.08 7.61 -18.02
CA THR A 28 13.35 8.82 -17.29
C THR A 28 12.00 9.39 -16.88
N ILE A 29 11.95 10.56 -16.26
CA ILE A 29 10.65 11.19 -15.98
C ILE A 29 10.10 11.68 -17.30
N THR A 30 10.92 12.29 -18.14
CA THR A 30 10.45 12.88 -19.39
C THR A 30 10.60 12.06 -20.65
N ASP A 31 11.36 10.98 -20.68
CA ASP A 31 11.46 10.13 -21.88
C ASP A 31 11.41 8.72 -21.38
N ASP A 32 11.07 7.75 -22.19
CA ASP A 32 11.10 6.37 -21.72
C ASP A 32 12.11 5.51 -22.47
N GLN A 33 12.78 6.12 -23.43
CA GLN A 33 13.93 5.47 -24.00
C GLN A 33 14.99 6.51 -24.20
N ILE A 34 15.92 6.62 -23.27
CA ILE A 34 17.03 7.51 -23.46
C ILE A 34 18.27 6.64 -23.28
N GLU A 35 19.30 6.81 -24.09
CA GLU A 35 20.42 5.90 -24.09
C GLU A 35 21.52 6.36 -23.17
N VAL A 36 21.92 5.55 -22.20
CA VAL A 36 22.99 5.95 -21.31
C VAL A 36 24.18 5.04 -21.55
N THR A 37 25.33 5.44 -21.05
CA THR A 37 26.57 4.73 -21.11
C THR A 37 26.48 3.40 -20.45
N ASN A 38 25.64 3.22 -19.44
CA ASN A 38 25.67 1.98 -18.68
C ASN A 38 24.49 1.89 -17.74
N ALA A 39 23.96 0.73 -17.49
CA ALA A 39 22.83 0.60 -16.60
C ALA A 39 23.03 -0.65 -15.75
N THR A 40 22.23 -0.87 -14.73
CA THR A 40 22.25 -2.11 -13.98
C THR A 40 20.81 -2.56 -13.82
N GLU A 41 20.55 -3.86 -13.90
CA GLU A 41 19.20 -4.43 -13.82
C GLU A 41 18.70 -4.59 -12.39
N LEU A 42 17.58 -3.97 -12.07
CA LEU A 42 17.08 -4.03 -10.71
C LEU A 42 16.05 -5.14 -10.45
N VAL A 43 15.60 -5.89 -11.48
CA VAL A 43 14.61 -6.94 -11.26
C VAL A 43 15.25 -8.31 -11.41
N GLN A 44 15.24 -9.13 -10.37
CA GLN A 44 15.71 -10.49 -10.45
C GLN A 44 14.62 -11.27 -11.16
N SER A 45 14.95 -11.97 -12.22
CA SER A 45 13.93 -12.58 -13.01
C SER A 45 14.13 -14.04 -13.31
N SER A 46 14.99 -14.76 -12.60
CA SER A 46 15.17 -16.15 -12.90
C SER A 46 15.65 -16.92 -11.68
N SER A 47 15.14 -18.12 -11.55
CA SER A 47 15.50 -18.97 -10.45
C SER A 47 16.54 -19.94 -10.91
N THR A 48 17.25 -20.49 -9.96
CA THR A 48 18.17 -21.55 -10.24
C THR A 48 17.36 -22.81 -10.50
N GLY A 49 16.12 -22.84 -10.03
CA GLY A 49 15.24 -23.98 -10.22
C GLY A 49 15.41 -25.00 -9.12
N LYS A 50 16.15 -24.67 -8.08
CA LYS A 50 16.42 -25.62 -7.03
C LYS A 50 16.27 -24.92 -5.69
N ILE A 51 15.69 -25.55 -4.68
CA ILE A 51 15.57 -24.97 -3.36
C ILE A 51 16.87 -25.31 -2.65
N CYS A 52 17.68 -24.31 -2.39
CA CYS A 52 18.91 -24.49 -1.68
C CYS A 52 18.61 -24.87 -0.26
N ASN A 53 19.21 -25.95 0.23
CA ASN A 53 18.96 -26.46 1.57
C ASN A 53 19.76 -25.76 2.65
N ASN A 54 20.17 -24.53 2.41
CA ASN A 54 20.97 -23.83 3.40
C ASN A 54 20.75 -22.35 3.15
N PRO A 55 20.61 -21.47 4.13
CA PRO A 55 20.65 -21.76 5.54
C PRO A 55 19.35 -22.19 6.22
N HIS A 56 18.20 -22.29 5.55
CA HIS A 56 17.00 -22.59 6.30
C HIS A 56 16.83 -24.09 6.48
N ARG A 57 16.14 -24.58 7.52
CA ARG A 57 15.88 -25.98 7.64
C ARG A 57 14.79 -26.36 6.68
N ILE A 58 15.06 -26.96 5.55
CA ILE A 58 14.01 -27.33 4.66
C ILE A 58 13.61 -28.80 4.79
N LEU A 59 12.39 -29.09 5.21
CA LEU A 59 11.97 -30.46 5.38
C LEU A 59 11.19 -30.84 4.14
N ASP A 60 11.60 -31.84 3.36
CA ASP A 60 10.87 -32.19 2.16
C ASP A 60 9.78 -33.13 2.59
N GLY A 61 8.55 -32.86 2.21
CA GLY A 61 7.45 -33.66 2.66
C GLY A 61 7.36 -34.98 1.95
N ILE A 62 8.15 -35.12 0.90
CA ILE A 62 8.13 -36.25 -0.02
C ILE A 62 6.68 -36.54 -0.42
N ASP A 63 6.05 -37.68 -0.11
CA ASP A 63 4.68 -37.85 -0.54
C ASP A 63 3.71 -37.73 0.64
N CYS A 64 4.08 -36.94 1.64
CA CYS A 64 3.20 -36.65 2.73
C CYS A 64 2.75 -35.20 2.75
N THR A 65 1.52 -34.92 3.11
CA THR A 65 1.05 -33.57 3.32
C THR A 65 1.42 -33.22 4.76
N LEU A 66 1.65 -31.97 5.17
CA LEU A 66 1.90 -31.72 6.60
C LEU A 66 0.78 -32.25 7.51
N ILE A 67 -0.52 -32.03 7.22
CA ILE A 67 -1.61 -32.59 8.04
C ILE A 67 -1.51 -34.13 8.16
N ASP A 68 -1.18 -34.90 7.10
CA ASP A 68 -0.99 -36.35 7.26
C ASP A 68 0.22 -36.62 8.13
N ALA A 69 1.30 -35.86 8.01
CA ALA A 69 2.44 -36.01 8.87
C ALA A 69 2.03 -35.81 10.35
N LEU A 70 1.19 -34.80 10.58
CA LEU A 70 0.64 -34.54 11.90
C LEU A 70 -0.20 -35.69 12.42
N LEU A 71 -1.28 -36.06 11.69
CA LEU A 71 -2.19 -37.13 12.12
C LEU A 71 -1.48 -38.47 12.23
N GLY A 72 -0.57 -38.69 11.31
CA GLY A 72 0.26 -39.85 11.38
C GLY A 72 -0.26 -40.98 10.54
N ASP A 73 -0.54 -40.64 9.29
CA ASP A 73 -0.85 -41.59 8.24
C ASP A 73 0.34 -42.56 8.24
N PRO A 74 0.17 -43.88 8.22
CA PRO A 74 1.26 -44.84 8.25
C PRO A 74 2.37 -44.49 7.31
N HIS A 75 2.03 -44.17 6.06
CA HIS A 75 3.07 -43.90 5.10
C HIS A 75 3.89 -42.63 5.39
N CYS A 76 3.59 -41.91 6.46
CA CYS A 76 4.28 -40.69 6.82
C CYS A 76 4.89 -40.83 8.19
N ASP A 77 5.01 -42.04 8.74
CA ASP A 77 5.52 -42.14 10.11
C ASP A 77 6.95 -41.65 10.21
N VAL A 78 7.57 -41.49 9.05
CA VAL A 78 8.89 -40.92 8.92
C VAL A 78 9.00 -39.59 9.61
N PHE A 79 7.98 -38.74 9.50
CA PHE A 79 8.04 -37.37 10.02
C PHE A 79 7.81 -37.18 11.52
N GLN A 80 7.67 -38.25 12.31
CA GLN A 80 7.31 -38.06 13.70
C GLN A 80 8.37 -37.26 14.41
N ASN A 81 7.95 -36.27 15.18
CA ASN A 81 8.86 -35.40 15.91
C ASN A 81 9.81 -34.58 15.02
N GLU A 82 9.49 -34.38 13.73
CA GLU A 82 10.35 -33.57 12.88
C GLU A 82 10.16 -32.09 13.10
N THR A 83 11.05 -31.33 12.48
CA THR A 83 11.22 -29.93 12.69
C THR A 83 11.65 -29.23 11.42
N TRP A 84 11.20 -28.02 11.15
CA TRP A 84 11.50 -27.36 9.90
C TRP A 84 11.43 -25.86 10.03
N ASP A 85 12.04 -25.17 9.07
CA ASP A 85 11.89 -23.74 8.87
C ASP A 85 10.92 -23.60 7.73
N LEU A 86 11.05 -24.46 6.73
CA LEU A 86 10.13 -24.45 5.62
C LEU A 86 9.74 -25.87 5.37
N PHE A 87 8.47 -26.18 5.40
CA PHE A 87 8.06 -27.52 5.08
C PHE A 87 7.72 -27.46 3.60
N VAL A 88 8.23 -28.31 2.72
CA VAL A 88 7.86 -28.23 1.32
C VAL A 88 6.84 -29.31 1.02
N GLU A 89 5.66 -28.92 0.55
CA GLU A 89 4.60 -29.83 0.22
C GLU A 89 4.65 -30.12 -1.27
N ARG A 90 4.73 -31.39 -1.64
CA ARG A 90 4.88 -31.79 -3.03
C ARG A 90 3.57 -32.07 -3.69
N SER A 91 3.44 -31.78 -4.97
CA SER A 91 2.17 -31.99 -5.67
C SER A 91 1.75 -33.45 -5.68
N LYS A 92 2.73 -34.33 -5.52
CA LYS A 92 2.52 -35.76 -5.60
C LYS A 92 2.23 -36.35 -4.25
N ALA A 93 1.85 -35.55 -3.25
CA ALA A 93 1.65 -36.07 -1.92
C ALA A 93 0.35 -36.81 -1.94
N PHE A 94 0.19 -37.89 -1.19
CA PHE A 94 -1.07 -38.60 -1.21
C PHE A 94 -1.38 -39.03 0.20
N SER A 95 -2.51 -39.66 0.42
CA SER A 95 -2.76 -40.18 1.73
C SER A 95 -3.44 -41.49 1.51
N ASN A 96 -3.23 -42.41 2.41
CA ASN A 96 -3.88 -43.67 2.35
C ASN A 96 -3.97 -44.09 3.79
N CYS A 97 -5.10 -43.71 4.36
CA CYS A 97 -5.46 -44.09 5.70
C CYS A 97 -6.96 -43.81 5.76
N TYR A 98 -7.58 -43.85 6.94
CA TYR A 98 -9.03 -43.69 7.04
C TYR A 98 -9.43 -42.36 6.41
N PRO A 99 -10.48 -42.30 5.59
CA PRO A 99 -10.93 -41.06 5.00
C PRO A 99 -11.30 -40.04 6.08
N TYR A 100 -10.66 -38.87 6.11
CA TYR A 100 -10.95 -37.87 7.11
C TYR A 100 -11.24 -36.56 6.41
N ASP A 101 -11.77 -35.58 7.12
CA ASP A 101 -11.86 -34.25 6.58
C ASP A 101 -11.55 -33.32 7.73
N VAL A 102 -10.96 -32.15 7.44
CA VAL A 102 -10.62 -31.23 8.51
C VAL A 102 -11.42 -29.98 8.29
N PRO A 103 -12.49 -29.72 9.01
CA PRO A 103 -13.25 -28.49 8.85
C PRO A 103 -12.22 -27.42 9.21
N ASP A 104 -12.02 -26.48 8.33
CA ASP A 104 -10.97 -25.46 8.46
C ASP A 104 -9.56 -26.00 8.53
N TYR A 105 -9.35 -26.84 7.53
CA TYR A 105 -8.07 -27.41 7.16
C TYR A 105 -7.05 -26.29 7.03
N ALA A 106 -7.53 -25.21 6.43
CA ALA A 106 -6.73 -24.04 6.21
C ALA A 106 -6.10 -23.53 7.48
N SER A 107 -6.82 -23.36 8.58
CA SER A 107 -6.13 -22.89 9.74
C SER A 107 -5.26 -23.94 10.39
N LEU A 108 -5.65 -25.22 10.44
CA LEU A 108 -4.80 -26.26 11.05
C LEU A 108 -3.45 -26.34 10.32
N ARG A 109 -3.44 -26.38 8.98
CA ARG A 109 -2.19 -26.41 8.24
C ARG A 109 -1.38 -25.19 8.59
N SER A 110 -2.02 -24.01 8.72
CA SER A 110 -1.28 -22.79 9.03
C SER A 110 -0.67 -22.91 10.40
N LEU A 111 -1.47 -23.19 11.44
CA LEU A 111 -0.86 -23.04 12.75
C LEU A 111 0.14 -24.12 13.06
N VAL A 112 0.02 -25.30 12.41
CA VAL A 112 1.05 -26.31 12.56
C VAL A 112 2.30 -25.82 11.86
N ALA A 113 2.13 -25.33 10.63
CA ALA A 113 3.26 -24.87 9.81
C ALA A 113 4.03 -23.73 10.40
N SER A 114 3.43 -22.83 11.18
CA SER A 114 4.21 -21.79 11.80
C SER A 114 4.86 -22.29 13.06
N SER A 115 4.22 -23.25 13.77
CA SER A 115 4.81 -23.79 14.98
C SER A 115 6.14 -24.39 14.61
N GLY A 116 6.21 -25.05 13.47
CA GLY A 116 7.50 -25.54 13.00
C GLY A 116 7.97 -26.87 13.60
N THR A 117 7.18 -27.46 14.49
CA THR A 117 7.58 -28.68 15.14
C THR A 117 6.41 -29.62 15.07
N LEU A 118 6.73 -30.91 15.13
CA LEU A 118 5.74 -31.95 15.15
C LEU A 118 6.00 -32.87 16.36
N GLU A 119 6.77 -32.35 17.33
CA GLU A 119 7.17 -33.02 18.56
C GLU A 119 5.99 -33.49 19.37
N PHE A 120 5.87 -34.81 19.56
CA PHE A 120 4.70 -35.32 20.23
C PHE A 120 5.04 -35.89 21.58
N ILE A 121 4.23 -35.52 22.54
CA ILE A 121 4.35 -36.04 23.89
C ILE A 121 3.15 -36.95 24.14
N THR A 122 3.34 -38.22 24.47
CA THR A 122 2.19 -39.06 24.71
C THR A 122 1.68 -38.83 26.12
N GLU A 123 0.39 -38.74 26.36
CA GLU A 123 -0.08 -38.54 27.71
C GLU A 123 -0.86 -39.74 28.18
N GLY A 124 -0.87 -39.95 29.49
CA GLY A 124 -1.54 -41.10 30.07
C GLY A 124 -3.04 -40.94 30.13
N PHE A 125 -3.73 -40.94 28.98
CA PHE A 125 -5.19 -40.89 29.03
C PHE A 125 -5.70 -42.26 29.42
N THR A 126 -6.73 -42.36 30.23
CA THR A 126 -7.20 -43.66 30.62
C THR A 126 -8.66 -43.83 30.26
N TRP A 127 -8.92 -44.58 29.21
CA TRP A 127 -10.26 -44.72 28.75
C TRP A 127 -10.93 -45.89 29.45
N THR A 128 -11.69 -45.62 30.50
CA THR A 128 -12.33 -46.69 31.25
C THR A 128 -13.64 -47.16 30.69
N GLY A 129 -13.65 -48.41 30.22
CA GLY A 129 -14.92 -48.98 29.81
C GLY A 129 -15.14 -48.96 28.33
N VAL A 130 -14.09 -48.74 27.54
CA VAL A 130 -14.21 -48.79 26.09
C VAL A 130 -13.02 -49.54 25.57
N THR A 131 -13.14 -50.00 24.35
CA THR A 131 -12.05 -50.65 23.65
C THR A 131 -11.20 -49.63 22.91
N GLN A 132 -9.89 -49.76 23.12
CA GLN A 132 -8.92 -48.85 22.54
C GLN A 132 -8.25 -49.43 21.32
N ASN A 133 -7.48 -48.58 20.67
CA ASN A 133 -6.60 -48.97 19.58
C ASN A 133 -7.24 -49.53 18.35
N GLY A 134 -8.52 -49.25 18.13
CA GLY A 134 -9.19 -49.66 16.92
C GLY A 134 -8.45 -49.13 15.67
N GLY A 135 -8.51 -49.88 14.59
CA GLY A 135 -7.84 -49.50 13.37
C GLY A 135 -8.74 -49.89 12.21
N SER A 136 -8.23 -49.74 11.00
CA SER A 136 -8.99 -49.94 9.80
C SER A 136 -8.14 -50.60 8.78
N ASN A 137 -8.82 -51.33 7.92
CA ASN A 137 -8.12 -52.04 6.88
C ASN A 137 -7.81 -51.08 5.76
N ALA A 138 -8.36 -49.86 5.83
CA ALA A 138 -8.00 -48.81 4.87
C ALA A 138 -6.76 -48.05 5.29
N CYS A 139 -6.27 -48.25 6.50
CA CYS A 139 -5.10 -47.54 7.01
C CYS A 139 -4.15 -48.59 7.52
N LYS A 140 -3.38 -49.23 6.63
CA LYS A 140 -2.60 -50.36 7.09
C LYS A 140 -1.29 -50.04 7.76
N ARG A 141 -1.09 -50.63 8.94
CA ARG A 141 0.20 -50.54 9.58
C ARG A 141 0.84 -51.84 9.15
N GLY A 142 1.63 -51.72 8.10
CA GLY A 142 2.30 -52.87 7.52
C GLY A 142 1.31 -53.91 7.00
N PRO A 143 1.35 -55.14 7.50
CA PRO A 143 0.45 -56.21 7.07
C PRO A 143 -0.99 -55.98 7.55
N GLY A 144 -1.09 -55.47 8.78
CA GLY A 144 -2.36 -55.38 9.48
C GLY A 144 -3.13 -54.12 9.20
N SER A 145 -4.25 -54.08 9.86
CA SER A 145 -5.06 -52.88 9.86
C SER A 145 -4.39 -51.90 10.78
N GLY A 146 -4.69 -50.61 10.66
CA GLY A 146 -4.09 -49.63 11.55
C GLY A 146 -4.83 -48.32 11.50
N PHE A 147 -4.22 -47.28 12.05
CA PHE A 147 -4.85 -46.00 12.10
C PHE A 147 -3.74 -44.99 12.11
N PHE A 148 -4.12 -43.72 12.24
CA PHE A 148 -3.20 -42.64 12.40
C PHE A 148 -2.40 -42.88 13.67
N SER A 149 -1.07 -42.70 13.69
CA SER A 149 -0.29 -42.93 14.91
C SER A 149 -0.66 -42.04 16.07
N ARG A 150 -1.11 -40.83 15.83
CA ARG A 150 -1.41 -39.96 16.94
C ARG A 150 -2.87 -39.95 17.42
N LEU A 151 -3.73 -40.78 16.86
CA LEU A 151 -5.13 -40.75 17.25
C LEU A 151 -5.52 -42.09 17.88
N ASN A 152 -6.56 -42.15 18.71
CA ASN A 152 -6.91 -43.39 19.36
C ASN A 152 -8.39 -43.66 19.17
N TRP A 153 -8.75 -44.62 18.30
CA TRP A 153 -10.17 -44.91 18.02
C TRP A 153 -10.81 -45.82 19.08
N LEU A 154 -11.80 -45.26 19.74
CA LEU A 154 -12.44 -45.95 20.83
C LEU A 154 -13.77 -46.48 20.39
N THR A 155 -13.99 -47.75 20.75
CA THR A 155 -15.22 -48.46 20.49
C THR A 155 -15.76 -49.18 21.74
N LYS A 156 -16.84 -49.97 21.62
CA LYS A 156 -17.53 -50.64 22.74
C LYS A 156 -16.64 -51.63 23.46
N SER A 157 -16.58 -51.65 24.78
CA SER A 157 -15.96 -52.81 25.34
C SER A 157 -17.14 -53.68 25.74
N GLY A 158 -16.97 -55.00 25.61
CA GLY A 158 -18.08 -55.92 25.86
C GLY A 158 -19.29 -55.49 25.03
N SER A 159 -20.29 -54.88 25.67
CA SER A 159 -21.40 -54.40 24.87
C SER A 159 -21.96 -53.09 25.34
N THR A 160 -21.04 -52.18 25.67
CA THR A 160 -21.43 -50.84 26.05
C THR A 160 -20.29 -49.87 25.76
N TYR A 161 -20.67 -48.58 25.79
CA TYR A 161 -19.78 -47.45 25.67
C TYR A 161 -20.32 -46.49 26.75
N PRO A 162 -19.55 -46.21 27.80
CA PRO A 162 -19.89 -45.31 28.90
C PRO A 162 -19.73 -43.84 28.53
N VAL A 163 -20.23 -42.92 29.36
CA VAL A 163 -19.94 -41.53 29.08
C VAL A 163 -18.51 -41.30 29.53
N LEU A 164 -17.59 -41.19 28.58
CA LEU A 164 -16.22 -40.86 28.87
C LEU A 164 -16.15 -39.43 29.40
N ASN A 165 -15.37 -39.22 30.44
CA ASN A 165 -15.23 -37.91 31.02
C ASN A 165 -13.82 -37.86 31.58
N VAL A 166 -12.82 -37.49 30.78
CA VAL A 166 -11.45 -37.48 31.25
C VAL A 166 -10.93 -36.07 31.34
N THR A 167 -9.79 -35.84 32.00
CA THR A 167 -9.25 -34.51 32.14
C THR A 167 -7.74 -34.58 32.04
N MET A 168 -7.10 -33.52 31.60
CA MET A 168 -5.66 -33.54 31.46
C MET A 168 -5.22 -32.11 31.63
N PRO A 169 -4.68 -31.74 32.78
CA PRO A 169 -4.21 -30.39 33.07
C PRO A 169 -3.00 -29.97 32.29
N ASN A 170 -2.88 -28.67 32.19
CA ASN A 170 -1.71 -28.15 31.55
C ASN A 170 -0.98 -27.55 32.72
N ASN A 171 -0.26 -28.38 33.43
CA ASN A 171 0.53 -27.85 34.52
C ASN A 171 1.89 -27.38 34.03
N ASP A 172 2.08 -27.47 32.72
CA ASP A 172 3.32 -27.17 32.08
C ASP A 172 3.56 -25.71 31.84
N ASN A 173 4.70 -25.47 31.25
CA ASN A 173 5.10 -24.13 30.98
C ASN A 173 4.60 -23.60 29.64
N PHE A 174 4.02 -24.43 28.79
CA PHE A 174 3.76 -24.01 27.42
C PHE A 174 2.37 -24.38 26.95
N ASP A 175 1.95 -23.83 25.82
CA ASP A 175 0.69 -24.22 25.21
C ASP A 175 0.84 -25.60 24.59
N LYS A 176 -0.24 -26.38 24.70
CA LYS A 176 -0.28 -27.73 24.19
C LYS A 176 -1.34 -27.77 23.10
N LEU A 177 -1.09 -28.36 21.93
CA LEU A 177 -2.08 -28.43 20.86
C LEU A 177 -2.59 -29.86 20.85
N TYR A 178 -3.86 -30.15 21.13
CA TYR A 178 -4.38 -31.51 21.02
C TYR A 178 -5.19 -31.67 19.74
N ILE A 179 -4.93 -32.71 18.94
CA ILE A 179 -5.71 -33.01 17.74
C ILE A 179 -6.64 -34.19 18.11
N TRP A 180 -7.93 -34.04 17.86
CA TRP A 180 -8.86 -35.10 18.15
C TRP A 180 -9.86 -35.18 17.00
N GLY A 181 -10.92 -35.99 17.09
CA GLY A 181 -11.85 -36.07 16.00
C GLY A 181 -13.08 -36.83 16.42
N ILE A 182 -14.01 -36.97 15.49
CA ILE A 182 -15.25 -37.67 15.74
C ILE A 182 -15.45 -38.55 14.53
N HIS A 183 -16.02 -39.75 14.67
CA HIS A 183 -16.24 -40.67 13.54
C HIS A 183 -17.67 -40.53 13.09
N HIS A 184 -17.91 -40.41 11.79
CA HIS A 184 -19.27 -40.33 11.29
C HIS A 184 -19.50 -41.66 10.66
N PRO A 185 -20.39 -42.50 11.17
CA PRO A 185 -20.70 -43.82 10.62
C PRO A 185 -21.48 -43.69 9.31
N SER A 186 -21.53 -44.69 8.45
CA SER A 186 -22.31 -44.50 7.24
C SER A 186 -23.71 -45.06 7.38
N THR A 187 -23.90 -46.06 8.27
CA THR A 187 -25.22 -46.61 8.48
C THR A 187 -25.58 -46.59 9.96
N ASN A 188 -26.88 -46.57 10.27
CA ASN A 188 -27.31 -46.54 11.64
C ASN A 188 -26.88 -47.79 12.37
N GLN A 189 -26.91 -48.92 11.66
CA GLN A 189 -26.40 -50.17 12.18
C GLN A 189 -24.94 -50.06 12.55
N GLU A 190 -24.15 -49.31 11.77
CA GLU A 190 -22.73 -49.12 12.06
C GLU A 190 -22.55 -48.29 13.35
N GLN A 191 -23.36 -47.23 13.51
CA GLN A 191 -23.32 -46.38 14.69
C GLN A 191 -23.51 -47.22 15.94
N THR A 192 -24.63 -47.93 16.02
CA THR A 192 -25.00 -48.71 17.18
C THR A 192 -24.05 -49.87 17.41
N SER A 193 -23.62 -50.51 16.33
CA SER A 193 -22.68 -51.58 16.43
C SER A 193 -21.43 -51.12 17.17
N LEU A 194 -20.85 -50.00 16.75
CA LEU A 194 -19.61 -49.53 17.35
C LEU A 194 -19.76 -48.84 18.69
N TYR A 195 -20.67 -47.88 18.74
CA TYR A 195 -20.71 -47.00 19.89
C TYR A 195 -21.95 -47.20 20.76
N VAL A 196 -22.74 -48.23 20.45
CA VAL A 196 -23.97 -48.60 21.16
C VAL A 196 -25.06 -47.55 21.07
N GLN A 197 -24.87 -46.33 21.54
CA GLN A 197 -25.92 -45.33 21.46
C GLN A 197 -26.27 -44.97 20.03
N ALA A 198 -27.47 -44.46 19.81
CA ALA A 198 -27.89 -44.08 18.46
C ALA A 198 -27.23 -42.80 17.97
N SER A 199 -26.78 -41.96 18.91
CA SER A 199 -26.17 -40.70 18.58
C SER A 199 -25.01 -40.48 19.51
N GLY A 200 -23.82 -40.36 18.93
CA GLY A 200 -22.66 -40.02 19.73
C GLY A 200 -22.65 -38.54 20.00
N ARG A 201 -21.62 -38.09 20.69
CA ARG A 201 -21.47 -36.71 21.08
C ARG A 201 -20.05 -36.55 21.55
N VAL A 202 -19.32 -35.54 21.11
CA VAL A 202 -18.00 -35.28 21.67
C VAL A 202 -18.01 -33.81 22.10
N THR A 203 -17.66 -33.52 23.35
CA THR A 203 -17.50 -32.15 23.82
C THR A 203 -16.08 -32.05 24.36
N VAL A 204 -15.26 -31.13 23.84
CA VAL A 204 -13.90 -30.97 24.31
C VAL A 204 -13.89 -29.57 24.82
N SER A 205 -13.45 -29.36 26.04
CA SER A 205 -13.51 -28.07 26.65
C SER A 205 -12.29 -27.73 27.45
N THR A 206 -12.06 -26.44 27.64
CA THR A 206 -11.03 -25.97 28.54
C THR A 206 -11.73 -24.97 29.45
N ARG A 207 -11.07 -24.16 30.27
CA ARG A 207 -11.82 -23.18 31.01
C ARG A 207 -12.25 -22.09 30.07
N ARG A 208 -11.44 -21.87 29.04
CA ARG A 208 -11.69 -20.81 28.09
C ARG A 208 -12.64 -21.16 26.94
N SER A 209 -12.96 -22.40 26.66
CA SER A 209 -13.74 -22.69 25.46
C SER A 209 -14.40 -24.06 25.55
N GLN A 210 -15.25 -24.37 24.59
CA GLN A 210 -15.88 -25.69 24.51
C GLN A 210 -16.17 -25.93 23.04
N GLN A 211 -16.30 -27.16 22.57
CA GLN A 211 -16.86 -27.39 21.24
C GLN A 211 -17.50 -28.73 21.33
N THR A 212 -18.72 -28.82 20.84
CA THR A 212 -19.42 -30.07 20.89
C THR A 212 -19.73 -30.36 19.47
N ILE A 213 -19.33 -31.54 19.03
CA ILE A 213 -19.61 -31.95 17.68
C ILE A 213 -20.49 -33.17 17.82
N ILE A 214 -21.51 -33.28 16.99
CA ILE A 214 -22.30 -34.51 16.97
C ILE A 214 -22.02 -35.12 15.61
N PRO A 215 -21.88 -36.44 15.49
CA PRO A 215 -21.59 -37.12 14.25
C PRO A 215 -22.74 -37.06 13.28
N ASN A 216 -22.56 -37.56 12.07
CA ASN A 216 -23.61 -37.51 11.07
C ASN A 216 -23.58 -38.81 10.31
N ILE A 217 -24.62 -39.61 10.49
CA ILE A 217 -24.68 -40.93 9.90
C ILE A 217 -25.22 -40.83 8.48
N GLY A 218 -24.51 -41.36 7.50
CA GLY A 218 -25.01 -41.32 6.14
C GLY A 218 -23.96 -41.83 5.16
N SER A 219 -24.33 -42.13 3.92
CA SER A 219 -23.32 -42.60 3.01
C SER A 219 -22.59 -41.49 2.29
N ARG A 220 -21.28 -41.59 2.36
CA ARG A 220 -20.42 -40.74 1.59
C ARG A 220 -19.85 -41.58 0.46
N PRO A 221 -19.08 -41.02 -0.49
CA PRO A 221 -18.49 -41.82 -1.54
C PRO A 221 -17.38 -42.67 -0.97
N TRP A 222 -17.27 -43.83 -1.60
CA TRP A 222 -16.28 -44.84 -1.37
C TRP A 222 -14.88 -44.24 -1.42
N VAL A 223 -14.16 -44.23 -0.31
CA VAL A 223 -12.76 -43.86 -0.35
C VAL A 223 -12.09 -44.96 0.41
N ARG A 224 -11.22 -45.69 -0.28
CA ARG A 224 -10.52 -46.84 0.28
C ARG A 224 -11.43 -47.87 0.95
N GLY A 225 -12.54 -48.22 0.29
CA GLY A 225 -13.48 -49.19 0.82
C GLY A 225 -14.41 -48.60 1.84
N LEU A 226 -14.24 -47.34 2.25
CA LEU A 226 -15.05 -46.80 3.30
C LEU A 226 -15.98 -45.70 2.86
N SER A 227 -17.15 -45.69 3.45
CA SER A 227 -18.15 -44.70 3.20
C SER A 227 -18.25 -43.81 4.43
N SER A 228 -17.35 -43.96 5.37
CA SER A 228 -17.42 -43.20 6.59
C SER A 228 -16.33 -42.15 6.55
N ARG A 229 -16.40 -41.14 7.38
CA ARG A 229 -15.33 -40.19 7.45
C ARG A 229 -15.05 -39.94 8.91
N ILE A 230 -13.90 -39.40 9.21
CA ILE A 230 -13.73 -38.84 10.51
C ILE A 230 -13.41 -37.39 10.27
N SER A 231 -13.93 -36.47 11.08
CA SER A 231 -13.60 -35.06 10.91
C SER A 231 -12.63 -34.68 12.02
N ILE A 232 -11.59 -33.91 11.70
CA ILE A 232 -10.49 -33.58 12.61
C ILE A 232 -10.72 -32.24 13.30
N TYR A 233 -10.38 -32.11 14.60
CA TYR A 233 -10.54 -30.86 15.31
C TYR A 233 -9.28 -30.61 16.12
N TRP A 234 -9.05 -29.39 16.57
CA TRP A 234 -7.84 -29.12 17.33
C TRP A 234 -8.21 -28.28 18.52
N THR A 235 -7.57 -28.44 19.66
CA THR A 235 -7.82 -27.60 20.81
C THR A 235 -6.48 -27.15 21.35
N ILE A 236 -6.21 -25.86 21.54
CA ILE A 236 -4.95 -25.50 22.16
C ILE A 236 -5.28 -25.31 23.63
N VAL A 237 -4.50 -25.85 24.56
CA VAL A 237 -4.74 -25.67 25.98
C VAL A 237 -3.59 -24.85 26.52
N LYS A 238 -3.91 -23.67 27.01
CA LYS A 238 -2.93 -22.69 27.51
C LYS A 238 -2.32 -23.17 28.82
N PRO A 239 -1.16 -22.68 29.31
CA PRO A 239 -0.57 -23.15 30.56
C PRO A 239 -1.46 -22.80 31.73
N GLY A 240 -1.60 -23.74 32.62
CA GLY A 240 -2.50 -23.62 33.75
C GLY A 240 -3.92 -24.10 33.47
N ASP A 241 -4.29 -24.31 32.19
CA ASP A 241 -5.67 -24.66 31.90
C ASP A 241 -5.93 -26.16 31.99
N VAL A 242 -7.12 -26.64 31.69
CA VAL A 242 -7.38 -28.05 31.84
C VAL A 242 -8.04 -28.44 30.56
N LEU A 243 -7.78 -29.64 30.06
CA LEU A 243 -8.55 -30.17 28.94
C LEU A 243 -9.54 -31.13 29.56
N VAL A 244 -10.82 -31.07 29.20
CA VAL A 244 -11.78 -32.07 29.63
C VAL A 244 -12.38 -32.63 28.37
N ILE A 245 -12.23 -33.92 28.13
CA ILE A 245 -12.84 -34.53 26.94
C ILE A 245 -13.99 -35.36 27.46
N ASN A 246 -15.20 -35.12 27.00
CA ASN A 246 -16.36 -35.85 27.45
C ASN A 246 -17.07 -36.36 26.22
N SER A 247 -17.42 -37.63 26.18
CA SER A 247 -18.09 -38.17 25.03
C SER A 247 -18.89 -39.40 25.40
N ASN A 248 -20.00 -39.63 24.69
CA ASN A 248 -20.68 -40.90 24.89
C ASN A 248 -20.62 -41.68 23.61
N GLY A 249 -19.78 -41.31 22.63
CA GLY A 249 -19.67 -42.15 21.45
C GLY A 249 -18.98 -41.44 20.31
N ASN A 250 -18.39 -42.20 19.40
CA ASN A 250 -17.77 -41.69 18.18
C ASN A 250 -16.49 -40.90 18.41
N LEU A 251 -15.93 -40.92 19.62
CA LEU A 251 -14.71 -40.15 19.89
C LEU A 251 -13.54 -40.84 19.20
N ILE A 252 -12.69 -40.02 18.60
CA ILE A 252 -11.39 -40.44 18.12
C ILE A 252 -10.51 -39.69 19.10
N ALA A 253 -9.99 -40.32 20.13
CA ALA A 253 -9.26 -39.65 21.19
C ALA A 253 -7.82 -39.22 20.91
N PRO A 254 -7.32 -38.15 21.49
CA PRO A 254 -5.94 -37.71 21.29
C PRO A 254 -4.98 -38.65 22.04
N ARG A 255 -3.79 -39.00 21.57
CA ARG A 255 -2.90 -39.80 22.43
C ARG A 255 -1.92 -38.92 23.24
N GLY A 256 -2.09 -37.61 23.24
CA GLY A 256 -1.20 -36.69 23.93
C GLY A 256 -1.22 -35.35 23.20
N TYR A 257 -0.15 -34.56 23.30
CA TYR A 257 -0.14 -33.25 22.67
C TYR A 257 1.06 -32.96 21.81
N PHE A 258 0.89 -32.01 20.90
CA PHE A 258 1.99 -31.51 20.11
C PHE A 258 2.47 -30.29 20.85
N LYS A 259 3.77 -30.02 20.88
CA LYS A 259 4.25 -28.79 21.47
C LYS A 259 4.10 -27.64 20.50
N MET A 260 3.65 -26.48 20.97
CA MET A 260 3.62 -25.37 20.06
C MET A 260 4.84 -24.50 20.24
N ARG A 261 5.41 -24.04 19.14
CA ARG A 261 6.52 -23.12 19.16
C ARG A 261 6.08 -21.84 18.45
N THR A 262 6.90 -20.79 18.56
CA THR A 262 6.70 -19.53 17.91
C THR A 262 8.01 -19.29 17.22
N GLY A 263 8.06 -19.35 15.90
CA GLY A 263 9.32 -19.20 15.21
C GLY A 263 9.09 -18.58 13.86
N LYS A 264 9.95 -18.89 12.90
CA LYS A 264 9.81 -18.33 11.58
C LYS A 264 9.46 -19.42 10.59
N SER A 265 8.71 -20.42 11.02
CA SER A 265 8.47 -21.54 10.14
C SER A 265 7.26 -21.30 9.29
N SER A 266 7.30 -21.92 8.14
CA SER A 266 6.24 -21.84 7.18
C SER A 266 6.17 -23.09 6.37
N ILE A 267 5.20 -23.18 5.49
CA ILE A 267 5.07 -24.32 4.62
C ILE A 267 5.00 -23.74 3.24
N MET A 268 5.43 -24.43 2.19
CA MET A 268 5.38 -23.93 0.82
C MET A 268 5.13 -25.08 -0.12
N ARG A 269 4.20 -24.95 -1.07
CA ARG A 269 3.99 -26.02 -2.04
C ARG A 269 4.96 -25.77 -3.17
N SER A 270 5.74 -26.77 -3.54
CA SER A 270 6.73 -26.63 -4.59
C SER A 270 7.19 -28.01 -5.00
N ASP A 271 7.47 -28.18 -6.30
CA ASP A 271 8.05 -29.42 -6.73
C ASP A 271 9.50 -29.21 -7.10
N ALA A 272 10.04 -28.05 -6.78
CA ALA A 272 11.43 -27.79 -7.04
C ALA A 272 12.29 -28.74 -6.21
N PRO A 273 13.32 -29.34 -6.79
CA PRO A 273 14.25 -30.22 -6.12
C PRO A 273 15.01 -29.47 -5.08
N ILE A 274 15.26 -30.09 -3.94
CA ILE A 274 16.11 -29.45 -2.92
C ILE A 274 17.52 -29.83 -3.29
N ASP A 275 18.44 -28.91 -3.17
CA ASP A 275 19.80 -29.15 -3.56
C ASP A 275 20.70 -28.50 -2.55
N THR A 276 21.95 -28.91 -2.51
CA THR A 276 22.82 -28.38 -1.51
C THR A 276 23.48 -27.17 -2.05
N CYS A 277 23.17 -26.05 -1.46
CA CYS A 277 23.71 -24.76 -1.84
C CYS A 277 23.14 -23.78 -0.89
N ILE A 278 23.64 -22.55 -0.85
CA ILE A 278 23.15 -21.65 0.16
C ILE A 278 22.55 -20.46 -0.54
N SER A 279 21.32 -20.17 -0.17
CA SER A 279 20.54 -19.09 -0.74
C SER A 279 19.49 -18.72 0.29
N GLU A 280 19.32 -17.45 0.57
CA GLU A 280 18.38 -17.06 1.60
C GLU A 280 16.97 -16.83 1.13
N CYS A 281 16.81 -16.59 -0.16
CA CYS A 281 15.49 -16.32 -0.66
C CYS A 281 15.00 -17.58 -1.32
N ILE A 282 13.83 -18.06 -0.93
CA ILE A 282 13.22 -19.21 -1.57
C ILE A 282 11.88 -18.82 -2.15
N THR A 283 11.62 -19.22 -3.40
CA THR A 283 10.30 -19.08 -3.99
C THR A 283 9.92 -20.52 -4.37
N PRO A 284 8.69 -20.86 -4.71
CA PRO A 284 8.35 -22.18 -5.11
C PRO A 284 9.03 -22.57 -6.43
N ASN A 285 9.63 -21.61 -7.15
CA ASN A 285 10.35 -21.95 -8.35
C ASN A 285 11.78 -22.31 -8.08
N GLY A 286 12.22 -22.30 -6.84
CA GLY A 286 13.60 -22.52 -6.52
C GLY A 286 14.14 -21.25 -5.91
N SER A 287 15.38 -21.24 -5.49
CA SER A 287 15.92 -20.10 -4.85
C SER A 287 16.40 -19.08 -5.86
N ILE A 288 16.41 -17.82 -5.45
CA ILE A 288 16.80 -16.70 -6.28
C ILE A 288 17.74 -15.80 -5.50
N PRO A 289 18.67 -15.10 -6.12
CA PRO A 289 19.60 -14.23 -5.41
C PRO A 289 18.99 -12.90 -5.03
N ASN A 290 19.12 -12.57 -3.77
CA ASN A 290 18.58 -11.32 -3.27
C ASN A 290 19.55 -10.16 -3.42
N ASP A 291 20.38 -10.12 -4.48
CA ASP A 291 21.23 -8.97 -4.70
C ASP A 291 20.35 -7.83 -5.19
N LYS A 292 19.43 -8.07 -6.12
CA LYS A 292 18.59 -6.99 -6.65
C LYS A 292 17.47 -6.62 -5.72
N PRO A 293 16.95 -5.39 -5.72
CA PRO A 293 15.87 -4.98 -4.85
C PRO A 293 14.52 -5.55 -5.19
N PHE A 294 14.27 -5.92 -6.42
CA PHE A 294 12.95 -6.37 -6.82
C PHE A 294 13.08 -7.67 -7.56
N GLN A 295 12.03 -8.45 -7.67
CA GLN A 295 12.08 -9.71 -8.34
C GLN A 295 10.78 -9.96 -9.04
N ASN A 296 10.80 -10.86 -9.97
CA ASN A 296 9.62 -11.16 -10.73
C ASN A 296 9.46 -12.68 -10.89
N VAL A 297 10.21 -13.45 -10.09
CA VAL A 297 10.15 -14.90 -10.20
C VAL A 297 8.80 -15.43 -9.70
N ASN A 298 8.42 -15.05 -8.49
CA ASN A 298 7.17 -15.55 -7.93
C ASN A 298 6.77 -14.66 -6.77
N LYS A 299 5.46 -14.52 -6.52
CA LYS A 299 4.94 -13.69 -5.45
C LYS A 299 4.96 -14.46 -4.15
N ILE A 300 5.18 -15.76 -4.18
CA ILE A 300 5.28 -16.56 -2.97
C ILE A 300 6.75 -16.61 -2.62
N THR A 301 7.14 -16.29 -1.39
CA THR A 301 8.55 -16.30 -1.05
C THR A 301 8.73 -16.65 0.43
N TYR A 302 9.90 -17.12 0.83
CA TYR A 302 10.23 -17.36 2.22
C TYR A 302 11.64 -16.83 2.42
N GLY A 303 11.95 -16.09 3.50
CA GLY A 303 13.31 -15.67 3.73
C GLY A 303 13.62 -14.24 3.28
N ALA A 304 14.88 -13.83 3.18
CA ALA A 304 15.24 -12.47 2.76
C ALA A 304 15.16 -12.30 1.26
N CYS A 305 14.03 -11.88 0.72
CA CYS A 305 13.88 -11.88 -0.73
C CYS A 305 13.65 -10.52 -1.37
N PRO A 306 13.85 -10.36 -2.67
CA PRO A 306 13.58 -9.09 -3.32
C PRO A 306 12.07 -8.91 -3.35
N LYS A 307 11.58 -7.69 -3.49
CA LYS A 307 10.14 -7.45 -3.50
C LYS A 307 9.57 -7.76 -4.85
N TYR A 308 8.51 -8.55 -4.86
CA TYR A 308 7.86 -8.96 -6.11
C TYR A 308 7.26 -7.75 -6.79
N VAL A 309 7.44 -7.69 -8.08
CA VAL A 309 6.99 -6.56 -8.84
C VAL A 309 6.44 -7.18 -10.11
N LYS A 310 5.61 -6.44 -10.83
CA LYS A 310 5.05 -6.95 -12.06
C LYS A 310 6.10 -6.84 -13.15
N GLN A 311 6.87 -5.77 -13.14
CA GLN A 311 7.84 -5.51 -14.18
C GLN A 311 8.87 -6.62 -14.29
N ASN A 312 9.22 -7.06 -15.49
CA ASN A 312 10.26 -8.08 -15.52
C ASN A 312 11.61 -7.45 -15.80
N THR A 313 11.65 -6.17 -16.12
CA THR A 313 12.93 -5.50 -16.21
C THR A 313 12.79 -4.05 -15.80
N LEU A 314 13.73 -3.52 -15.01
CA LEU A 314 13.77 -2.14 -14.56
C LEU A 314 15.25 -1.75 -14.49
N LYS A 315 15.74 -1.00 -15.49
CA LYS A 315 17.14 -0.63 -15.53
C LYS A 315 17.48 0.67 -14.83
N LEU A 316 18.44 0.65 -13.93
CA LEU A 316 18.90 1.84 -13.26
C LEU A 316 20.12 2.33 -14.00
N ALA A 317 20.10 3.54 -14.57
CA ALA A 317 21.27 4.11 -15.25
C ALA A 317 22.35 4.33 -14.23
N THR A 318 23.50 3.82 -14.55
CA THR A 318 24.67 3.99 -13.73
C THR A 318 25.76 4.73 -14.51
N GLY A 319 25.36 5.61 -15.43
CA GLY A 319 26.31 6.35 -16.24
C GLY A 319 25.59 7.51 -16.90
N MET A 320 26.34 8.41 -17.51
CA MET A 320 25.78 9.58 -18.18
C MET A 320 25.08 9.24 -19.47
N ARG A 321 24.57 10.25 -20.13
CA ARG A 321 24.04 10.09 -21.46
C ARG A 321 25.11 9.58 -22.43
N ASN A 322 24.71 8.73 -23.35
CA ASN A 322 25.63 8.27 -24.35
C ASN A 322 25.42 9.12 -25.57
N VAL A 323 26.32 10.02 -25.96
CA VAL A 323 26.16 10.79 -27.21
C VAL A 323 27.38 10.43 -28.08
N PRO A 324 27.40 9.30 -28.83
CA PRO A 324 28.54 8.82 -29.65
C PRO A 324 28.94 9.70 -30.81
N GLU A 325 30.21 9.69 -31.23
CA GLU A 325 30.57 10.55 -32.38
C GLU A 325 30.32 9.72 -33.63
N LYS A 326 30.85 8.50 -33.60
CA LYS A 326 30.71 7.53 -34.66
C LYS A 326 29.55 6.62 -34.26
N GLN A 327 29.78 5.32 -34.07
CA GLN A 327 28.73 4.42 -33.60
C GLN A 327 29.40 3.34 -32.79
N THR A 328 30.44 2.79 -33.39
CA THR A 328 31.14 1.64 -32.87
C THR A 328 32.61 1.76 -33.33
N GLY B 1 19.19 17.79 -20.54
CA GLY B 1 19.92 17.94 -19.30
C GLY B 1 19.74 19.38 -18.84
N LEU B 2 19.49 19.59 -17.54
CA LEU B 2 19.28 20.91 -16.98
C LEU B 2 20.43 21.85 -17.32
N PHE B 3 21.66 21.37 -17.39
CA PHE B 3 22.71 22.31 -17.57
C PHE B 3 23.11 22.54 -19.02
N GLY B 4 22.69 21.72 -19.96
CA GLY B 4 22.99 22.04 -21.36
C GLY B 4 24.44 21.86 -21.86
N ALA B 5 25.30 21.18 -21.10
CA ALA B 5 26.64 20.86 -21.56
C ALA B 5 26.63 19.58 -22.39
N ILE B 6 26.41 18.41 -21.78
CA ILE B 6 26.35 17.10 -22.48
C ILE B 6 25.17 17.16 -23.41
N ALA B 7 25.33 16.68 -24.62
CA ALA B 7 24.27 16.75 -25.63
C ALA B 7 23.83 18.19 -25.85
N GLY B 8 24.70 19.13 -25.46
CA GLY B 8 24.38 20.53 -25.52
C GLY B 8 25.55 21.20 -26.20
N PHE B 9 26.18 22.17 -25.51
CA PHE B 9 27.29 22.88 -26.14
C PHE B 9 28.42 21.96 -26.41
N ILE B 10 28.55 20.86 -25.66
CA ILE B 10 29.53 19.85 -26.00
C ILE B 10 28.79 18.87 -26.89
N GLU B 11 28.82 19.18 -28.18
CA GLU B 11 28.15 18.46 -29.25
C GLU B 11 28.00 16.96 -29.07
N ASN B 12 29.08 16.24 -28.80
CA ASN B 12 28.98 14.80 -28.62
C ASN B 12 30.10 14.32 -27.75
N GLY B 13 30.15 13.04 -27.54
CA GLY B 13 31.07 12.46 -26.61
C GLY B 13 32.26 11.96 -27.37
N TRP B 14 33.28 11.49 -26.68
CA TRP B 14 34.46 10.98 -27.34
C TRP B 14 34.48 9.49 -27.06
N GLU B 15 34.27 8.64 -28.07
CA GLU B 15 34.33 7.19 -27.88
C GLU B 15 35.76 6.80 -27.56
N GLY B 16 36.69 7.66 -27.97
CA GLY B 16 38.10 7.43 -27.74
C GLY B 16 38.55 7.62 -26.30
N MET B 17 37.79 8.28 -25.43
CA MET B 17 38.35 8.55 -24.12
C MET B 17 38.05 7.35 -23.27
N ILE B 18 38.96 6.40 -23.31
CA ILE B 18 38.75 5.15 -22.58
C ILE B 18 39.23 5.18 -21.15
N ASP B 19 39.79 6.28 -20.65
CA ASP B 19 40.42 6.32 -19.34
C ASP B 19 39.76 7.22 -18.29
N GLY B 20 38.56 7.75 -18.55
CA GLY B 20 37.85 8.56 -17.56
C GLY B 20 36.50 8.93 -18.13
N TRP B 21 35.67 9.66 -17.39
CA TRP B 21 34.37 10.02 -17.93
C TRP B 21 34.38 11.41 -18.51
N TYR B 22 35.19 12.30 -17.98
CA TYR B 22 35.27 13.66 -18.43
C TYR B 22 36.75 13.92 -18.72
N GLY B 23 37.10 14.87 -19.58
CA GLY B 23 38.52 15.07 -19.85
C GLY B 23 38.80 16.20 -20.80
N PHE B 24 40.08 16.29 -21.15
CA PHE B 24 40.60 17.36 -21.98
C PHE B 24 41.26 16.87 -23.26
N ARG B 25 41.15 17.59 -24.37
CA ARG B 25 41.94 17.33 -25.56
C ARG B 25 42.59 18.68 -25.87
N HIS B 26 43.74 18.76 -26.51
CA HIS B 26 44.33 20.06 -26.80
C HIS B 26 45.08 20.00 -28.11
N GLN B 27 45.07 21.08 -28.88
CA GLN B 27 45.87 21.22 -30.09
C GLN B 27 46.92 22.17 -29.50
N ASN B 28 48.21 21.89 -29.60
CA ASN B 28 49.17 22.76 -28.94
C ASN B 28 50.49 22.80 -29.65
N SER B 29 51.32 23.74 -29.15
CA SER B 29 52.68 24.09 -29.54
C SER B 29 53.73 22.95 -29.50
N GLU B 30 53.36 21.71 -29.79
CA GLU B 30 54.19 20.49 -29.79
C GLU B 30 53.28 19.27 -29.80
N GLY B 31 52.12 19.41 -30.49
CA GLY B 31 51.22 18.28 -30.73
C GLY B 31 49.89 18.20 -29.98
N THR B 32 48.95 17.63 -30.72
CA THR B 32 47.60 17.46 -30.25
C THR B 32 47.51 16.25 -29.33
N GLY B 33 46.75 16.32 -28.24
CA GLY B 33 46.69 15.19 -27.34
C GLY B 33 45.51 15.31 -26.39
N GLN B 34 45.18 14.21 -25.71
CA GLN B 34 43.98 14.09 -24.90
C GLN B 34 44.36 13.59 -23.53
N ALA B 35 43.56 13.72 -22.49
CA ALA B 35 43.88 13.22 -21.16
C ALA B 35 42.60 13.25 -20.33
N ALA B 36 42.20 12.19 -19.61
CA ALA B 36 40.96 12.26 -18.83
C ALA B 36 41.14 12.95 -17.50
N ASP B 37 40.08 13.57 -16.98
CA ASP B 37 40.17 14.23 -15.70
C ASP B 37 39.68 13.28 -14.62
N LEU B 38 40.55 12.92 -13.69
CA LEU B 38 40.13 11.97 -12.69
C LEU B 38 39.33 12.53 -11.56
N LYS B 39 39.41 13.82 -11.26
CA LYS B 39 38.62 14.32 -10.15
C LYS B 39 37.15 14.39 -10.47
N SER B 40 36.73 14.87 -11.66
CA SER B 40 35.31 14.91 -11.94
C SER B 40 34.83 13.50 -12.23
N THR B 41 35.66 12.65 -12.86
CA THR B 41 35.25 11.26 -13.04
C THR B 41 34.94 10.55 -11.70
N GLN B 42 35.73 10.76 -10.65
CA GLN B 42 35.38 10.18 -9.36
C GLN B 42 34.12 10.81 -8.82
N ALA B 43 33.99 12.14 -8.80
CA ALA B 43 32.77 12.79 -8.34
C ALA B 43 31.52 12.19 -8.95
N ALA B 44 31.50 12.04 -10.28
CA ALA B 44 30.36 11.41 -10.95
C ALA B 44 30.13 9.98 -10.44
N ILE B 45 31.22 9.20 -10.35
CA ILE B 45 31.17 7.79 -9.94
C ILE B 45 30.70 7.58 -8.52
N ASP B 46 31.21 8.33 -7.55
CA ASP B 46 30.86 8.14 -6.15
C ASP B 46 29.42 8.46 -5.91
N GLN B 47 28.86 9.55 -6.46
CA GLN B 47 27.43 9.84 -6.34
C GLN B 47 26.62 8.69 -6.93
N ILE B 48 26.99 8.19 -8.13
CA ILE B 48 26.24 7.10 -8.72
C ILE B 48 26.36 5.88 -7.83
N ASN B 49 27.49 5.63 -7.20
CA ASN B 49 27.58 4.47 -6.33
C ASN B 49 26.76 4.65 -5.09
N GLY B 50 26.67 5.87 -4.61
CA GLY B 50 25.96 6.17 -3.40
C GLY B 50 24.49 5.84 -3.57
N LYS B 51 23.90 6.36 -4.63
CA LYS B 51 22.50 6.08 -4.85
C LYS B 51 22.35 4.62 -5.14
N LEU B 52 23.29 4.04 -5.86
CA LEU B 52 23.17 2.65 -6.17
C LEU B 52 23.21 1.81 -4.91
N ASN B 53 23.99 2.17 -3.91
CA ASN B 53 24.06 1.37 -2.71
C ASN B 53 22.82 1.51 -1.89
N ARG B 54 22.20 2.67 -1.90
CA ARG B 54 21.02 2.90 -1.10
C ARG B 54 19.89 2.09 -1.67
N VAL B 55 19.74 2.04 -2.98
CA VAL B 55 18.65 1.27 -3.58
C VAL B 55 18.95 -0.23 -3.51
N ILE B 56 20.21 -0.65 -3.43
CA ILE B 56 20.52 -2.06 -3.38
C ILE B 56 20.50 -2.61 -1.95
N GLU B 57 20.23 -1.76 -0.93
CA GLU B 57 20.26 -2.17 0.47
C GLU B 57 18.87 -2.57 1.01
N LYS B 58 18.90 -3.13 2.23
CA LYS B 58 17.72 -3.51 3.01
C LYS B 58 16.67 -4.52 2.46
N THR B 59 17.01 -5.79 2.19
CA THR B 59 15.93 -6.74 1.86
C THR B 59 15.22 -7.07 3.17
N ASN B 60 13.91 -7.01 3.13
CA ASN B 60 13.12 -7.31 4.30
C ASN B 60 12.90 -8.82 4.25
N GLU B 61 13.08 -9.50 5.38
CA GLU B 61 12.80 -10.93 5.44
C GLU B 61 11.33 -11.09 5.69
N LYS B 62 10.68 -12.05 5.09
CA LYS B 62 9.30 -12.32 5.45
C LYS B 62 9.23 -13.80 5.56
N PHE B 63 8.54 -14.30 6.57
CA PHE B 63 8.43 -15.73 6.68
C PHE B 63 7.00 -16.18 6.42
N HIS B 64 6.25 -16.66 7.38
CA HIS B 64 4.90 -17.16 7.14
C HIS B 64 4.04 -15.99 6.77
N GLN B 65 3.55 -15.95 5.54
CA GLN B 65 2.66 -14.88 5.14
C GLN B 65 1.22 -15.40 4.96
N ILE B 66 0.46 -14.97 3.97
CA ILE B 66 -0.86 -15.51 3.69
C ILE B 66 -0.67 -16.37 2.49
N GLU B 67 -1.63 -17.25 2.21
CA GLU B 67 -1.51 -18.16 1.07
C GLU B 67 -1.81 -17.37 -0.16
N LYS B 68 -1.17 -17.62 -1.27
CA LYS B 68 -1.42 -16.76 -2.43
C LYS B 68 -1.86 -17.49 -3.66
N GLU B 69 -2.21 -18.76 -3.54
CA GLU B 69 -2.63 -19.60 -4.64
C GLU B 69 -3.65 -20.57 -4.06
N PHE B 70 -4.83 -20.66 -4.64
CA PHE B 70 -5.91 -21.47 -4.08
C PHE B 70 -6.28 -22.52 -5.07
N SER B 71 -6.95 -23.59 -4.68
CA SER B 71 -7.24 -24.63 -5.65
C SER B 71 -8.66 -25.13 -5.53
N GLU B 72 -9.46 -24.36 -4.82
CA GLU B 72 -10.82 -24.72 -4.51
C GLU B 72 -11.55 -23.38 -4.47
N VAL B 73 -12.83 -23.29 -4.78
CA VAL B 73 -13.47 -22.00 -4.85
C VAL B 73 -14.16 -21.75 -3.53
N GLU B 74 -13.72 -20.72 -2.83
CA GLU B 74 -14.24 -20.52 -1.49
C GLU B 74 -15.18 -19.33 -1.31
N GLY B 75 -15.05 -18.26 -2.10
CA GLY B 75 -15.88 -17.09 -1.93
C GLY B 75 -15.22 -15.96 -1.14
N ARG B 76 -15.99 -15.37 -0.26
CA ARG B 76 -15.63 -14.14 0.40
C ARG B 76 -14.25 -14.05 1.02
N ILE B 77 -13.81 -14.98 1.88
CA ILE B 77 -12.50 -14.83 2.49
C ILE B 77 -11.38 -14.96 1.43
N GLN B 78 -11.53 -15.87 0.47
CA GLN B 78 -10.49 -16.06 -0.53
C GLN B 78 -10.41 -14.84 -1.45
N ASP B 79 -11.56 -14.21 -1.71
CA ASP B 79 -11.68 -12.98 -2.49
C ASP B 79 -10.84 -11.87 -1.83
N LEU B 80 -10.89 -11.79 -0.51
CA LEU B 80 -10.15 -10.80 0.24
C LEU B 80 -8.65 -11.12 0.21
N GLU B 81 -8.27 -12.38 0.38
CA GLU B 81 -6.88 -12.76 0.30
C GLU B 81 -6.27 -12.38 -1.03
N LYS B 82 -6.98 -12.63 -2.14
CA LYS B 82 -6.46 -12.25 -3.41
C LYS B 82 -6.40 -10.75 -3.57
N TYR B 83 -7.36 -10.00 -3.02
CA TYR B 83 -7.32 -8.54 -3.14
C TYR B 83 -6.17 -7.90 -2.36
N VAL B 84 -5.87 -8.39 -1.17
CA VAL B 84 -4.79 -7.85 -0.39
C VAL B 84 -3.49 -8.00 -1.15
N GLU B 85 -3.22 -9.18 -1.72
CA GLU B 85 -1.96 -9.35 -2.39
C GLU B 85 -1.94 -8.59 -3.69
N ASP B 86 -3.05 -8.53 -4.45
CA ASP B 86 -3.00 -7.84 -5.74
C ASP B 86 -2.80 -6.39 -5.50
N THR B 87 -3.43 -5.83 -4.46
CA THR B 87 -3.18 -4.43 -4.26
C THR B 87 -1.78 -4.18 -3.71
N LYS B 88 -1.20 -5.14 -2.99
CA LYS B 88 0.15 -4.98 -2.53
C LYS B 88 1.09 -4.96 -3.71
N ILE B 89 0.94 -5.90 -4.64
CA ILE B 89 1.79 -6.00 -5.81
C ILE B 89 1.67 -4.76 -6.66
N ASP B 90 0.50 -4.20 -6.82
CA ASP B 90 0.40 -3.04 -7.68
C ASP B 90 1.06 -1.83 -7.03
N LEU B 91 0.98 -1.72 -5.71
CA LEU B 91 1.58 -0.58 -5.05
C LEU B 91 3.08 -0.69 -5.13
N TRP B 92 3.65 -1.86 -4.88
CA TRP B 92 5.09 -1.99 -5.01
C TRP B 92 5.52 -1.83 -6.45
N SER B 93 4.74 -2.22 -7.44
CA SER B 93 5.18 -2.05 -8.81
C SER B 93 5.23 -0.60 -9.15
N TYR B 94 4.26 0.20 -8.66
CA TYR B 94 4.24 1.64 -8.89
C TYR B 94 5.48 2.22 -8.30
N ASN B 95 5.81 1.82 -7.09
CA ASN B 95 7.02 2.28 -6.44
C ASN B 95 8.26 1.92 -7.23
N ALA B 96 8.47 0.69 -7.71
CA ALA B 96 9.71 0.41 -8.42
C ALA B 96 9.80 1.26 -9.69
N GLU B 97 8.69 1.47 -10.38
CA GLU B 97 8.71 2.20 -11.63
C GLU B 97 8.98 3.68 -11.41
N LEU B 98 8.34 4.31 -10.44
CA LEU B 98 8.60 5.71 -10.20
C LEU B 98 10.01 5.85 -9.69
N LEU B 99 10.52 4.93 -8.87
CA LEU B 99 11.86 5.04 -8.32
C LEU B 99 12.89 5.06 -9.44
N VAL B 100 12.92 4.08 -10.37
CA VAL B 100 14.00 4.14 -11.35
C VAL B 100 13.80 5.33 -12.28
N ALA B 101 12.56 5.78 -12.55
CA ALA B 101 12.40 6.93 -13.42
C ALA B 101 13.00 8.19 -12.78
N LEU B 102 12.58 8.48 -11.55
CA LEU B 102 13.07 9.57 -10.72
C LEU B 102 14.60 9.53 -10.65
N GLU B 103 15.12 8.38 -10.27
CA GLU B 103 16.54 8.16 -10.21
C GLU B 103 17.27 8.45 -11.54
N ASN B 104 16.85 7.83 -12.66
CA ASN B 104 17.51 7.95 -13.93
C ASN B 104 17.57 9.36 -14.41
N GLN B 105 16.49 10.05 -14.15
CA GLN B 105 16.37 11.45 -14.46
C GLN B 105 17.47 12.21 -13.73
N HIS B 106 17.59 11.93 -12.43
CA HIS B 106 18.57 12.58 -11.60
C HIS B 106 20.00 12.20 -11.96
N THR B 107 20.27 10.95 -12.41
CA THR B 107 21.62 10.55 -12.76
C THR B 107 22.06 11.30 -14.00
N ILE B 108 21.16 11.48 -14.97
CA ILE B 108 21.52 12.24 -16.16
C ILE B 108 21.83 13.69 -15.80
N ASP B 109 21.12 14.30 -14.83
CA ASP B 109 21.43 15.66 -14.50
C ASP B 109 22.71 15.82 -13.68
N LEU B 110 22.94 14.86 -12.78
CA LEU B 110 24.12 14.78 -11.96
C LEU B 110 25.36 14.62 -12.84
N THR B 111 25.44 13.67 -13.77
CA THR B 111 26.62 13.55 -14.62
C THR B 111 26.79 14.79 -15.53
N GLY B 112 25.66 15.33 -15.99
CA GLY B 112 25.69 16.58 -16.75
C GLY B 112 26.21 17.75 -15.93
N SER B 113 25.90 17.80 -14.64
CA SER B 113 26.34 18.84 -13.77
C SER B 113 27.84 18.81 -13.69
N GLU B 114 28.41 17.61 -13.47
CA GLU B 114 29.86 17.45 -13.37
C GLU B 114 30.56 17.90 -14.61
N MET B 115 29.95 17.68 -15.80
CA MET B 115 30.55 18.18 -17.03
C MET B 115 30.69 19.69 -16.95
N ASN B 116 29.57 20.34 -16.70
CA ASN B 116 29.50 21.77 -16.69
C ASN B 116 30.35 22.33 -15.59
N LYS B 117 30.44 21.70 -14.45
CA LYS B 117 31.33 22.17 -13.39
C LYS B 117 32.79 22.12 -13.83
N LEU B 118 33.28 21.06 -14.49
CA LEU B 118 34.65 20.99 -14.98
C LEU B 118 34.87 22.16 -15.94
N PHE B 119 33.91 22.44 -16.82
CA PHE B 119 34.03 23.52 -17.77
C PHE B 119 34.18 24.84 -17.05
N GLU B 120 33.24 25.21 -16.20
CA GLU B 120 33.29 26.45 -15.44
C GLU B 120 34.54 26.60 -14.64
N LYS B 121 35.05 25.51 -14.12
CA LYS B 121 36.27 25.54 -13.36
C LYS B 121 37.44 25.87 -14.27
N THR B 122 37.54 25.20 -15.42
CA THR B 122 38.61 25.49 -16.35
C THR B 122 38.50 26.95 -16.82
N ARG B 123 37.26 27.44 -17.02
CA ARG B 123 37.01 28.80 -17.41
C ARG B 123 37.61 29.76 -16.40
N ARG B 124 37.26 29.58 -15.14
CA ARG B 124 37.74 30.50 -14.13
C ARG B 124 39.25 30.56 -14.02
N GLN B 125 39.91 29.42 -14.18
CA GLN B 125 41.34 29.31 -14.08
C GLN B 125 42.01 30.12 -15.13
N LEU B 126 41.52 30.04 -16.36
CA LEU B 126 42.15 30.74 -17.48
C LEU B 126 42.01 32.26 -17.47
N ARG B 127 41.26 32.79 -16.52
CA ARG B 127 40.98 34.20 -16.41
C ARG B 127 40.94 35.02 -17.71
N GLU B 128 41.79 36.00 -17.99
CA GLU B 128 41.55 36.85 -19.15
C GLU B 128 42.32 36.35 -20.34
N ASN B 129 42.87 35.15 -20.23
CA ASN B 129 43.79 34.70 -21.25
C ASN B 129 43.14 33.78 -22.24
N ALA B 130 41.85 33.51 -22.10
CA ALA B 130 41.22 32.62 -23.04
C ALA B 130 39.82 33.06 -23.29
N GLU B 131 39.32 32.69 -24.45
CA GLU B 131 37.96 32.96 -24.78
C GLU B 131 37.27 31.63 -25.04
N GLU B 132 36.02 31.56 -24.65
CA GLU B 132 35.21 30.38 -24.90
C GLU B 132 34.76 30.42 -26.34
N MET B 133 35.01 29.39 -27.11
CA MET B 133 34.55 29.32 -28.48
C MET B 133 33.15 28.73 -28.51
N GLY B 134 32.57 28.48 -27.33
CA GLY B 134 31.18 28.05 -27.20
C GLY B 134 30.83 26.64 -27.69
N ASN B 135 31.83 25.83 -27.94
CA ASN B 135 31.60 24.47 -28.35
C ASN B 135 32.29 23.60 -27.33
N GLY B 136 32.50 24.13 -26.11
CA GLY B 136 33.25 23.35 -25.11
C GLY B 136 34.76 23.52 -25.26
N CYS B 137 35.27 24.29 -26.23
CA CYS B 137 36.68 24.56 -26.32
C CYS B 137 37.00 25.99 -25.97
N PHE B 138 38.12 26.20 -25.30
CA PHE B 138 38.64 27.51 -25.03
C PHE B 138 39.77 27.80 -26.03
N LYS B 139 39.81 29.01 -26.59
CA LYS B 139 40.97 29.43 -27.33
C LYS B 139 41.88 30.08 -26.32
N ILE B 140 43.09 29.54 -26.10
CA ILE B 140 44.05 30.15 -25.17
C ILE B 140 44.87 31.13 -25.98
N TYR B 141 44.77 32.42 -25.64
CA TYR B 141 45.42 33.48 -26.40
C TYR B 141 46.88 33.73 -26.07
N HIS B 142 47.67 32.69 -25.82
CA HIS B 142 49.09 32.90 -25.59
C HIS B 142 49.80 31.59 -25.88
N LYS B 143 51.11 31.58 -26.02
CA LYS B 143 51.86 30.38 -26.35
C LYS B 143 51.74 29.41 -25.18
N CYS B 144 51.07 28.29 -25.34
CA CYS B 144 50.88 27.39 -24.22
C CYS B 144 51.33 25.99 -24.59
N ASP B 145 52.57 25.68 -24.20
CA ASP B 145 53.16 24.37 -24.51
C ASP B 145 52.58 23.27 -23.65
N ASN B 146 53.08 22.05 -23.81
CA ASN B 146 52.51 20.93 -23.09
C ASN B 146 52.55 21.05 -21.58
N ALA B 147 53.51 21.76 -20.98
CA ALA B 147 53.53 21.84 -19.54
C ALA B 147 52.50 22.83 -19.09
N CYS B 148 52.25 23.85 -19.92
CA CYS B 148 51.21 24.82 -19.66
C CYS B 148 49.89 24.08 -19.66
N ILE B 149 49.64 23.25 -20.69
CA ILE B 149 48.41 22.46 -20.73
C ILE B 149 48.35 21.57 -19.50
N GLU B 150 49.44 20.96 -19.07
CA GLU B 150 49.43 20.13 -17.88
C GLU B 150 49.09 20.96 -16.64
N SER B 151 49.51 22.21 -16.54
CA SER B 151 49.16 22.96 -15.35
C SER B 151 47.71 23.44 -15.34
N ILE B 152 47.07 23.63 -16.53
CA ILE B 152 45.65 24.01 -16.54
C ILE B 152 44.88 22.79 -16.06
N ARG B 153 45.28 21.63 -16.56
CA ARG B 153 44.65 20.39 -16.18
C ARG B 153 44.90 20.03 -14.75
N ASN B 154 46.03 20.36 -14.13
CA ASN B 154 46.18 19.99 -12.74
C ASN B 154 45.97 21.17 -11.80
N GLY B 155 45.33 22.21 -12.32
CA GLY B 155 44.89 23.32 -11.50
C GLY B 155 45.96 24.20 -10.93
N THR B 156 47.15 24.22 -11.51
CA THR B 156 48.17 25.11 -11.00
C THR B 156 48.46 26.26 -11.97
N TYR B 157 47.66 26.43 -13.03
CA TYR B 157 47.93 27.43 -14.03
C TYR B 157 47.98 28.86 -13.47
N ASP B 158 49.12 29.56 -13.52
CA ASP B 158 49.11 30.92 -13.03
C ASP B 158 48.73 31.81 -14.20
N HIS B 159 47.61 32.49 -14.12
CA HIS B 159 47.16 33.26 -15.26
C HIS B 159 47.99 34.51 -15.43
N ASP B 160 48.52 35.05 -14.34
CA ASP B 160 49.28 36.28 -14.42
C ASP B 160 50.51 36.13 -15.28
N VAL B 161 51.12 34.95 -15.17
CA VAL B 161 52.31 34.60 -15.94
C VAL B 161 52.12 34.89 -17.41
N TYR B 162 50.90 34.77 -17.95
CA TYR B 162 50.69 35.00 -19.36
C TYR B 162 49.70 36.12 -19.65
N ARG B 163 49.23 36.82 -18.62
CA ARG B 163 48.23 37.85 -18.81
C ARG B 163 48.63 38.87 -19.86
N ASP B 164 49.81 39.50 -19.78
CA ASP B 164 50.19 40.54 -20.71
C ASP B 164 50.24 40.03 -22.13
N GLU B 165 50.87 38.87 -22.32
CA GLU B 165 51.01 38.27 -23.64
C GLU B 165 49.66 38.05 -24.26
N ALA B 166 48.83 37.28 -23.53
CA ALA B 166 47.49 36.99 -23.95
C ALA B 166 46.70 38.25 -24.27
N LEU B 167 46.51 39.10 -23.26
CA LEU B 167 45.73 40.31 -23.31
C LEU B 167 46.10 41.14 -24.51
N ASN B 168 47.38 41.26 -24.80
CA ASN B 168 47.82 42.02 -25.94
C ASN B 168 47.31 41.42 -27.24
N ASN B 169 47.58 40.15 -27.51
CA ASN B 169 47.19 39.64 -28.79
C ASN B 169 45.76 39.12 -28.78
N ARG B 170 45.06 39.33 -27.68
CA ARG B 170 43.64 39.05 -27.61
C ARG B 170 42.90 40.29 -28.09
N PHE B 171 43.24 41.46 -27.57
CA PHE B 171 42.59 42.68 -27.96
C PHE B 171 43.39 43.51 -28.96
N GLN B 172 44.23 42.91 -29.81
CA GLN B 172 44.95 43.70 -30.81
C GLN B 172 43.99 44.06 -31.94
N ILE B 173 43.20 45.11 -31.69
CA ILE B 173 42.22 45.63 -32.66
C ILE B 173 43.04 46.27 -33.77
N LYS B 174 43.34 45.44 -34.77
CA LYS B 174 44.19 45.83 -35.87
C LYS B 174 44.02 44.77 -36.93
N GLY B 175 42.97 44.91 -37.73
CA GLY B 175 42.67 44.01 -38.84
C GLY B 175 41.73 44.67 -39.86
N GLN C 1 38.30 43.33 -42.36
CA GLN C 1 37.83 42.82 -43.66
C GLN C 1 37.20 44.02 -44.39
N ASP C 2 36.00 44.46 -44.00
CA ASP C 2 35.36 45.62 -44.62
C ASP C 2 36.10 46.93 -44.34
N LEU C 3 35.62 48.00 -44.96
CA LEU C 3 36.19 49.33 -44.87
C LEU C 3 35.51 50.12 -43.76
N PRO C 4 36.23 51.05 -43.09
CA PRO C 4 35.71 51.90 -42.02
C PRO C 4 34.39 52.61 -42.29
N GLY C 5 33.46 52.40 -41.36
CA GLY C 5 32.15 53.00 -41.39
C GLY C 5 32.17 54.30 -40.57
N ASN C 6 31.57 55.34 -41.16
CA ASN C 6 31.42 56.66 -40.54
C ASN C 6 30.52 56.62 -39.31
N ASP C 7 29.48 55.80 -39.36
CA ASP C 7 28.56 55.70 -38.26
C ASP C 7 29.15 54.77 -37.22
N ASN C 8 28.75 55.00 -35.99
CA ASN C 8 29.21 54.22 -34.86
C ASN C 8 27.99 54.01 -33.96
N SER C 9 27.42 52.81 -33.94
CA SER C 9 26.24 52.66 -33.12
C SER C 9 26.16 51.25 -32.56
N THR C 10 25.37 51.03 -31.53
CA THR C 10 25.21 49.74 -30.91
C THR C 10 23.84 49.16 -31.23
N ALA C 11 23.46 48.02 -30.63
CA ALA C 11 22.13 47.43 -30.78
C ALA C 11 21.77 46.80 -29.46
N THR C 12 20.53 46.38 -29.23
CA THR C 12 20.15 45.73 -27.99
C THR C 12 19.33 44.50 -28.30
N LEU C 13 19.66 43.37 -27.70
CA LEU C 13 18.90 42.15 -27.87
C LEU C 13 18.39 41.76 -26.50
N CYS C 14 17.15 41.38 -26.32
CA CYS C 14 16.70 40.96 -25.02
C CYS C 14 16.05 39.62 -25.14
N LEU C 15 16.37 38.69 -24.24
CA LEU C 15 15.72 37.42 -24.22
C LEU C 15 14.60 37.47 -23.21
N GLY C 16 13.59 36.63 -23.40
CA GLY C 16 12.47 36.60 -22.50
C GLY C 16 11.62 35.39 -22.82
N HIS C 17 10.48 35.28 -22.11
CA HIS C 17 9.59 34.11 -22.26
C HIS C 17 8.16 34.61 -22.23
N HIS C 18 7.20 33.96 -22.87
CA HIS C 18 5.83 34.41 -22.86
C HIS C 18 5.18 34.40 -21.49
N ALA C 19 4.03 35.02 -21.32
CA ALA C 19 3.26 34.96 -20.08
C ALA C 19 1.80 35.07 -20.50
N VAL C 20 0.86 34.49 -19.76
CA VAL C 20 -0.53 34.55 -20.16
C VAL C 20 -1.26 35.42 -19.18
N PRO C 21 -2.37 36.08 -19.58
CA PRO C 21 -3.12 36.97 -18.70
C PRO C 21 -3.84 36.25 -17.57
N ASN C 22 -4.34 35.07 -17.91
CA ASN C 22 -5.10 34.20 -17.02
C ASN C 22 -4.19 33.24 -16.25
N GLY C 23 -3.73 32.06 -16.66
CA GLY C 23 -2.79 31.32 -15.80
C GLY C 23 -3.37 30.56 -14.60
N THR C 24 -2.95 29.32 -14.39
CA THR C 24 -3.59 28.44 -13.41
C THR C 24 -2.75 28.26 -12.19
N LEU C 25 -3.32 28.03 -11.00
CA LEU C 25 -2.45 27.79 -9.87
C LEU C 25 -2.11 26.30 -9.73
N VAL C 26 -0.92 25.95 -9.22
CA VAL C 26 -0.52 24.57 -9.12
C VAL C 26 0.26 24.30 -7.83
N LYS C 27 0.35 23.06 -7.29
CA LYS C 27 1.13 22.79 -6.07
C LYS C 27 2.56 22.40 -6.43
N THR C 28 3.52 22.62 -5.58
CA THR C 28 4.91 22.31 -5.87
C THR C 28 5.47 21.63 -4.65
N ILE C 29 6.77 21.30 -4.60
CA ILE C 29 7.34 20.75 -3.39
C ILE C 29 7.42 21.89 -2.38
N THR C 30 7.86 23.08 -2.79
CA THR C 30 8.05 24.19 -1.88
C THR C 30 6.94 25.20 -1.75
N ASP C 31 5.94 25.25 -2.63
CA ASP C 31 4.81 26.19 -2.50
C ASP C 31 3.58 25.41 -2.85
N ASP C 32 2.40 25.81 -2.43
CA ASP C 32 1.21 25.06 -2.80
C ASP C 32 0.26 25.91 -3.64
N GLN C 33 0.62 27.14 -3.88
CA GLN C 33 -0.07 27.89 -4.89
C GLN C 33 0.98 28.67 -5.67
N ILE C 34 1.40 28.15 -6.81
CA ILE C 34 2.28 28.91 -7.66
C ILE C 34 1.58 28.97 -9.00
N GLU C 35 1.60 30.10 -9.68
CA GLU C 35 0.84 30.27 -10.90
C GLU C 35 1.60 29.90 -12.16
N VAL C 36 1.12 28.94 -12.94
CA VAL C 36 1.80 28.58 -14.14
C VAL C 36 0.96 29.02 -15.34
N THR C 37 1.57 29.06 -16.51
CA THR C 37 0.94 29.35 -17.77
C THR C 37 -0.17 28.40 -18.10
N ASN C 38 -0.16 27.15 -17.65
CA ASN C 38 -1.13 26.18 -18.10
C ASN C 38 -1.05 24.91 -17.29
N ALA C 39 -2.16 24.26 -17.04
CA ALA C 39 -2.12 23.03 -16.27
C ALA C 39 -3.09 22.03 -16.91
N THR C 40 -3.08 20.76 -16.50
CA THR C 40 -4.06 19.81 -16.97
C THR C 40 -4.54 19.08 -15.73
N GLU C 41 -5.85 18.77 -15.66
CA GLU C 41 -6.46 18.10 -14.52
C GLU C 41 -6.26 16.60 -14.52
N LEU C 42 -5.68 16.07 -13.46
CA LEU C 42 -5.41 14.65 -13.42
C LEU C 42 -6.51 13.82 -12.72
N VAL C 43 -7.54 14.43 -12.10
CA VAL C 43 -8.53 13.66 -11.39
C VAL C 43 -9.83 13.70 -12.15
N GLN C 44 -10.35 12.56 -12.59
CA GLN C 44 -11.65 12.47 -13.23
C GLN C 44 -12.68 12.58 -12.14
N SER C 45 -13.60 13.52 -12.24
CA SER C 45 -14.49 13.76 -11.11
C SER C 45 -15.95 13.78 -11.44
N SER C 46 -16.38 13.26 -12.57
CA SER C 46 -17.79 13.26 -12.87
C SER C 46 -18.17 12.14 -13.81
N SER C 47 -19.34 11.58 -13.56
CA SER C 47 -19.83 10.49 -14.35
C SER C 47 -20.81 11.04 -15.35
N THR C 48 -21.00 10.28 -16.40
CA THR C 48 -22.04 10.61 -17.34
C THR C 48 -23.39 10.29 -16.70
N GLY C 49 -23.38 9.43 -15.69
CA GLY C 49 -24.60 9.06 -15.00
C GLY C 49 -25.28 7.88 -15.65
N LYS C 50 -24.63 7.25 -16.62
CA LYS C 50 -25.23 6.14 -17.32
C LYS C 50 -24.22 5.04 -17.50
N ILE C 51 -24.62 3.78 -17.37
CA ILE C 51 -23.72 2.67 -17.55
C ILE C 51 -23.74 2.38 -19.03
N CYS C 52 -22.65 2.64 -19.72
CA CYS C 52 -22.55 2.35 -21.13
C CYS C 52 -22.57 0.87 -21.33
N ASN C 53 -23.43 0.41 -22.23
CA ASN C 53 -23.57 -1.02 -22.46
C ASN C 53 -22.54 -1.61 -23.43
N ASN C 54 -21.38 -0.98 -23.56
CA ASN C 54 -20.39 -1.45 -24.49
C ASN C 54 -19.06 -0.96 -23.98
N PRO C 55 -17.96 -1.71 -23.99
CA PRO C 55 -17.88 -3.05 -24.51
C PRO C 55 -18.20 -4.20 -23.57
N HIS C 56 -18.58 -3.97 -22.31
CA HIS C 56 -18.74 -5.13 -21.44
C HIS C 56 -20.15 -5.68 -21.56
N ARG C 57 -20.38 -6.99 -21.32
CA ARG C 57 -21.72 -7.51 -21.35
C ARG C 57 -22.43 -7.10 -20.08
N ILE C 58 -23.30 -6.11 -20.12
CA ILE C 58 -23.96 -5.73 -18.89
C ILE C 58 -25.35 -6.30 -18.80
N LEU C 59 -25.62 -7.16 -17.82
CA LEU C 59 -26.93 -7.77 -17.69
C LEU C 59 -27.67 -6.99 -16.63
N ASP C 60 -28.79 -6.35 -16.93
CA ASP C 60 -29.51 -5.58 -15.94
C ASP C 60 -30.40 -6.55 -15.20
N GLY C 61 -30.33 -6.55 -13.88
CA GLY C 61 -31.05 -7.53 -13.11
C GLY C 61 -32.53 -7.21 -13.01
N ILE C 62 -32.89 -6.01 -13.46
CA ILE C 62 -34.22 -5.44 -13.35
C ILE C 62 -34.71 -5.62 -11.91
N ASP C 63 -35.76 -6.36 -11.58
CA ASP C 63 -36.15 -6.47 -10.18
C ASP C 63 -35.80 -7.84 -9.62
N CYS C 64 -34.74 -8.46 -10.14
CA CYS C 64 -34.25 -9.71 -9.59
C CYS C 64 -32.89 -9.53 -8.96
N THR C 65 -32.62 -10.24 -7.89
CA THR C 65 -31.29 -10.29 -7.30
C THR C 65 -30.55 -11.40 -8.02
N LEU C 66 -29.21 -11.41 -8.20
CA LEU C 66 -28.57 -12.56 -8.83
C LEU C 66 -28.92 -13.86 -8.12
N ILE C 67 -28.89 -13.99 -6.77
CA ILE C 67 -29.28 -15.24 -6.09
C ILE C 67 -30.71 -15.67 -6.47
N ASP C 68 -31.71 -14.76 -6.57
CA ASP C 68 -33.04 -15.19 -7.02
C ASP C 68 -33.00 -15.64 -8.47
N ALA C 69 -32.23 -14.98 -9.34
CA ALA C 69 -32.07 -15.44 -10.70
C ALA C 69 -31.52 -16.87 -10.72
N LEU C 70 -30.54 -17.13 -9.84
CA LEU C 70 -29.95 -18.45 -9.70
C LEU C 70 -31.00 -19.48 -9.23
N LEU C 71 -31.64 -19.26 -8.06
CA LEU C 71 -32.60 -20.21 -7.51
C LEU C 71 -33.80 -20.38 -8.41
N GLY C 72 -34.18 -19.28 -9.04
CA GLY C 72 -35.23 -19.33 -10.00
C GLY C 72 -36.58 -19.00 -9.43
N ASP C 73 -36.60 -17.86 -8.75
CA ASP C 73 -37.84 -17.22 -8.28
C ASP C 73 -38.67 -17.05 -9.54
N PRO C 74 -39.95 -17.38 -9.59
CA PRO C 74 -40.79 -17.27 -10.77
C PRO C 74 -40.62 -15.95 -11.47
N HIS C 75 -40.67 -14.85 -10.72
CA HIS C 75 -40.58 -13.55 -11.36
C HIS C 75 -39.23 -13.26 -12.00
N CYS C 76 -38.27 -14.17 -11.93
CA CYS C 76 -36.95 -14.01 -12.49
C CYS C 76 -36.69 -15.10 -13.51
N ASP C 77 -37.70 -15.82 -13.99
CA ASP C 77 -37.39 -16.90 -14.91
C ASP C 77 -36.78 -16.41 -16.20
N VAL C 78 -36.91 -15.11 -16.41
CA VAL C 78 -36.29 -14.42 -17.53
C VAL C 78 -34.81 -14.74 -17.62
N PHE C 79 -34.09 -14.79 -16.49
CA PHE C 79 -32.63 -14.91 -16.51
C PHE C 79 -32.08 -16.30 -16.73
N GLN C 80 -32.91 -17.32 -17.00
CA GLN C 80 -32.38 -18.67 -17.05
C GLN C 80 -31.33 -18.78 -18.13
N ASN C 81 -30.20 -19.42 -17.81
CA ASN C 81 -29.11 -19.57 -18.75
C ASN C 81 -28.50 -18.25 -19.25
N GLU C 82 -28.67 -17.14 -18.52
CA GLU C 82 -28.05 -15.89 -18.92
C GLU C 82 -26.57 -15.81 -18.57
N THR C 83 -25.96 -14.77 -19.12
CA THR C 83 -24.53 -14.59 -19.15
C THR C 83 -24.15 -13.11 -19.06
N TRP C 84 -23.08 -12.76 -18.36
CA TRP C 84 -22.77 -11.35 -18.16
C TRP C 84 -21.30 -11.16 -17.90
N ASP C 85 -20.86 -9.92 -18.06
CA ASP C 85 -19.55 -9.47 -17.64
C ASP C 85 -19.79 -8.72 -16.33
N LEU C 86 -20.87 -7.96 -16.30
CA LEU C 86 -21.21 -7.25 -15.10
C LEU C 86 -22.67 -7.48 -14.87
N PHE C 87 -23.08 -8.01 -13.73
CA PHE C 87 -24.48 -8.16 -13.47
C PHE C 87 -24.84 -6.90 -12.69
N VAL C 88 -25.85 -6.11 -13.04
CA VAL C 88 -26.17 -4.94 -12.24
C VAL C 88 -27.37 -5.26 -11.38
N GLU C 89 -27.21 -5.15 -10.07
CA GLU C 89 -28.26 -5.39 -9.08
C GLU C 89 -28.93 -4.08 -8.72
N ARG C 90 -30.23 -4.02 -8.87
CA ARG C 90 -30.96 -2.80 -8.66
C ARG C 90 -31.52 -2.70 -7.28
N SER C 91 -31.60 -1.49 -6.72
CA SER C 91 -32.07 -1.31 -5.37
C SER C 91 -33.51 -1.78 -5.21
N LYS C 92 -34.23 -1.78 -6.31
CA LYS C 92 -35.63 -2.10 -6.32
C LYS C 92 -35.87 -3.56 -6.53
N ALA C 93 -34.87 -4.42 -6.36
CA ALA C 93 -35.03 -5.84 -6.64
C ALA C 93 -35.84 -6.42 -5.54
N PHE C 94 -36.68 -7.41 -5.78
CA PHE C 94 -37.48 -7.96 -4.71
C PHE C 94 -37.54 -9.45 -4.92
N SER C 95 -38.18 -10.17 -4.04
CA SER C 95 -38.33 -11.59 -4.26
C SER C 95 -39.70 -11.91 -3.76
N ASN C 96 -40.33 -12.88 -4.38
CA ASN C 96 -41.61 -13.33 -3.96
C ASN C 96 -41.64 -14.75 -4.39
N CYS C 97 -41.22 -15.56 -3.45
CA CYS C 97 -41.25 -17.00 -3.56
C CYS C 97 -41.07 -17.49 -2.12
N TYR C 98 -40.87 -18.79 -1.91
CA TYR C 98 -40.77 -19.33 -0.55
C TYR C 98 -39.69 -18.60 0.21
N PRO C 99 -39.93 -18.19 1.47
CA PRO C 99 -38.91 -17.51 2.28
C PRO C 99 -37.69 -18.40 2.46
N TYR C 100 -36.51 -17.93 2.04
CA TYR C 100 -35.31 -18.73 2.16
C TYR C 100 -34.27 -17.89 2.84
N ASP C 101 -33.17 -18.49 3.27
CA ASP C 101 -32.03 -17.72 3.73
C ASP C 101 -30.81 -18.45 3.24
N VAL C 102 -29.73 -17.73 2.96
CA VAL C 102 -28.54 -18.41 2.46
C VAL C 102 -27.45 -18.17 3.47
N PRO C 103 -27.07 -19.14 4.28
CA PRO C 103 -26.00 -18.97 5.24
C PRO C 103 -24.82 -18.70 4.34
N ASP C 104 -24.12 -17.61 4.55
CA ASP C 104 -23.04 -17.15 3.71
C ASP C 104 -23.44 -16.87 2.26
N TYR C 105 -24.49 -16.06 2.25
CA TYR C 105 -25.02 -15.42 1.08
C TYR C 105 -23.91 -14.71 0.33
N ALA C 106 -23.08 -14.06 1.11
CA ALA C 106 -21.95 -13.33 0.62
C ALA C 106 -21.07 -14.18 -0.28
N SER C 107 -20.66 -15.39 0.09
CA SER C 107 -19.85 -16.10 -0.83
C SER C 107 -20.61 -16.64 -2.02
N LEU C 108 -21.88 -17.10 -1.87
CA LEU C 108 -22.64 -17.63 -3.00
C LEU C 108 -22.81 -16.53 -4.06
N ARG C 109 -23.24 -15.31 -3.68
CA ARG C 109 -23.35 -14.23 -4.65
C ARG C 109 -22.01 -13.98 -5.32
N SER C 110 -20.89 -14.03 -4.55
CA SER C 110 -19.57 -13.81 -5.15
C SER C 110 -19.26 -14.88 -6.16
N LEU C 111 -19.35 -16.18 -5.79
CA LEU C 111 -18.80 -17.13 -6.72
C LEU C 111 -19.67 -17.32 -7.93
N VAL C 112 -20.98 -17.07 -7.81
CA VAL C 112 -21.84 -17.08 -8.98
C VAL C 112 -21.46 -15.90 -9.86
N ALA C 113 -21.36 -14.71 -9.27
CA ALA C 113 -21.05 -13.48 -10.00
C ALA C 113 -19.72 -13.51 -10.71
N SER C 114 -18.70 -14.22 -10.25
CA SER C 114 -17.46 -14.27 -11.00
C SER C 114 -17.56 -15.33 -12.07
N SER C 115 -18.33 -16.41 -11.84
CA SER C 115 -18.49 -17.45 -12.84
C SER C 115 -19.06 -16.79 -14.07
N GLY C 116 -20.00 -15.87 -13.89
CA GLY C 116 -20.51 -15.12 -15.02
C GLY C 116 -21.59 -15.80 -15.84
N THR C 117 -21.98 -17.03 -15.50
CA THR C 117 -22.95 -17.77 -16.27
C THR C 117 -23.95 -18.31 -15.30
N LEU C 118 -25.15 -18.55 -15.82
CA LEU C 118 -26.25 -19.13 -15.06
C LEU C 118 -26.79 -20.36 -15.82
N GLU C 119 -25.97 -20.87 -16.77
CA GLU C 119 -26.24 -22.03 -17.62
C GLU C 119 -26.56 -23.27 -16.83
N PHE C 120 -27.79 -23.76 -16.97
CA PHE C 120 -28.19 -24.90 -16.16
C PHE C 120 -28.35 -26.16 -16.98
N ILE C 121 -27.80 -27.22 -16.45
CA ILE C 121 -27.93 -28.52 -17.06
C ILE C 121 -28.82 -29.36 -16.15
N THR C 122 -29.95 -29.88 -16.61
CA THR C 122 -30.78 -30.69 -15.74
C THR C 122 -30.23 -32.11 -15.67
N GLU C 123 -30.17 -32.73 -14.52
CA GLU C 123 -29.66 -34.07 -14.46
C GLU C 123 -30.74 -35.04 -14.06
N GLY C 124 -30.60 -36.29 -14.47
CA GLY C 124 -31.61 -37.29 -14.20
C GLY C 124 -31.54 -37.82 -12.79
N PHE C 125 -31.88 -37.02 -11.79
CA PHE C 125 -31.93 -37.52 -10.42
C PHE C 125 -33.19 -38.37 -10.28
N THR C 126 -33.13 -39.48 -9.55
CA THR C 126 -34.34 -40.28 -9.45
C THR C 126 -34.70 -40.48 -8.00
N TRP C 127 -35.72 -39.77 -7.56
CA TRP C 127 -36.08 -39.83 -6.16
C TRP C 127 -37.07 -40.96 -5.94
N THR C 128 -36.58 -42.11 -5.50
CA THR C 128 -37.46 -43.26 -5.31
C THR C 128 -38.18 -43.30 -3.98
N GLY C 129 -39.49 -43.17 -4.02
CA GLY C 129 -40.24 -43.33 -2.79
C GLY C 129 -40.64 -42.04 -2.13
N VAL C 130 -40.55 -40.92 -2.84
CA VAL C 130 -41.00 -39.65 -2.30
C VAL C 130 -41.77 -38.93 -3.39
N THR C 131 -42.56 -37.96 -2.97
CA THR C 131 -43.28 -37.12 -3.89
C THR C 131 -42.41 -35.93 -4.30
N GLN C 132 -42.38 -35.69 -5.61
CA GLN C 132 -41.59 -34.63 -6.19
C GLN C 132 -42.44 -33.44 -6.55
N ASN C 133 -41.73 -32.40 -6.94
CA ASN C 133 -42.32 -31.19 -7.49
C ASN C 133 -43.24 -30.39 -6.60
N GLY C 134 -43.11 -30.55 -5.29
CA GLY C 134 -43.88 -29.76 -4.35
C GLY C 134 -43.64 -28.27 -4.56
N GLY C 135 -44.66 -27.47 -4.30
CA GLY C 135 -44.58 -26.04 -4.50
C GLY C 135 -45.33 -25.37 -3.37
N SER C 136 -45.48 -24.08 -3.46
CA SER C 136 -46.05 -23.28 -2.42
C SER C 136 -46.91 -22.20 -3.01
N ASN C 137 -47.89 -21.81 -2.23
CA ASN C 137 -48.77 -20.78 -2.68
C ASN C 137 -48.12 -19.43 -2.46
N ALA C 138 -46.96 -19.40 -1.79
CA ALA C 138 -46.20 -18.17 -1.66
C ALA C 138 -45.26 -17.97 -2.84
N CYS C 139 -45.07 -18.98 -3.69
CA CYS C 139 -44.19 -18.87 -4.84
C CYS C 139 -45.01 -19.24 -6.05
N LYS C 140 -45.79 -18.33 -6.61
CA LYS C 140 -46.70 -18.76 -7.66
C LYS C 140 -46.12 -18.86 -9.05
N ARG C 141 -46.35 -20.00 -9.68
CA ARG C 141 -45.99 -20.12 -11.07
C ARG C 141 -47.31 -19.81 -11.75
N GLY C 142 -47.42 -18.55 -12.14
CA GLY C 142 -48.61 -18.05 -12.79
C GLY C 142 -49.82 -18.15 -11.86
N PRO C 143 -50.88 -18.88 -12.26
CA PRO C 143 -52.09 -19.03 -11.45
C PRO C 143 -51.85 -19.90 -10.22
N GLY C 144 -51.03 -20.93 -10.41
CA GLY C 144 -50.86 -21.95 -9.42
C GLY C 144 -49.77 -21.69 -8.40
N SER C 145 -49.64 -22.66 -7.53
CA SER C 145 -48.57 -22.67 -6.60
C SER C 145 -47.32 -23.07 -7.35
N GLY C 146 -46.13 -22.77 -6.84
CA GLY C 146 -44.92 -23.17 -7.53
C GLY C 146 -43.71 -23.06 -6.61
N PHE C 147 -42.53 -23.11 -7.16
CA PHE C 147 -41.33 -23.08 -6.38
C PHE C 147 -40.25 -22.51 -7.28
N PHE C 148 -39.05 -22.47 -6.75
CA PHE C 148 -37.89 -22.06 -7.50
C PHE C 148 -37.72 -23.00 -8.68
N SER C 149 -37.45 -22.52 -9.91
CA SER C 149 -37.30 -23.41 -11.04
C SER C 149 -36.16 -24.40 -10.91
N ARG C 150 -35.09 -24.05 -10.20
CA ARG C 150 -33.99 -24.99 -10.15
C ARG C 150 -33.96 -25.93 -8.94
N LEU C 151 -34.99 -25.90 -8.09
CA LEU C 151 -34.95 -26.71 -6.89
C LEU C 151 -36.09 -27.70 -6.92
N ASN C 152 -35.99 -28.82 -6.20
CA ASN C 152 -37.04 -29.83 -6.25
C ASN C 152 -37.47 -30.22 -4.85
N TRP C 153 -38.65 -29.76 -4.40
CA TRP C 153 -39.10 -30.04 -3.02
C TRP C 153 -39.74 -31.42 -2.89
N LEU C 154 -39.13 -32.24 -2.09
CA LEU C 154 -39.53 -33.60 -1.92
C LEU C 154 -40.27 -33.77 -0.61
N THR C 155 -41.40 -34.46 -0.69
CA THR C 155 -42.25 -34.79 0.44
C THR C 155 -42.55 -36.29 0.44
N LYS C 156 -43.04 -36.97 1.49
CA LYS C 156 -43.16 -38.45 1.43
C LYS C 156 -44.19 -39.12 0.48
N SER C 157 -44.08 -40.45 0.26
CA SER C 157 -45.08 -41.24 -0.46
C SER C 157 -45.86 -42.01 0.58
N GLY C 158 -47.19 -42.04 0.53
CA GLY C 158 -47.96 -42.79 1.51
C GLY C 158 -47.60 -42.42 2.95
N SER C 159 -46.88 -43.32 3.61
CA SER C 159 -46.47 -43.09 4.99
C SER C 159 -44.97 -43.34 5.11
N THR C 160 -44.25 -42.94 4.07
CA THR C 160 -42.83 -43.25 4.07
C THR C 160 -41.99 -42.20 3.35
N TYR C 161 -41.00 -41.69 4.06
CA TYR C 161 -40.01 -40.85 3.44
C TYR C 161 -38.83 -41.74 3.64
N PRO C 162 -38.43 -42.44 2.61
CA PRO C 162 -37.30 -43.34 2.71
C PRO C 162 -36.00 -42.61 2.91
N VAL C 163 -34.95 -43.32 3.29
CA VAL C 163 -33.66 -42.66 3.31
C VAL C 163 -33.20 -42.53 1.87
N LEU C 164 -33.28 -41.34 1.32
CA LEU C 164 -32.79 -41.05 -0.01
C LEU C 164 -31.27 -41.20 0.01
N ASN C 165 -30.74 -41.82 -1.02
CA ASN C 165 -29.31 -42.01 -1.12
C ASN C 165 -28.99 -42.04 -2.59
N VAL C 166 -28.78 -40.90 -3.25
CA VAL C 166 -28.54 -40.88 -4.68
C VAL C 166 -27.12 -40.47 -4.97
N THR C 167 -26.64 -40.63 -6.19
CA THR C 167 -25.29 -40.27 -6.53
C THR C 167 -25.27 -39.70 -7.94
N MET C 168 -24.32 -38.86 -8.26
CA MET C 168 -24.28 -38.25 -9.58
C MET C 168 -22.81 -37.91 -9.81
N PRO C 169 -22.10 -38.71 -10.59
CA PRO C 169 -20.70 -38.52 -10.90
C PRO C 169 -20.42 -37.30 -11.73
N ASN C 170 -19.19 -36.87 -11.62
CA ASN C 170 -18.76 -35.78 -12.44
C ASN C 170 -17.82 -36.44 -13.40
N ASN C 171 -18.38 -37.04 -14.43
CA ASN C 171 -17.53 -37.66 -15.42
C ASN C 171 -17.10 -36.64 -16.47
N ASP C 172 -17.53 -35.41 -16.25
CA ASP C 172 -17.32 -34.35 -17.18
C ASP C 172 -15.95 -33.73 -17.10
N ASN C 173 -15.79 -32.74 -17.96
CA ASN C 173 -14.54 -32.05 -18.05
C ASN C 173 -14.42 -30.87 -17.09
N PHE C 174 -15.49 -30.47 -16.42
CA PHE C 174 -15.48 -29.21 -15.68
C PHE C 174 -16.06 -29.34 -14.29
N ASP C 175 -15.87 -28.32 -13.47
CA ASP C 175 -16.50 -28.28 -12.17
C ASP C 175 -17.98 -27.97 -12.33
N LYS C 176 -18.78 -28.58 -11.47
CA LYS C 176 -20.21 -28.44 -11.49
C LYS C 176 -20.62 -27.82 -10.17
N LEU C 177 -21.49 -26.81 -10.15
CA LEU C 177 -21.93 -26.18 -8.91
C LEU C 177 -23.33 -26.66 -8.63
N TYR C 178 -23.61 -27.42 -7.57
CA TYR C 178 -24.99 -27.81 -7.26
C TYR C 178 -25.56 -26.93 -6.15
N ILE C 179 -26.76 -26.36 -6.30
CA ILE C 179 -27.43 -25.58 -5.25
C ILE C 179 -28.53 -26.49 -4.68
N TRP C 180 -28.53 -26.68 -3.37
CA TRP C 180 -29.54 -27.49 -2.74
C TRP C 180 -30.00 -26.81 -1.45
N GLY C 181 -30.84 -27.44 -0.62
CA GLY C 181 -31.27 -26.76 0.57
C GLY C 181 -31.98 -27.71 1.48
N ILE C 182 -32.45 -27.20 2.60
CA ILE C 182 -33.14 -27.99 3.58
C ILE C 182 -34.34 -27.16 3.99
N HIS C 183 -35.49 -27.76 4.29
CA HIS C 183 -36.67 -27.00 4.71
C HIS C 183 -36.75 -27.04 6.22
N HIS C 184 -37.00 -25.92 6.87
CA HIS C 184 -37.17 -25.89 8.31
C HIS C 184 -38.64 -25.70 8.51
N PRO C 185 -39.36 -26.66 9.08
CA PRO C 185 -40.81 -26.56 9.32
C PRO C 185 -41.10 -25.60 10.46
N SER C 186 -42.30 -25.06 10.62
CA SER C 186 -42.51 -24.15 11.74
C SER C 186 -43.12 -24.88 12.91
N THR C 187 -43.85 -25.96 12.66
CA THR C 187 -44.40 -26.72 13.75
C THR C 187 -44.01 -28.18 13.64
N ASN C 188 -44.01 -28.91 14.75
CA ASN C 188 -43.67 -30.32 14.75
C ASN C 188 -44.64 -31.12 13.93
N GLN C 189 -45.92 -30.75 14.02
CA GLN C 189 -46.96 -31.34 13.19
C GLN C 189 -46.62 -31.14 11.69
N GLU C 190 -46.04 -29.98 11.30
CA GLU C 190 -45.68 -29.74 9.92
C GLU C 190 -44.55 -30.67 9.50
N GLN C 191 -43.55 -30.84 10.37
CA GLN C 191 -42.41 -31.73 10.12
C GLN C 191 -42.89 -33.13 9.78
N THR C 192 -43.61 -33.74 10.70
CA THR C 192 -44.10 -35.10 10.55
C THR C 192 -45.08 -35.25 9.41
N SER C 193 -45.96 -34.27 9.25
CA SER C 193 -46.89 -34.27 8.14
C SER C 193 -46.15 -34.43 6.81
N LEU C 194 -45.14 -33.61 6.57
CA LEU C 194 -44.44 -33.63 5.31
C LEU C 194 -43.44 -34.73 5.16
N TYR C 195 -42.58 -34.88 6.14
CA TYR C 195 -41.42 -35.74 5.96
C TYR C 195 -41.47 -36.99 6.83
N VAL C 196 -42.59 -37.19 7.52
CA VAL C 196 -42.85 -38.34 8.39
C VAL C 196 -41.96 -38.41 9.61
N GLN C 197 -40.64 -38.50 9.48
CA GLN C 197 -39.78 -38.55 10.66
C GLN C 197 -39.84 -37.28 11.47
N ALA C 198 -39.49 -37.37 12.75
CA ALA C 198 -39.51 -36.20 13.62
C ALA C 198 -38.36 -35.23 13.37
N SER C 199 -37.28 -35.74 12.79
CA SER C 199 -36.10 -34.95 12.51
C SER C 199 -35.55 -35.35 11.18
N GLY C 200 -35.53 -34.40 10.25
CA GLY C 200 -34.90 -34.67 8.96
C GLY C 200 -33.39 -34.58 9.11
N ARG C 201 -32.69 -34.74 7.99
CA ARG C 201 -31.26 -34.74 7.96
C ARG C 201 -30.86 -34.68 6.50
N VAL C 202 -29.95 -33.82 6.11
CA VAL C 202 -29.47 -33.81 4.74
C VAL C 202 -27.95 -33.87 4.85
N THR C 203 -27.29 -34.80 4.18
CA THR C 203 -25.84 -34.89 4.10
C THR C 203 -25.49 -34.90 2.62
N VAL C 204 -24.70 -33.94 2.16
CA VAL C 204 -24.33 -33.87 0.76
C VAL C 204 -22.84 -34.01 0.82
N SER C 205 -22.28 -34.93 0.07
CA SER C 205 -20.86 -35.23 0.15
C SER C 205 -20.24 -35.47 -1.20
N THR C 206 -18.95 -35.28 -1.26
CA THR C 206 -18.17 -35.65 -2.43
C THR C 206 -17.02 -36.48 -1.91
N ARG C 207 -15.99 -36.81 -2.65
CA ARG C 207 -14.90 -37.52 -2.03
C ARG C 207 -14.13 -36.56 -1.16
N ARG C 208 -14.11 -35.31 -1.57
CA ARG C 208 -13.38 -34.28 -0.87
C ARG C 208 -14.10 -33.62 0.31
N SER C 209 -15.41 -33.76 0.51
CA SER C 209 -16.06 -33.00 1.56
C SER C 209 -17.37 -33.62 1.96
N GLN C 210 -18.01 -33.08 2.97
CA GLN C 210 -19.34 -33.50 3.40
C GLN C 210 -19.98 -32.32 4.07
N GLN C 211 -21.30 -32.20 4.15
CA GLN C 211 -21.91 -31.24 5.05
C GLN C 211 -23.21 -31.86 5.42
N THR C 212 -23.51 -31.84 6.70
CA THR C 212 -24.76 -32.39 7.15
C THR C 212 -25.47 -31.24 7.80
N ILE C 213 -26.68 -30.98 7.39
CA ILE C 213 -27.44 -29.93 7.99
C ILE C 213 -28.64 -30.64 8.59
N ILE C 214 -29.07 -30.23 9.77
CA ILE C 214 -30.30 -30.77 10.32
C ILE C 214 -31.24 -29.57 10.38
N PRO C 215 -32.52 -29.73 10.08
CA PRO C 215 -33.49 -28.64 10.07
C PRO C 215 -33.77 -28.13 11.47
N ASN C 216 -34.56 -27.06 11.58
CA ASN C 216 -34.87 -26.49 12.88
C ASN C 216 -36.31 -26.07 12.90
N ILE C 217 -37.10 -26.77 13.69
CA ILE C 217 -38.53 -26.55 13.72
C ILE C 217 -38.86 -25.41 14.65
N GLY C 218 -39.57 -24.40 14.21
CA GLY C 218 -39.93 -23.32 15.10
C GLY C 218 -40.60 -22.20 14.34
N SER C 219 -41.27 -21.26 15.00
CA SER C 219 -41.88 -20.18 14.26
C SER C 219 -40.95 -19.01 13.98
N ARG C 220 -40.93 -18.66 12.71
CA ARG C 220 -40.25 -17.48 12.27
C ARG C 220 -41.32 -16.45 11.94
N PRO C 221 -41.00 -15.20 11.64
CA PRO C 221 -41.99 -14.23 11.27
C PRO C 221 -42.57 -14.59 9.90
N TRP C 222 -43.84 -14.25 9.79
CA TRP C 222 -44.67 -14.35 8.61
C TRP C 222 -44.01 -13.68 7.41
N VAL C 223 -43.63 -14.44 6.41
CA VAL C 223 -43.18 -13.87 5.17
C VAL C 223 -43.99 -14.58 4.14
N ARG C 224 -44.81 -13.82 3.41
CA ARG C 224 -45.72 -14.35 2.41
C ARG C 224 -46.58 -15.52 2.89
N GLY C 225 -47.17 -15.35 4.08
CA GLY C 225 -48.04 -16.38 4.65
C GLY C 225 -47.28 -17.50 5.31
N LEU C 226 -45.95 -17.54 5.21
CA LEU C 226 -45.21 -18.65 5.75
C LEU C 226 -44.34 -18.28 6.92
N SER C 227 -44.26 -19.25 7.83
CA SER C 227 -43.46 -19.12 9.02
C SER C 227 -42.30 -20.08 8.89
N SER C 228 -42.10 -20.65 7.72
CA SER C 228 -41.05 -21.62 7.56
C SER C 228 -39.97 -20.98 6.70
N ARG C 229 -38.78 -21.55 6.68
CA ARG C 229 -37.75 -21.04 5.81
C ARG C 229 -37.13 -22.21 5.13
N ILE C 230 -36.45 -21.96 4.03
CA ILE C 230 -35.55 -22.98 3.56
C ILE C 230 -34.18 -22.31 3.57
N SER C 231 -33.12 -23.03 3.96
CA SER C 231 -31.79 -22.45 3.93
C SER C 231 -31.08 -23.06 2.72
N ILE C 232 -30.33 -22.24 1.95
CA ILE C 232 -29.68 -22.63 0.69
C ILE C 232 -28.22 -23.01 0.89
N TYR C 233 -27.73 -24.04 0.21
CA TYR C 233 -26.35 -24.48 0.37
C TYR C 233 -25.80 -24.75 -1.03
N TRP C 234 -24.49 -24.81 -1.20
CA TRP C 234 -23.94 -25.03 -2.52
C TRP C 234 -22.83 -26.04 -2.41
N THR C 235 -22.63 -26.90 -3.40
CA THR C 235 -21.55 -27.86 -3.35
C THR C 235 -20.88 -27.81 -4.70
N ILE C 236 -19.56 -27.62 -4.80
CA ILE C 236 -18.96 -27.69 -6.13
C ILE C 236 -18.41 -29.08 -6.24
N VAL C 237 -18.62 -29.78 -7.35
CA VAL C 237 -18.10 -31.11 -7.52
C VAL C 237 -17.07 -31.04 -8.64
N LYS C 238 -15.82 -31.32 -8.29
CA LYS C 238 -14.69 -31.24 -9.22
C LYS C 238 -14.76 -32.34 -10.26
N PRO C 239 -14.08 -32.30 -11.42
CA PRO C 239 -14.16 -33.35 -12.43
C PRO C 239 -13.55 -34.64 -11.90
N GLY C 240 -14.23 -35.73 -12.18
CA GLY C 240 -13.85 -37.03 -11.65
C GLY C 240 -14.51 -37.35 -10.31
N ASP C 241 -15.09 -36.36 -9.61
CA ASP C 241 -15.62 -36.63 -8.28
C ASP C 241 -17.06 -37.14 -8.31
N VAL C 242 -17.69 -37.38 -7.18
CA VAL C 242 -19.01 -37.91 -7.19
C VAL C 242 -19.80 -37.04 -6.24
N LEU C 243 -21.06 -36.76 -6.53
CA LEU C 243 -21.90 -36.12 -5.55
C LEU C 243 -22.72 -37.26 -4.95
N VAL C 244 -22.85 -37.34 -3.63
CA VAL C 244 -23.78 -38.27 -3.03
C VAL C 244 -24.73 -37.45 -2.17
N ILE C 245 -26.05 -37.46 -2.44
CA ILE C 245 -26.97 -36.71 -1.60
C ILE C 245 -27.69 -37.76 -0.81
N ASN C 246 -27.68 -37.69 0.51
CA ASN C 246 -28.34 -38.66 1.35
C ASN C 246 -29.23 -37.90 2.32
N SER C 247 -30.49 -38.28 2.45
CA SER C 247 -31.36 -37.57 3.35
C SER C 247 -32.48 -38.46 3.81
N ASN C 248 -32.98 -38.25 5.03
CA ASN C 248 -34.21 -38.93 5.39
C ASN C 248 -35.30 -37.89 5.59
N GLY C 249 -35.14 -36.64 5.17
CA GLY C 249 -36.26 -35.72 5.28
C GLY C 249 -35.82 -34.29 5.10
N ASN C 250 -36.75 -33.44 4.70
CA ASN C 250 -36.54 -32.00 4.58
C ASN C 250 -35.60 -31.60 3.43
N LEU C 251 -35.25 -32.52 2.54
CA LEU C 251 -34.36 -32.18 1.42
C LEU C 251 -35.12 -31.32 0.42
N ILE C 252 -34.44 -30.30 -0.08
CA ILE C 252 -34.88 -29.52 -1.20
C ILE C 252 -33.82 -29.96 -2.20
N ALA C 253 -34.14 -30.87 -3.11
CA ALA C 253 -33.14 -31.44 -4.02
C ALA C 253 -32.71 -30.59 -5.23
N PRO C 254 -31.48 -30.73 -5.70
CA PRO C 254 -31.00 -29.99 -6.87
C PRO C 254 -31.63 -30.55 -8.14
N ARG C 255 -32.01 -29.79 -9.18
CA ARG C 255 -32.48 -30.48 -10.39
C ARG C 255 -31.36 -30.68 -11.42
N GLY C 256 -30.10 -30.43 -11.07
CA GLY C 256 -28.96 -30.57 -11.97
C GLY C 256 -27.86 -29.61 -11.50
N TYR C 257 -27.01 -29.14 -12.41
CA TYR C 257 -25.92 -28.29 -12.02
C TYR C 257 -25.77 -27.03 -12.87
N PHE C 258 -25.11 -26.04 -12.28
CA PHE C 258 -24.76 -24.83 -12.98
C PHE C 258 -23.35 -25.05 -13.44
N LYS C 259 -22.99 -24.59 -14.62
CA LYS C 259 -21.62 -24.70 -15.08
C LYS C 259 -20.79 -23.60 -14.48
N MET C 260 -19.59 -23.92 -14.01
CA MET C 260 -18.75 -22.84 -13.53
C MET C 260 -17.79 -22.40 -14.61
N ARG C 261 -17.60 -21.10 -14.73
CA ARG C 261 -16.61 -20.53 -15.60
C ARG C 261 -15.61 -19.74 -14.79
N THR C 262 -14.53 -19.33 -15.44
CA THR C 262 -13.49 -18.52 -14.84
C THR C 262 -13.35 -17.40 -15.82
N GLY C 263 -13.74 -16.19 -15.48
CA GLY C 263 -13.70 -15.10 -16.44
C GLY C 263 -13.48 -13.80 -15.70
N LYS C 264 -13.98 -12.72 -16.26
CA LYS C 264 -13.78 -11.43 -15.63
C LYS C 264 -15.11 -10.89 -15.18
N SER C 265 -16.00 -11.75 -14.74
CA SER C 265 -17.33 -11.28 -14.46
C SER C 265 -17.43 -10.86 -13.02
N SER C 266 -18.34 -9.91 -12.81
CA SER C 266 -18.60 -9.37 -11.52
C SER C 266 -20.02 -8.95 -11.41
N ILE C 267 -20.41 -8.47 -10.25
CA ILE C 267 -21.75 -8.00 -10.03
C ILE C 267 -21.56 -6.62 -9.43
N MET C 268 -22.48 -5.69 -9.64
CA MET C 268 -22.35 -4.34 -9.10
C MET C 268 -23.71 -3.80 -8.73
N ARG C 269 -23.93 -3.23 -7.57
CA ARG C 269 -25.23 -2.67 -7.25
C ARG C 269 -25.21 -1.26 -7.77
N SER C 270 -26.22 -0.88 -8.53
CA SER C 270 -26.29 0.44 -9.12
C SER C 270 -27.70 0.66 -9.64
N ASP C 271 -28.17 1.90 -9.56
CA ASP C 271 -29.44 2.21 -10.16
C ASP C 271 -29.22 3.07 -11.38
N ALA C 272 -27.97 3.25 -11.79
CA ALA C 272 -27.70 4.00 -12.97
C ALA C 272 -28.32 3.32 -14.18
N PRO C 273 -28.98 4.05 -15.07
CA PRO C 273 -29.58 3.55 -16.29
C PRO C 273 -28.52 3.04 -17.21
N ILE C 274 -28.80 1.93 -17.89
CA ILE C 274 -27.88 1.42 -18.88
C ILE C 274 -28.22 2.14 -20.17
N ASP C 275 -27.22 2.55 -20.93
CA ASP C 275 -27.46 3.33 -22.12
C ASP C 275 -26.50 2.82 -23.17
N THR C 276 -26.78 3.14 -24.41
CA THR C 276 -25.95 2.63 -25.46
C THR C 276 -24.87 3.62 -25.72
N CYS C 277 -23.65 3.22 -25.43
CA CYS C 277 -22.48 4.04 -25.62
C CYS C 277 -21.32 3.20 -25.23
N ILE C 278 -20.10 3.61 -25.51
CA ILE C 278 -19.01 2.73 -25.20
C ILE C 278 -18.09 3.44 -24.24
N SER C 279 -17.83 2.76 -23.14
CA SER C 279 -17.00 3.25 -22.06
C SER C 279 -16.43 2.04 -21.36
N GLU C 280 -15.13 2.02 -21.09
CA GLU C 280 -14.57 0.84 -20.46
C GLU C 280 -14.59 0.88 -18.95
N CYS C 281 -14.69 2.07 -18.36
CA CYS C 281 -14.69 2.15 -16.93
C CYS C 281 -16.09 2.31 -16.46
N ILE C 282 -16.54 1.46 -15.55
CA ILE C 282 -17.88 1.57 -14.98
C ILE C 282 -17.77 1.74 -13.47
N THR C 283 -18.50 2.67 -12.92
CA THR C 283 -18.60 2.80 -11.49
C THR C 283 -20.10 2.70 -11.25
N PRO C 284 -20.62 2.53 -10.02
CA PRO C 284 -22.04 2.49 -9.78
C PRO C 284 -22.70 3.81 -10.08
N ASN C 285 -21.92 4.88 -10.29
CA ASN C 285 -22.51 6.17 -10.65
C ASN C 285 -22.68 6.31 -12.13
N GLY C 286 -22.28 5.33 -12.92
CA GLY C 286 -22.34 5.47 -14.35
C GLY C 286 -20.93 5.36 -14.84
N SER C 287 -20.72 5.40 -16.14
CA SER C 287 -19.39 5.26 -16.66
C SER C 287 -18.63 6.57 -16.65
N ILE C 288 -17.31 6.47 -16.58
CA ILE C 288 -16.44 7.62 -16.50
C ILE C 288 -15.29 7.42 -17.50
N PRO C 289 -14.72 8.47 -18.07
CA PRO C 289 -13.63 8.32 -19.02
C PRO C 289 -12.29 8.08 -18.35
N ASN C 290 -11.62 7.04 -18.83
CA ASN C 290 -10.34 6.69 -18.26
C ASN C 290 -9.18 7.42 -18.93
N ASP C 291 -9.37 8.66 -19.37
CA ASP C 291 -8.25 9.42 -19.91
C ASP C 291 -7.36 9.84 -18.76
N LYS C 292 -7.91 10.32 -17.66
CA LYS C 292 -7.08 10.77 -16.55
C LYS C 292 -6.54 9.62 -15.70
N PRO C 293 -5.39 9.73 -15.04
CA PRO C 293 -4.85 8.66 -14.22
C PRO C 293 -5.60 8.38 -12.93
N PHE C 294 -6.31 9.34 -12.39
CA PHE C 294 -6.93 9.17 -11.09
C PHE C 294 -8.37 9.59 -11.20
N GLN C 295 -9.23 9.19 -10.29
CA GLN C 295 -10.63 9.53 -10.34
C GLN C 295 -11.13 9.67 -8.94
N ASN C 296 -12.23 10.34 -8.81
CA ASN C 296 -12.84 10.57 -7.53
C ASN C 296 -14.35 10.31 -7.57
N VAL C 297 -14.85 9.65 -8.63
CA VAL C 297 -16.26 9.40 -8.78
C VAL C 297 -16.73 8.37 -7.76
N ASN C 298 -16.09 7.21 -7.69
CA ASN C 298 -16.51 6.17 -6.76
C ASN C 298 -15.36 5.17 -6.59
N LYS C 299 -15.27 4.54 -5.42
CA LYS C 299 -14.21 3.58 -5.14
C LYS C 299 -14.60 2.22 -5.67
N ILE C 300 -15.84 2.05 -6.11
CA ILE C 300 -16.30 0.78 -6.68
C ILE C 300 -16.17 0.91 -8.18
N THR C 301 -15.51 0.00 -8.87
CA THR C 301 -15.29 0.18 -10.30
C THR C 301 -15.22 -1.19 -10.96
N TYR C 302 -15.43 -1.26 -12.27
CA TYR C 302 -15.30 -2.49 -13.04
C TYR C 302 -14.64 -2.07 -14.34
N GLY C 303 -13.65 -2.78 -14.85
CA GLY C 303 -13.05 -2.44 -16.14
C GLY C 303 -11.78 -1.61 -16.04
N ALA C 304 -11.32 -1.00 -17.13
CA ALA C 304 -10.10 -0.19 -17.13
C ALA C 304 -10.35 1.18 -16.57
N CYS C 305 -10.18 1.40 -15.29
CA CYS C 305 -10.55 2.69 -14.71
C CYS C 305 -9.42 3.49 -14.09
N PRO C 306 -9.59 4.77 -13.85
CA PRO C 306 -8.59 5.56 -13.19
C PRO C 306 -8.54 5.13 -11.71
N LYS C 307 -7.44 5.39 -10.99
CA LYS C 307 -7.32 4.95 -9.63
C LYS C 307 -8.04 5.94 -8.75
N TYR C 308 -8.87 5.42 -7.88
CA TYR C 308 -9.62 6.24 -6.95
C TYR C 308 -8.68 6.91 -5.98
N VAL C 309 -8.94 8.17 -5.76
CA VAL C 309 -8.11 8.98 -4.93
C VAL C 309 -9.09 9.82 -4.10
N LYS C 310 -8.65 10.35 -2.97
CA LYS C 310 -9.52 11.17 -2.17
C LYS C 310 -9.62 12.55 -2.80
N GLN C 311 -8.51 13.05 -3.36
CA GLN C 311 -8.45 14.39 -3.93
C GLN C 311 -9.47 14.58 -5.02
N ASN C 312 -10.20 15.68 -5.05
CA ASN C 312 -11.10 15.84 -6.17
C ASN C 312 -10.47 16.67 -7.27
N THR C 313 -9.31 17.28 -7.03
CA THR C 313 -8.61 17.94 -8.10
C THR C 313 -7.09 17.85 -7.85
N LEU C 314 -6.31 17.59 -8.90
CA LEU C 314 -4.86 17.50 -8.83
C LEU C 314 -4.35 18.00 -10.18
N LYS C 315 -3.85 19.23 -10.22
CA LYS C 315 -3.42 19.84 -11.48
C LYS C 315 -1.95 19.63 -11.78
N LEU C 316 -1.65 19.12 -12.97
CA LEU C 316 -0.30 18.92 -13.42
C LEU C 316 0.07 20.13 -14.26
N ALA C 317 1.05 20.92 -13.87
CA ALA C 317 1.50 22.05 -14.67
C ALA C 317 2.06 21.53 -15.97
N THR C 318 1.59 22.11 -17.05
CA THR C 318 2.05 21.79 -18.36
C THR C 318 2.62 23.03 -19.02
N GLY C 319 3.15 23.94 -18.21
CA GLY C 319 3.76 25.15 -18.74
C GLY C 319 4.65 25.80 -17.68
N MET C 320 5.43 26.81 -18.06
CA MET C 320 6.33 27.49 -17.17
C MET C 320 5.61 28.35 -16.19
N ARG C 321 6.36 29.04 -15.34
CA ARG C 321 5.81 30.03 -14.46
C ARG C 321 5.17 31.14 -15.23
N ASN C 322 4.09 31.65 -14.73
CA ASN C 322 3.44 32.77 -15.36
C ASN C 322 3.91 34.02 -14.64
N VAL C 323 4.70 34.89 -15.25
CA VAL C 323 5.13 36.13 -14.58
C VAL C 323 4.65 37.26 -15.50
N PRO C 324 3.37 37.70 -15.48
CA PRO C 324 2.80 38.72 -16.36
C PRO C 324 3.37 40.11 -16.23
N GLU C 325 3.34 41.05 -17.19
CA GLU C 325 3.87 42.38 -16.84
C GLU C 325 2.74 43.34 -16.54
N LYS C 326 1.63 43.28 -17.29
CA LYS C 326 0.54 44.20 -17.02
C LYS C 326 -0.06 43.68 -15.73
N GLN C 327 -0.67 42.50 -15.90
CA GLN C 327 -1.35 41.67 -14.90
C GLN C 327 -2.21 40.75 -15.76
N THR C 328 -3.02 41.47 -16.52
CA THR C 328 -3.97 40.98 -17.48
C THR C 328 -4.28 42.33 -18.19
N GLY D 1 13.12 29.31 -8.96
CA GLY D 1 13.64 28.43 -10.00
C GLY D 1 15.14 28.26 -9.74
N LEU D 2 15.65 27.04 -9.88
CA LEU D 2 17.05 26.75 -9.64
C LEU D 2 17.97 27.66 -10.44
N PHE D 3 17.60 28.00 -11.67
CA PHE D 3 18.53 28.76 -12.45
C PHE D 3 18.40 30.28 -12.34
N GLY D 4 17.32 30.83 -11.79
CA GLY D 4 17.26 32.28 -11.60
C GLY D 4 17.06 33.17 -12.83
N ALA D 5 16.65 32.61 -13.98
CA ALA D 5 16.35 33.41 -15.16
C ALA D 5 14.90 33.87 -15.10
N ILE D 6 13.91 32.97 -15.26
CA ILE D 6 12.48 33.31 -15.20
C ILE D 6 12.19 33.77 -13.79
N ALA D 7 11.41 34.83 -13.64
CA ALA D 7 11.14 35.41 -12.34
C ALA D 7 12.43 35.78 -11.64
N GLY D 8 13.51 35.94 -12.42
CA GLY D 8 14.82 36.20 -11.87
C GLY D 8 15.38 37.36 -12.67
N PHE D 9 16.54 37.16 -13.30
CA PHE D 9 17.12 38.26 -14.04
C PHE D 9 16.23 38.68 -15.19
N ILE D 10 15.40 37.78 -15.69
CA ILE D 10 14.43 38.21 -16.66
C ILE D 10 13.19 38.55 -15.84
N GLU D 11 13.15 39.81 -15.42
CA GLU D 11 12.11 40.37 -14.61
C GLU D 11 10.71 39.82 -14.77
N ASN D 12 10.18 39.78 -15.98
CA ASN D 12 8.84 39.28 -16.16
C ASN D 12 8.69 38.74 -17.53
N GLY D 13 7.51 38.27 -17.85
CA GLY D 13 7.27 37.61 -19.11
C GLY D 13 6.67 38.58 -20.09
N TRP D 14 6.48 38.19 -21.31
CA TRP D 14 5.91 39.07 -22.28
C TRP D 14 4.55 38.49 -22.62
N GLU D 15 3.45 39.15 -22.25
CA GLU D 15 2.12 38.67 -22.61
C GLU D 15 1.93 38.76 -24.11
N GLY D 16 2.71 39.65 -24.72
CA GLY D 16 2.67 39.87 -26.16
C GLY D 16 3.29 38.75 -26.99
N MET D 17 4.10 37.84 -26.43
CA MET D 17 4.73 36.89 -27.29
C MET D 17 3.77 35.73 -27.48
N ILE D 18 2.92 35.84 -28.48
CA ILE D 18 1.89 34.85 -28.70
C ILE D 18 2.35 33.71 -29.59
N ASP D 19 3.58 33.70 -30.09
CA ASP D 19 4.01 32.71 -31.07
C ASP D 19 5.10 31.74 -30.62
N GLY D 20 5.45 31.69 -29.33
CA GLY D 20 6.44 30.75 -28.84
C GLY D 20 6.55 30.90 -27.33
N TRP D 21 7.38 30.09 -26.67
CA TRP D 21 7.48 30.22 -25.24
C TRP D 21 8.66 31.06 -24.84
N TYR D 22 9.72 31.04 -25.64
CA TYR D 22 10.91 31.82 -25.34
C TYR D 22 11.19 32.63 -26.60
N GLY D 23 11.88 33.75 -26.53
CA GLY D 23 12.14 34.51 -27.74
C GLY D 23 13.01 35.73 -27.52
N PHE D 24 13.11 36.51 -28.59
CA PHE D 24 13.95 37.68 -28.67
C PHE D 24 13.18 38.93 -28.97
N ARG D 25 13.53 40.04 -28.35
CA ARG D 25 13.11 41.35 -28.80
C ARG D 25 14.41 42.11 -29.15
N HIS D 26 14.42 43.11 -30.01
CA HIS D 26 15.64 43.82 -30.27
C HIS D 26 15.33 45.24 -30.66
N GLN D 27 16.31 46.09 -30.63
CA GLN D 27 16.14 47.42 -31.16
C GLN D 27 17.48 47.63 -31.80
N ASN D 28 17.50 47.68 -33.13
CA ASN D 28 18.75 47.81 -33.88
C ASN D 28 18.73 48.97 -34.84
N SER D 29 19.70 49.18 -35.76
CA SER D 29 19.70 50.33 -36.67
C SER D 29 18.38 50.51 -37.36
N GLU D 30 17.73 49.46 -37.87
CA GLU D 30 16.41 49.74 -38.41
C GLU D 30 15.20 49.46 -37.52
N GLY D 31 15.20 49.95 -36.27
CA GLY D 31 14.01 49.90 -35.43
C GLY D 31 13.88 48.67 -34.54
N THR D 32 12.79 48.62 -33.77
CA THR D 32 12.50 47.52 -32.87
C THR D 32 11.80 46.35 -33.53
N GLY D 33 11.92 45.15 -32.93
CA GLY D 33 11.23 43.95 -33.42
C GLY D 33 11.26 42.81 -32.41
N GLN D 34 10.30 41.90 -32.36
CA GLN D 34 10.28 40.76 -31.48
C GLN D 34 10.20 39.50 -32.34
N ALA D 35 10.54 38.30 -31.89
CA ALA D 35 10.43 37.07 -32.67
C ALA D 35 10.57 35.89 -31.73
N ALA D 36 9.71 34.88 -31.72
CA ALA D 36 9.87 33.76 -30.79
C ALA D 36 10.93 32.77 -31.24
N ASP D 37 11.59 32.08 -30.31
CA ASP D 37 12.57 31.08 -30.70
C ASP D 37 11.91 29.71 -30.72
N LEU D 38 11.87 29.07 -31.88
CA LEU D 38 11.19 27.81 -31.94
C LEU D 38 11.97 26.62 -31.44
N LYS D 39 13.30 26.67 -31.39
CA LYS D 39 14.02 25.50 -30.91
C LYS D 39 13.89 25.32 -29.42
N SER D 40 13.98 26.38 -28.60
CA SER D 40 13.84 26.17 -27.18
C SER D 40 12.37 25.95 -26.87
N THR D 41 11.45 26.60 -27.59
CA THR D 41 10.05 26.31 -27.36
C THR D 41 9.70 24.85 -27.59
N GLN D 42 10.25 24.19 -28.60
CA GLN D 42 9.99 22.77 -28.77
C GLN D 42 10.62 21.97 -27.64
N ALA D 43 11.91 22.21 -27.32
CA ALA D 43 12.57 21.53 -26.22
C ALA D 43 11.74 21.55 -24.93
N ALA D 44 11.26 22.71 -24.52
CA ALA D 44 10.38 22.80 -23.37
C ALA D 44 9.12 21.96 -23.56
N ILE D 45 8.46 22.06 -24.72
CA ILE D 45 7.22 21.34 -25.00
C ILE D 45 7.37 19.83 -25.02
N ASP D 46 8.39 19.30 -25.70
CA ASP D 46 8.54 17.87 -25.81
C ASP D 46 8.80 17.23 -24.47
N GLN D 47 9.65 17.81 -23.63
CA GLN D 47 9.85 17.29 -22.27
C GLN D 47 8.54 17.28 -21.50
N ILE D 48 7.78 18.38 -21.59
CA ILE D 48 6.50 18.41 -20.88
C ILE D 48 5.56 17.37 -21.44
N ASN D 49 5.58 17.12 -22.74
CA ASN D 49 4.71 16.08 -23.28
C ASN D 49 5.15 14.71 -22.86
N GLY D 50 6.45 14.52 -22.74
CA GLY D 50 7.00 13.25 -22.37
C GLY D 50 6.52 12.84 -21.00
N LYS D 51 6.71 13.73 -20.02
CA LYS D 51 6.27 13.40 -18.69
C LYS D 51 4.79 13.27 -18.70
N LEU D 52 4.12 14.13 -19.46
CA LEU D 52 2.67 14.04 -19.46
C LEU D 52 2.18 12.71 -20.01
N ASN D 53 2.85 12.15 -21.01
CA ASN D 53 2.41 10.89 -21.56
C ASN D 53 2.68 9.74 -20.62
N ARG D 54 3.77 9.79 -19.86
CA ARG D 54 4.12 8.72 -18.95
C ARG D 54 3.09 8.70 -17.84
N VAL D 55 2.66 9.84 -17.31
CA VAL D 55 1.70 9.85 -16.23
C VAL D 55 0.29 9.55 -16.76
N ILE D 56 0.01 9.79 -18.04
CA ILE D 56 -1.31 9.53 -18.58
C ILE D 56 -1.44 8.09 -19.08
N GLU D 57 -0.38 7.27 -19.00
CA GLU D 57 -0.41 5.90 -19.51
C GLU D 57 -0.76 4.86 -18.45
N LYS D 58 -0.97 3.63 -18.92
CA LYS D 58 -1.21 2.43 -18.11
C LYS D 58 -2.41 2.36 -17.12
N THR D 59 -3.69 2.43 -17.55
CA THR D 59 -4.76 2.14 -16.59
C THR D 59 -4.79 0.64 -16.37
N ASN D 60 -4.85 0.26 -15.13
CA ASN D 60 -4.88 -1.14 -14.78
C ASN D 60 -6.37 -1.51 -14.81
N GLU D 61 -6.70 -2.64 -15.43
CA GLU D 61 -8.08 -3.11 -15.41
C GLU D 61 -8.27 -3.86 -14.13
N LYS D 62 -9.40 -3.75 -13.48
CA LYS D 62 -9.67 -4.61 -12.35
C LYS D 62 -11.08 -5.08 -12.55
N PHE D 63 -11.36 -6.35 -12.29
CA PHE D 63 -12.71 -6.80 -12.45
C PHE D 63 -13.31 -7.14 -11.08
N HIS D 64 -13.57 -8.40 -10.74
CA HIS D 64 -14.20 -8.73 -9.48
C HIS D 64 -13.25 -8.42 -8.36
N GLN D 65 -13.58 -7.45 -7.54
CA GLN D 65 -12.72 -7.15 -6.42
C GLN D 65 -13.39 -7.58 -5.10
N ILE D 66 -13.29 -6.83 -4.01
CA ILE D 66 -13.97 -7.14 -2.78
C ILE D 66 -15.12 -6.17 -2.73
N GLU D 67 -16.10 -6.44 -1.88
CA GLU D 67 -17.27 -5.57 -1.79
C GLU D 67 -16.87 -4.36 -1.00
N LYS D 68 -17.34 -3.17 -1.31
CA LYS D 68 -16.84 -2.01 -0.58
C LYS D 68 -17.90 -1.20 0.10
N GLU D 69 -19.13 -1.70 0.18
CA GLU D 69 -20.25 -1.03 0.79
C GLU D 69 -21.10 -2.13 1.41
N PHE D 70 -21.46 -2.01 2.68
CA PHE D 70 -22.15 -3.08 3.39
C PHE D 70 -23.45 -2.53 3.86
N SER D 71 -24.43 -3.34 4.21
CA SER D 71 -25.71 -2.79 4.63
C SER D 71 -26.26 -3.50 5.84
N GLU D 72 -25.40 -4.25 6.51
CA GLU D 72 -25.76 -5.05 7.64
C GLU D 72 -24.50 -5.04 8.54
N VAL D 73 -24.61 -5.16 9.84
CA VAL D 73 -23.43 -5.02 10.67
C VAL D 73 -22.89 -6.42 10.94
N GLU D 74 -21.68 -6.67 10.46
CA GLU D 74 -21.16 -8.01 10.59
C GLU D 74 -20.03 -8.22 11.59
N GLY D 75 -19.22 -7.20 11.88
CA GLY D 75 -18.11 -7.39 12.79
C GLY D 75 -16.75 -7.64 12.11
N ARG D 76 -16.02 -8.59 12.66
CA ARG D 76 -14.65 -8.78 12.34
C ARG D 76 -14.30 -8.87 10.85
N ILE D 77 -14.95 -9.70 10.04
CA ILE D 77 -14.53 -9.78 8.65
C ILE D 77 -14.84 -8.49 7.89
N GLN D 78 -15.97 -7.86 8.17
CA GLN D 78 -16.34 -6.63 7.48
C GLN D 78 -15.41 -5.46 7.87
N ASP D 79 -14.97 -5.47 9.15
CA ASP D 79 -13.99 -4.53 9.69
C ASP D 79 -12.72 -4.61 8.86
N LEU D 80 -12.27 -5.82 8.53
CA LEU D 80 -11.07 -6.03 7.76
C LEU D 80 -11.26 -5.57 6.32
N GLU D 81 -12.42 -5.86 5.73
CA GLU D 81 -12.71 -5.41 4.35
C GLU D 81 -12.64 -3.92 4.25
N LYS D 82 -13.24 -3.21 5.19
CA LYS D 82 -13.15 -1.76 5.15
C LYS D 82 -11.73 -1.27 5.41
N TYR D 83 -10.93 -1.91 6.26
CA TYR D 83 -9.57 -1.48 6.49
C TYR D 83 -8.69 -1.66 5.28
N VAL D 84 -8.79 -2.78 4.58
CA VAL D 84 -7.99 -3.00 3.39
C VAL D 84 -8.24 -1.91 2.37
N GLU D 85 -9.51 -1.53 2.13
CA GLU D 85 -9.78 -0.54 1.14
C GLU D 85 -9.39 0.84 1.60
N ASP D 86 -9.60 1.15 2.88
CA ASP D 86 -9.27 2.50 3.32
C ASP D 86 -7.79 2.68 3.28
N THR D 87 -7.02 1.68 3.66
CA THR D 87 -5.59 1.86 3.58
C THR D 87 -5.12 1.89 2.14
N LYS D 88 -5.81 1.22 1.22
CA LYS D 88 -5.45 1.27 -0.16
C LYS D 88 -5.64 2.67 -0.70
N ILE D 89 -6.81 3.26 -0.42
CA ILE D 89 -7.16 4.60 -0.87
C ILE D 89 -6.20 5.64 -0.28
N ASP D 90 -5.82 5.54 0.96
CA ASP D 90 -4.92 6.54 1.47
C ASP D 90 -3.54 6.41 0.85
N LEU D 91 -3.08 5.19 0.56
CA LEU D 91 -1.77 5.04 -0.03
C LEU D 91 -1.78 5.59 -1.44
N TRP D 92 -2.83 5.29 -2.22
CA TRP D 92 -2.86 5.86 -3.55
C TRP D 92 -3.05 7.36 -3.51
N SER D 93 -3.77 7.93 -2.55
CA SER D 93 -3.89 9.37 -2.51
C SER D 93 -2.58 10.04 -2.21
N TYR D 94 -1.77 9.44 -1.33
CA TYR D 94 -0.46 9.98 -1.00
C TYR D 94 0.34 9.97 -2.28
N ASN D 95 0.31 8.85 -3.00
CA ASN D 95 1.02 8.79 -4.27
C ASN D 95 0.57 9.85 -5.26
N ALA D 96 -0.73 10.10 -5.49
CA ALA D 96 -1.09 11.09 -6.46
C ALA D 96 -0.61 12.48 -6.05
N GLU D 97 -0.69 12.78 -4.76
CA GLU D 97 -0.30 14.10 -4.28
C GLU D 97 1.21 14.32 -4.34
N LEU D 98 2.02 13.36 -3.93
CA LEU D 98 3.45 13.54 -4.05
C LEU D 98 3.83 13.58 -5.52
N LEU D 99 3.19 12.80 -6.39
CA LEU D 99 3.53 12.78 -7.80
C LEU D 99 3.33 14.12 -8.43
N VAL D 100 2.17 14.78 -8.32
CA VAL D 100 2.03 16.04 -9.01
C VAL D 100 2.90 17.11 -8.38
N ALA D 101 3.17 17.04 -7.07
CA ALA D 101 4.05 18.04 -6.47
C ALA D 101 5.47 17.94 -7.04
N LEU D 102 6.06 16.74 -6.96
CA LEU D 102 7.36 16.40 -7.49
C LEU D 102 7.44 16.84 -8.95
N GLU D 103 6.46 16.44 -9.74
CA GLU D 103 6.39 16.79 -11.13
C GLU D 103 6.38 18.28 -11.36
N ASN D 104 5.45 19.00 -10.73
CA ASN D 104 5.29 20.45 -10.94
C ASN D 104 6.51 21.23 -10.62
N GLN D 105 7.17 20.78 -9.59
CA GLN D 105 8.42 21.35 -9.16
C GLN D 105 9.41 21.21 -10.29
N HIS D 106 9.48 20.00 -10.86
CA HIS D 106 10.43 19.71 -11.92
C HIS D 106 10.08 20.44 -13.21
N THR D 107 8.79 20.65 -13.53
CA THR D 107 8.40 21.33 -14.75
C THR D 107 8.82 22.79 -14.68
N ILE D 108 8.65 23.43 -13.51
CA ILE D 108 9.11 24.81 -13.37
C ILE D 108 10.64 24.89 -13.52
N ASP D 109 11.42 23.91 -13.06
CA ASP D 109 12.85 24.02 -13.23
C ASP D 109 13.29 23.73 -14.65
N LEU D 110 12.62 22.79 -15.29
CA LEU D 110 12.85 22.43 -16.67
C LEU D 110 12.58 23.60 -17.61
N THR D 111 11.43 24.27 -17.54
CA THR D 111 11.17 25.40 -18.40
C THR D 111 12.12 26.55 -18.07
N GLY D 112 12.45 26.72 -16.79
CA GLY D 112 13.45 27.72 -16.38
C GLY D 112 14.83 27.42 -16.95
N SER D 113 15.20 26.15 -17.06
CA SER D 113 16.45 25.73 -17.57
C SER D 113 16.54 26.16 -19.01
N GLU D 114 15.51 25.87 -19.80
CA GLU D 114 15.51 26.22 -21.20
C GLU D 114 15.67 27.69 -21.41
N MET D 115 15.10 28.53 -20.52
CA MET D 115 15.28 29.98 -20.64
C MET D 115 16.74 30.30 -20.54
N ASN D 116 17.35 29.84 -19.46
CA ASN D 116 18.74 30.13 -19.18
C ASN D 116 19.64 29.52 -20.24
N LYS D 117 19.33 28.36 -20.75
CA LYS D 117 20.12 27.79 -21.83
C LYS D 117 20.08 28.69 -23.07
N LEU D 118 18.92 29.23 -23.47
CA LEU D 118 18.84 30.11 -24.64
C LEU D 118 19.73 31.30 -24.39
N PHE D 119 19.71 31.83 -23.17
CA PHE D 119 20.48 32.99 -22.82
C PHE D 119 21.96 32.69 -22.99
N GLU D 120 22.46 31.69 -22.29
CA GLU D 120 23.85 31.29 -22.37
C GLU D 120 24.30 31.04 -23.77
N LYS D 121 23.42 30.48 -24.58
CA LYS D 121 23.75 30.20 -25.95
C LYS D 121 23.93 31.50 -26.73
N THR D 122 22.98 32.42 -26.58
CA THR D 122 23.09 33.69 -27.25
C THR D 122 24.36 34.41 -26.78
N ARG D 123 24.67 34.29 -25.48
CA ARG D 123 25.87 34.89 -24.90
C ARG D 123 27.11 34.38 -25.63
N ARG D 124 27.25 33.07 -25.70
CA ARG D 124 28.44 32.52 -26.32
C ARG D 124 28.63 32.91 -27.76
N GLN D 125 27.55 33.03 -28.49
CA GLN D 125 27.59 33.40 -29.89
C GLN D 125 28.14 34.79 -30.09
N LEU D 126 27.70 35.73 -29.26
CA LEU D 126 28.10 37.10 -29.40
C LEU D 126 29.55 37.38 -29.05
N ARG D 127 30.26 36.38 -28.53
CA ARG D 127 31.64 36.50 -28.07
C ARG D 127 32.10 37.85 -27.50
N GLU D 128 33.05 38.60 -28.05
CA GLU D 128 33.49 39.81 -27.38
C GLU D 128 32.74 41.04 -27.79
N ASN D 129 31.65 40.85 -28.53
CA ASN D 129 31.02 41.96 -29.16
C ASN D 129 29.83 42.44 -28.40
N ALA D 130 29.53 41.83 -27.27
CA ALA D 130 28.37 42.29 -26.54
C ALA D 130 28.61 42.16 -25.08
N GLU D 131 27.92 42.96 -24.30
CA GLU D 131 27.99 42.88 -22.87
C GLU D 131 26.60 42.59 -22.37
N GLU D 132 26.55 41.80 -21.31
CA GLU D 132 25.28 41.49 -20.67
C GLU D 132 24.88 42.67 -19.81
N MET D 133 23.71 43.27 -20.00
CA MET D 133 23.37 44.30 -19.07
C MET D 133 22.57 43.74 -17.90
N GLY D 134 22.62 42.41 -17.75
CA GLY D 134 22.10 41.74 -16.56
C GLY D 134 20.60 41.73 -16.31
N ASN D 135 19.84 42.10 -17.30
CA ASN D 135 18.41 42.11 -17.18
C ASN D 135 17.88 41.21 -18.27
N GLY D 136 18.71 40.27 -18.76
CA GLY D 136 18.31 39.44 -19.88
C GLY D 136 18.57 40.11 -21.22
N CYS D 137 19.06 41.34 -21.28
CA CYS D 137 19.41 41.97 -22.54
C CYS D 137 20.91 42.07 -22.72
N PHE D 138 21.37 41.88 -23.92
CA PHE D 138 22.75 42.11 -24.30
C PHE D 138 22.86 43.45 -25.03
N LYS D 139 23.86 44.25 -24.71
CA LYS D 139 24.15 45.40 -25.51
C LYS D 139 25.12 44.94 -26.57
N ILE D 140 24.75 45.00 -27.85
CA ILE D 140 25.64 44.62 -28.93
C ILE D 140 26.44 45.86 -29.30
N TYR D 141 27.76 45.80 -29.12
CA TYR D 141 28.62 46.95 -29.33
C TYR D 141 29.07 47.18 -30.75
N HIS D 142 28.21 46.99 -31.75
CA HIS D 142 28.57 47.32 -33.13
C HIS D 142 27.27 47.53 -33.91
N LYS D 143 27.32 48.10 -35.11
CA LYS D 143 26.13 48.37 -35.88
C LYS D 143 25.53 47.04 -36.27
N CYS D 144 24.35 46.71 -35.78
CA CYS D 144 23.76 45.41 -36.09
C CYS D 144 22.35 45.59 -36.62
N ASP D 145 22.24 45.58 -37.94
CA ASP D 145 20.95 45.77 -38.61
C ASP D 145 20.07 44.54 -38.51
N ASN D 146 18.89 44.58 -39.14
CA ASN D 146 17.96 43.48 -38.99
C ASN D 146 18.50 42.15 -39.45
N ALA D 147 19.40 42.10 -40.41
CA ALA D 147 19.87 40.79 -40.86
C ALA D 147 20.86 40.25 -39.89
N CYS D 148 21.61 41.15 -39.24
CA CYS D 148 22.54 40.77 -38.19
C CYS D 148 21.72 40.17 -37.07
N ILE D 149 20.62 40.84 -36.63
CA ILE D 149 19.76 40.29 -35.59
C ILE D 149 19.22 38.94 -36.05
N GLU D 150 18.84 38.78 -37.32
CA GLU D 150 18.36 37.49 -37.82
C GLU D 150 19.44 36.44 -37.70
N SER D 151 20.71 36.76 -37.94
CA SER D 151 21.73 35.73 -37.85
C SER D 151 22.09 35.36 -36.43
N ILE D 152 21.92 36.26 -35.44
CA ILE D 152 22.16 35.88 -34.05
C ILE D 152 21.05 34.92 -33.65
N ARG D 153 19.83 35.24 -34.05
CA ARG D 153 18.69 34.41 -33.78
C ARG D 153 18.74 33.09 -34.50
N ASN D 154 19.30 32.98 -35.71
CA ASN D 154 19.33 31.67 -36.34
C ASN D 154 20.70 31.02 -36.23
N GLY D 155 21.51 31.51 -35.30
CA GLY D 155 22.76 30.87 -34.97
C GLY D 155 23.85 30.90 -36.01
N THR D 156 23.82 31.84 -36.94
CA THR D 156 24.88 31.91 -37.92
C THR D 156 25.75 33.14 -37.71
N TYR D 157 25.58 33.86 -36.61
CA TYR D 157 26.29 35.12 -36.40
C TYR D 157 27.80 34.94 -36.39
N ASP D 158 28.56 35.52 -37.34
CA ASP D 158 29.99 35.39 -37.25
C ASP D 158 30.50 36.55 -36.42
N HIS D 159 31.10 36.24 -35.28
CA HIS D 159 31.50 37.31 -34.39
C HIS D 159 32.72 38.03 -34.91
N ASP D 160 33.57 37.34 -35.66
CA ASP D 160 34.78 37.95 -36.17
C ASP D 160 34.50 39.12 -37.09
N VAL D 161 33.45 38.94 -37.89
CA VAL D 161 33.00 39.96 -38.80
C VAL D 161 32.87 41.33 -38.13
N TYR D 162 32.53 41.37 -36.84
CA TYR D 162 32.35 42.65 -36.17
C TYR D 162 33.27 42.83 -34.99
N ARG D 163 34.19 41.89 -34.77
CA ARG D 163 35.05 41.96 -33.61
C ARG D 163 35.79 43.28 -33.47
N ASP D 164 36.51 43.74 -34.51
CA ASP D 164 37.27 44.97 -34.41
C ASP D 164 36.40 46.17 -34.12
N GLU D 165 35.28 46.30 -34.84
CA GLU D 165 34.36 47.42 -34.66
C GLU D 165 33.90 47.46 -33.24
N ALA D 166 33.33 46.35 -32.81
CA ALA D 166 32.82 46.22 -31.47
C ALA D 166 33.86 46.54 -30.43
N LEU D 167 34.93 45.73 -30.43
CA LEU D 167 36.03 45.81 -29.49
C LEU D 167 36.55 47.21 -29.34
N ASN D 168 36.69 47.94 -30.44
CA ASN D 168 37.13 49.30 -30.37
C ASN D 168 36.15 50.18 -29.58
N ASN D 169 34.89 50.23 -29.96
CA ASN D 169 34.03 51.17 -29.29
C ASN D 169 33.42 50.55 -28.03
N ARG D 170 33.90 49.36 -27.66
CA ARG D 170 33.52 48.75 -26.40
C ARG D 170 34.51 49.24 -25.37
N PHE D 171 35.80 49.13 -25.68
CA PHE D 171 36.83 49.55 -24.74
C PHE D 171 37.42 50.92 -25.07
N GLN D 172 36.69 51.85 -25.70
CA GLN D 172 37.26 53.18 -25.93
C GLN D 172 37.19 53.97 -24.63
N ILE D 173 38.20 53.72 -23.79
CA ILE D 173 38.38 54.39 -22.50
C ILE D 173 38.76 55.82 -22.82
N LYS D 174 37.73 56.65 -22.93
CA LYS D 174 37.87 58.03 -23.33
C LYS D 174 36.55 58.70 -23.02
N GLY D 175 36.39 59.13 -21.76
CA GLY D 175 35.22 59.83 -21.29
C GLY D 175 35.52 60.59 -20.00
N GLN E 1 33.38 60.28 -17.19
CA GLN E 1 32.23 60.89 -16.51
C GLN E 1 32.84 61.86 -15.52
N ASP E 2 33.39 61.34 -14.41
CA ASP E 2 34.12 62.15 -13.46
C ASP E 2 35.53 62.36 -14.00
N LEU E 3 36.39 63.03 -13.25
CA LEU E 3 37.72 63.40 -13.70
C LEU E 3 38.83 62.41 -13.27
N PRO E 4 39.98 62.38 -13.97
CA PRO E 4 41.11 61.52 -13.65
C PRO E 4 41.59 61.75 -12.22
N GLY E 5 41.84 60.62 -11.55
CA GLY E 5 42.24 60.63 -10.16
C GLY E 5 43.74 60.50 -9.94
N ASN E 6 44.11 60.82 -8.72
CA ASN E 6 45.48 60.77 -8.26
C ASN E 6 45.81 59.43 -7.60
N ASP E 7 44.81 58.78 -7.00
CA ASP E 7 45.01 57.52 -6.30
C ASP E 7 44.53 56.40 -7.21
N ASN E 8 45.09 55.21 -7.02
CA ASN E 8 44.71 54.08 -7.84
C ASN E 8 44.89 52.84 -6.99
N SER E 9 43.83 52.06 -6.89
CA SER E 9 43.84 50.86 -6.06
C SER E 9 42.61 50.03 -6.38
N THR E 10 42.63 48.76 -5.99
CA THR E 10 41.53 47.85 -6.24
C THR E 10 40.78 47.54 -4.94
N ALA E 11 39.82 46.59 -4.94
CA ALA E 11 39.11 46.18 -3.74
C ALA E 11 38.82 44.70 -3.93
N THR E 12 38.39 43.99 -2.90
CA THR E 12 38.05 42.59 -3.03
C THR E 12 36.71 42.31 -2.35
N LEU E 13 35.80 41.62 -3.05
CA LEU E 13 34.52 41.25 -2.47
C LEU E 13 34.48 39.74 -2.49
N CYS E 14 34.04 39.06 -1.45
CA CYS E 14 33.95 37.63 -1.50
C CYS E 14 32.59 37.23 -1.05
N LEU E 15 31.96 36.33 -1.79
CA LEU E 15 30.69 35.80 -1.38
C LEU E 15 30.91 34.49 -0.63
N GLY E 16 29.98 34.14 0.26
CA GLY E 16 30.10 32.93 1.03
C GLY E 16 28.79 32.67 1.74
N HIS E 17 28.78 31.62 2.57
CA HIS E 17 27.57 31.19 3.26
C HIS E 17 27.92 30.78 4.66
N HIS E 18 27.07 30.92 5.65
CA HIS E 18 27.39 30.53 7.02
C HIS E 18 27.69 29.05 7.20
N ALA E 19 28.24 28.63 8.32
CA ALA E 19 28.45 27.23 8.64
C ALA E 19 28.33 27.14 10.14
N VAL E 20 27.93 26.02 10.71
CA VAL E 20 27.77 25.93 12.16
C VAL E 20 28.81 24.98 12.69
N PRO E 21 29.25 25.11 13.93
CA PRO E 21 30.27 24.25 14.49
C PRO E 21 29.82 22.81 14.70
N ASN E 22 28.55 22.69 15.10
CA ASN E 22 27.90 21.43 15.40
C ASN E 22 27.24 20.82 14.16
N GLY E 23 26.01 21.08 13.71
CA GLY E 23 25.59 20.47 12.43
C GLY E 23 25.14 19.02 12.48
N THR E 24 24.01 18.69 11.83
CA THR E 24 23.38 17.38 11.96
C THR E 24 23.58 16.49 10.77
N LEU E 25 23.64 15.18 10.90
CA LEU E 25 23.79 14.38 9.69
C LEU E 25 22.42 14.04 9.11
N VAL E 26 22.29 13.89 7.79
CA VAL E 26 21.01 13.63 7.15
C VAL E 26 21.15 12.66 5.97
N LYS E 27 20.12 11.94 5.52
CA LYS E 27 20.24 11.02 4.37
C LYS E 27 19.88 11.76 3.09
N THR E 28 20.38 11.36 1.96
CA THR E 28 20.11 12.02 0.71
C THR E 28 19.81 10.94 -0.32
N ILE E 29 19.60 11.24 -1.60
CA ILE E 29 19.45 10.19 -2.60
C ILE E 29 20.81 9.56 -2.80
N THR E 30 21.87 10.35 -2.90
CA THR E 30 23.20 9.84 -3.18
C THR E 30 24.12 9.58 -2.02
N ASP E 31 23.86 10.06 -0.81
CA ASP E 31 24.71 9.76 0.36
C ASP E 31 23.79 9.47 1.50
N ASP E 32 24.19 8.78 2.54
CA ASP E 32 23.28 8.56 3.64
C ASP E 32 23.79 9.19 4.92
N GLN E 33 24.95 9.82 4.86
CA GLN E 33 25.36 10.67 5.95
C GLN E 33 25.99 11.90 5.34
N ILE E 34 25.23 12.97 5.20
CA ILE E 34 25.80 14.20 4.75
C ILE E 34 25.45 15.23 5.83
N GLU E 35 26.36 16.11 6.20
CA GLU E 35 26.14 16.98 7.34
C GLU E 35 25.52 18.30 6.95
N VAL E 36 24.38 18.64 7.49
CA VAL E 36 23.76 19.90 7.16
C VAL E 36 23.78 20.81 8.39
N THR E 37 23.54 22.09 8.18
CA THR E 37 23.46 23.10 9.20
C THR E 37 22.39 22.83 10.20
N ASN E 38 21.33 22.13 9.83
CA ASN E 38 20.18 22.00 10.73
C ASN E 38 19.16 21.01 10.22
N ALA E 39 18.49 20.27 11.06
CA ALA E 39 17.53 19.30 10.61
C ALA E 39 16.35 19.34 11.54
N THR E 40 15.25 18.70 11.22
CA THR E 40 14.13 18.56 12.14
C THR E 40 13.69 17.08 12.11
N GLU E 41 13.31 16.54 13.26
CA GLU E 41 12.93 15.14 13.38
C GLU E 41 11.52 14.87 12.95
N LEU E 42 11.32 14.00 11.98
CA LEU E 42 9.98 13.71 11.50
C LEU E 42 9.30 12.52 12.18
N VAL E 43 9.96 11.73 13.06
CA VAL E 43 9.34 10.56 13.66
C VAL E 43 9.07 10.81 15.13
N GLN E 44 7.82 10.79 15.56
CA GLN E 44 7.48 10.93 16.97
C GLN E 44 7.80 9.61 17.60
N SER E 45 8.59 9.60 18.65
CA SER E 45 9.05 8.32 19.16
C SER E 45 8.87 8.11 20.63
N SER E 46 8.03 8.89 21.29
CA SER E 46 7.86 8.70 22.72
C SER E 46 6.52 9.19 23.20
N SER E 47 5.94 8.42 24.12
CA SER E 47 4.65 8.74 24.65
C SER E 47 4.85 9.45 25.96
N THR E 48 3.83 10.18 26.37
CA THR E 48 3.83 10.76 27.68
C THR E 48 3.58 9.65 28.70
N GLY E 49 3.03 8.51 28.25
CA GLY E 49 2.76 7.38 29.10
C GLY E 49 1.41 7.50 29.75
N LYS E 50 0.59 8.46 29.34
CA LYS E 50 -0.69 8.66 29.96
C LYS E 50 -1.73 8.92 28.90
N ILE E 51 -2.93 8.37 29.04
CA ILE E 51 -3.98 8.61 28.06
C ILE E 51 -4.67 9.90 28.48
N CYS E 52 -4.49 10.95 27.72
CA CYS E 52 -5.14 12.20 28.01
C CYS E 52 -6.62 12.06 27.87
N ASN E 53 -7.38 12.47 28.87
CA ASN E 53 -8.82 12.33 28.85
C ASN E 53 -9.56 13.43 28.11
N ASN E 54 -8.91 14.08 27.15
CA ASN E 54 -9.52 15.17 26.44
C ASN E 54 -8.82 15.26 25.11
N PRO E 55 -9.46 15.49 23.98
CA PRO E 55 -10.88 15.69 23.84
C PRO E 55 -11.77 14.47 23.67
N HIS E 56 -11.27 13.24 23.67
CA HIS E 56 -12.17 12.13 23.36
C HIS E 56 -12.82 11.64 24.64
N ARG E 57 -14.02 11.04 24.58
CA ARG E 57 -14.64 10.49 25.77
C ARG E 57 -13.98 9.19 26.10
N ILE E 58 -13.10 9.14 27.08
CA ILE E 58 -12.46 7.88 27.37
C ILE E 58 -13.09 7.21 28.57
N LEU E 59 -13.68 6.03 28.37
CA LEU E 59 -14.33 5.33 29.47
C LEU E 59 -13.35 4.29 29.96
N ASP E 60 -12.90 4.33 31.22
CA ASP E 60 -11.95 3.34 31.71
C ASP E 60 -12.75 2.15 32.14
N GLY E 61 -12.41 0.96 31.67
CA GLY E 61 -13.20 -0.22 31.95
C GLY E 61 -12.99 -0.73 33.34
N ILE E 62 -11.97 -0.18 34.02
CA ILE E 62 -11.49 -0.60 35.33
C ILE E 62 -11.32 -2.11 35.32
N ASP E 63 -12.03 -2.93 36.09
CA ASP E 63 -11.81 -4.37 35.99
C ASP E 63 -12.95 -5.07 35.27
N CYS E 64 -13.61 -4.36 34.35
CA CYS E 64 -14.61 -4.97 33.51
C CYS E 64 -14.19 -5.06 32.07
N THR E 65 -14.56 -6.09 31.38
CA THR E 65 -14.36 -6.21 29.94
C THR E 65 -15.55 -5.54 29.30
N LEU E 66 -15.49 -4.96 28.08
CA LEU E 66 -16.72 -4.41 27.49
C LEU E 66 -17.83 -5.45 27.40
N ILE E 67 -17.60 -6.70 26.94
CA ILE E 67 -18.64 -7.73 26.91
C ILE E 67 -19.27 -7.96 28.30
N ASP E 68 -18.50 -8.01 29.41
CA ASP E 68 -19.13 -8.15 30.72
C ASP E 68 -19.93 -6.92 31.06
N ALA E 69 -19.47 -5.71 30.69
CA ALA E 69 -20.25 -4.51 30.90
C ALA E 69 -21.59 -4.62 30.17
N LEU E 70 -21.55 -5.14 28.94
CA LEU E 70 -22.74 -5.37 28.14
C LEU E 70 -23.68 -6.39 28.82
N LEU E 71 -23.20 -7.61 29.10
CA LEU E 71 -24.04 -8.66 29.66
C LEU E 71 -24.54 -8.29 31.05
N GLY E 72 -23.67 -7.60 31.77
CA GLY E 72 -24.07 -7.07 33.06
C GLY E 72 -23.69 -7.99 34.20
N ASP E 73 -22.41 -8.39 34.19
CA ASP E 73 -21.77 -9.07 35.29
C ASP E 73 -22.00 -8.16 36.48
N PRO E 74 -22.44 -8.63 37.65
CA PRO E 74 -22.69 -7.80 38.82
C PRO E 74 -21.60 -6.82 39.09
N HIS E 75 -20.33 -7.26 39.09
CA HIS E 75 -19.25 -6.36 39.40
C HIS E 75 -19.04 -5.25 38.37
N CYS E 76 -19.84 -5.18 37.32
CA CYS E 76 -19.72 -4.18 36.28
C CYS E 76 -21.01 -3.42 36.17
N ASP E 77 -21.91 -3.48 37.14
CA ASP E 77 -23.17 -2.78 36.96
C ASP E 77 -22.99 -1.29 36.89
N VAL E 78 -21.80 -0.84 37.26
CA VAL E 78 -21.38 0.53 37.14
C VAL E 78 -21.58 1.05 35.73
N PHE E 79 -21.28 0.24 34.71
CA PHE E 79 -21.31 0.71 33.32
C PHE E 79 -22.68 0.79 32.65
N GLN E 80 -23.79 0.55 33.35
CA GLN E 80 -25.06 0.49 32.67
C GLN E 80 -25.36 1.81 32.01
N ASN E 81 -25.78 1.76 30.73
CA ASN E 81 -26.11 2.96 29.98
C ASN E 81 -24.92 3.90 29.77
N GLU E 82 -23.67 3.42 29.88
CA GLU E 82 -22.54 4.28 29.62
C GLU E 82 -22.27 4.50 28.15
N THR E 83 -21.36 5.43 27.90
CA THR E 83 -21.08 5.97 26.59
C THR E 83 -19.61 6.33 26.45
N TRP E 84 -19.01 6.14 25.29
CA TRP E 84 -17.58 6.37 25.14
C TRP E 84 -17.20 6.68 23.72
N ASP E 85 -16.02 7.26 23.56
CA ASP E 85 -15.37 7.42 22.27
C ASP E 85 -14.35 6.31 22.21
N LEU E 86 -13.69 6.07 23.33
CA LEU E 86 -12.72 5.02 23.39
C LEU E 86 -13.01 4.27 24.65
N PHE E 87 -13.25 2.98 24.59
CA PHE E 87 -13.40 2.21 25.81
C PHE E 87 -12.02 1.67 26.09
N VAL E 88 -11.43 1.83 27.29
CA VAL E 88 -10.12 1.25 27.53
C VAL E 88 -10.26 -0.03 28.32
N GLU E 89 -9.80 -1.15 27.78
CA GLU E 89 -9.87 -2.44 28.42
C GLU E 89 -8.57 -2.72 29.15
N ARG E 90 -8.64 -3.03 30.41
CA ARG E 90 -7.46 -3.18 31.24
C ARG E 90 -7.05 -4.61 31.35
N SER E 91 -5.75 -4.88 31.43
CA SER E 91 -5.25 -6.25 31.47
C SER E 91 -5.77 -7.00 32.71
N LYS E 92 -6.14 -6.23 33.73
CA LYS E 92 -6.54 -6.77 34.99
C LYS E 92 -8.02 -6.98 35.05
N ALA E 93 -8.72 -6.98 33.91
CA ALA E 93 -10.18 -7.09 33.94
C ALA E 93 -10.51 -8.52 34.27
N PHE E 94 -11.59 -8.79 34.99
CA PHE E 94 -11.90 -10.17 35.30
C PHE E 94 -13.40 -10.31 35.18
N SER E 95 -13.91 -11.50 35.40
CA SER E 95 -15.34 -11.65 35.40
C SER E 95 -15.62 -12.67 36.48
N ASN E 96 -16.77 -12.52 37.10
CA ASN E 96 -17.18 -13.44 38.11
C ASN E 96 -18.68 -13.37 38.05
N CYS E 97 -19.18 -14.28 37.22
CA CYS E 97 -20.59 -14.50 37.07
C CYS E 97 -20.67 -15.84 36.37
N TYR E 98 -21.83 -16.25 35.90
CA TYR E 98 -22.00 -17.58 35.31
C TYR E 98 -21.01 -17.77 34.17
N PRO E 99 -20.32 -18.92 34.07
CA PRO E 99 -19.38 -19.15 32.99
C PRO E 99 -20.07 -19.08 31.64
N TYR E 100 -19.66 -18.19 30.76
CA TYR E 100 -20.28 -18.07 29.45
C TYR E 100 -19.23 -18.16 28.39
N ASP E 101 -19.61 -18.32 27.13
CA ASP E 101 -18.68 -18.19 26.04
C ASP E 101 -19.41 -17.47 24.94
N VAL E 102 -18.73 -16.67 24.15
CA VAL E 102 -19.40 -15.96 23.07
C VAL E 102 -18.84 -16.47 21.76
N PRO E 103 -19.52 -17.32 21.00
CA PRO E 103 -19.02 -17.80 19.72
C PRO E 103 -18.92 -16.50 18.94
N ASP E 104 -17.76 -16.23 18.38
CA ASP E 104 -17.45 -14.98 17.70
C ASP E 104 -17.59 -13.73 18.56
N TYR E 105 -16.91 -13.89 19.68
CA TYR E 105 -16.63 -12.86 20.66
C TYR E 105 -16.05 -11.66 19.95
N ALA E 106 -15.16 -11.97 19.04
CA ALA E 106 -14.51 -10.95 18.25
C ALA E 106 -15.49 -10.02 17.55
N SER E 107 -16.52 -10.49 16.87
CA SER E 107 -17.39 -9.53 16.29
C SER E 107 -18.26 -8.81 17.30
N LEU E 108 -18.81 -9.49 18.35
CA LEU E 108 -19.66 -8.82 19.33
C LEU E 108 -18.89 -7.66 19.98
N ARG E 109 -17.64 -7.88 20.44
CA ARG E 109 -16.84 -6.80 21.04
C ARG E 109 -16.69 -5.69 20.04
N SER E 110 -16.47 -6.01 18.74
CA SER E 110 -16.31 -4.97 17.72
C SER E 110 -17.57 -4.16 17.58
N LEU E 111 -18.72 -4.81 17.31
CA LEU E 111 -19.84 -3.99 16.95
C LEU E 111 -20.41 -3.25 18.13
N VAL E 112 -20.20 -3.75 19.37
CA VAL E 112 -20.61 -2.97 20.53
C VAL E 112 -19.68 -1.77 20.65
N ALA E 113 -18.37 -2.01 20.54
CA ALA E 113 -17.37 -0.98 20.66
C ALA E 113 -17.48 0.13 19.64
N SER E 114 -17.96 -0.11 18.43
CA SER E 114 -18.12 0.98 17.49
C SER E 114 -19.43 1.68 17.75
N SER E 115 -20.46 0.98 18.23
CA SER E 115 -21.72 1.63 18.54
C SER E 115 -21.46 2.69 19.55
N GLY E 116 -20.61 2.42 20.53
CA GLY E 116 -20.21 3.46 21.47
C GLY E 116 -21.17 3.70 22.63
N THR E 117 -22.28 2.96 22.69
CA THR E 117 -23.27 3.18 23.72
C THR E 117 -23.63 1.82 24.28
N LEU E 118 -24.09 1.83 25.52
CA LEU E 118 -24.52 0.63 26.20
C LEU E 118 -25.94 0.87 26.76
N GLU E 119 -26.61 1.92 26.22
CA GLU E 119 -27.97 2.33 26.56
C GLU E 119 -28.97 1.22 26.42
N PHE E 120 -29.58 0.84 27.52
CA PHE E 120 -30.49 -0.29 27.48
C PHE E 120 -31.92 0.11 27.70
N ILE E 121 -32.78 -0.41 26.85
CA ILE E 121 -34.21 -0.19 26.96
C ILE E 121 -34.83 -1.51 27.36
N THR E 122 -35.52 -1.60 28.50
CA THR E 122 -36.14 -2.85 28.87
C THR E 122 -37.45 -3.03 28.11
N GLU E 123 -37.75 -4.20 27.60
CA GLU E 123 -38.99 -4.38 26.88
C GLU E 123 -39.89 -5.32 27.63
N GLY E 124 -41.19 -5.16 27.44
CA GLY E 124 -42.16 -5.99 28.14
C GLY E 124 -42.30 -7.38 27.56
N PHE E 125 -41.29 -8.23 27.71
CA PHE E 125 -41.42 -9.60 27.24
C PHE E 125 -42.29 -10.33 28.23
N THR E 126 -43.16 -11.23 27.80
CA THR E 126 -44.02 -11.92 28.77
C THR E 126 -43.85 -13.40 28.61
N TRP E 127 -43.12 -14.00 29.53
CA TRP E 127 -42.84 -15.41 29.43
C TRP E 127 -43.94 -16.21 30.11
N THR E 128 -44.92 -16.69 29.35
CA THR E 128 -46.05 -17.43 29.91
C THR E 128 -45.78 -18.89 30.16
N GLY E 129 -45.76 -19.29 31.41
CA GLY E 129 -45.65 -20.70 31.71
C GLY E 129 -44.27 -21.15 32.11
N VAL E 130 -43.36 -20.23 32.42
CA VAL E 130 -42.03 -20.59 32.87
C VAL E 130 -41.69 -19.70 34.04
N THR E 131 -40.71 -20.13 34.81
CA THR E 131 -40.18 -19.35 35.89
C THR E 131 -39.07 -18.42 35.42
N GLN E 132 -39.17 -17.16 35.82
CA GLN E 132 -38.25 -16.12 35.43
C GLN E 132 -37.27 -15.81 36.51
N ASN E 133 -36.32 -14.97 36.15
CA ASN E 133 -35.36 -14.41 37.07
C ASN E 133 -34.43 -15.34 37.76
N GLY E 134 -34.23 -16.55 37.22
CA GLY E 134 -33.28 -17.50 37.76
C GLY E 134 -31.88 -16.89 37.85
N GLY E 135 -31.11 -17.31 38.85
CA GLY E 135 -29.80 -16.78 39.06
C GLY E 135 -28.90 -17.91 39.51
N SER E 136 -27.68 -17.59 39.87
CA SER E 136 -26.67 -18.56 40.21
C SER E 136 -25.87 -18.05 41.37
N ASN E 137 -25.35 -19.00 42.11
CA ASN E 137 -24.56 -18.67 43.25
C ASN E 137 -23.15 -18.37 42.78
N ALA E 138 -22.86 -18.59 41.50
CA ALA E 138 -21.59 -18.16 40.92
C ALA E 138 -21.63 -16.72 40.43
N CYS E 139 -22.81 -16.11 40.37
CA CYS E 139 -22.94 -14.75 39.92
C CYS E 139 -23.67 -13.99 41.01
N LYS E 140 -23.00 -13.53 42.05
CA LYS E 140 -23.74 -12.98 43.16
C LYS E 140 -24.17 -11.53 43.03
N ARG E 141 -25.44 -11.28 43.27
CA ARG E 141 -25.90 -9.91 43.34
C ARG E 141 -25.87 -9.69 44.83
N GLY E 142 -24.78 -9.09 45.26
CA GLY E 142 -24.57 -8.79 46.66
C GLY E 142 -24.51 -10.08 47.50
N PRO E 143 -25.38 -10.23 48.50
CA PRO E 143 -25.40 -11.41 49.35
C PRO E 143 -25.90 -12.64 48.61
N GLY E 144 -26.89 -12.41 47.74
CA GLY E 144 -27.60 -13.50 47.11
C GLY E 144 -26.99 -14.01 45.82
N SER E 145 -27.70 -14.98 45.28
CA SER E 145 -27.39 -15.47 43.96
C SER E 145 -27.88 -14.44 42.96
N GLY E 146 -27.37 -14.43 41.74
CA GLY E 146 -27.84 -13.48 40.75
C GLY E 146 -27.40 -13.89 39.37
N PHE E 147 -27.52 -12.98 38.42
CA PHE E 147 -27.18 -13.28 37.05
C PHE E 147 -26.78 -11.98 36.41
N PHE E 148 -26.52 -12.05 35.14
CA PHE E 148 -26.23 -10.88 34.35
C PHE E 148 -27.43 -9.94 34.41
N SER E 149 -27.29 -8.63 34.60
CA SER E 149 -28.43 -7.74 34.67
C SER E 149 -29.26 -7.71 33.39
N ARG E 150 -28.67 -7.90 32.22
CA ARG E 150 -29.46 -7.78 31.04
C ARG E 150 -30.02 -9.09 30.49
N LEU E 151 -29.86 -10.19 31.19
CA LEU E 151 -30.32 -11.47 30.66
C LEU E 151 -31.37 -12.06 31.56
N ASN E 152 -32.25 -12.93 31.09
CA ASN E 152 -33.31 -13.46 31.92
C ASN E 152 -33.34 -14.96 31.83
N TRP E 153 -32.88 -15.67 32.86
CA TRP E 153 -32.82 -17.14 32.83
C TRP E 153 -34.15 -17.80 33.18
N LEU E 154 -34.69 -18.51 32.21
CA LEU E 154 -36.00 -19.10 32.33
C LEU E 154 -35.87 -20.58 32.59
N THR E 155 -36.66 -21.03 33.55
CA THR E 155 -36.72 -22.42 33.95
C THR E 155 -38.16 -22.87 34.05
N LYS E 156 -38.37 -24.18 34.22
CA LYS E 156 -39.73 -24.68 34.29
C LYS E 156 -40.56 -24.12 35.45
N SER E 157 -41.88 -24.24 35.28
CA SER E 157 -42.79 -23.92 36.34
C SER E 157 -43.37 -25.27 36.67
N GLY E 158 -43.04 -25.69 37.88
CA GLY E 158 -43.50 -26.92 38.41
C GLY E 158 -43.06 -28.08 37.56
N SER E 159 -43.93 -28.41 36.63
CA SER E 159 -43.87 -29.66 35.91
C SER E 159 -43.67 -29.52 34.41
N THR E 160 -43.52 -28.29 33.91
CA THR E 160 -43.62 -28.10 32.48
C THR E 160 -42.77 -26.97 31.96
N TYR E 161 -42.17 -27.10 30.78
CA TYR E 161 -41.60 -25.94 30.13
C TYR E 161 -42.41 -25.85 28.83
N PRO E 162 -43.23 -24.83 28.53
CA PRO E 162 -43.99 -24.74 27.29
C PRO E 162 -43.14 -24.31 26.10
N VAL E 163 -43.63 -24.43 24.88
CA VAL E 163 -42.90 -23.87 23.77
C VAL E 163 -43.12 -22.38 23.82
N LEU E 164 -42.12 -21.64 24.25
CA LEU E 164 -42.16 -20.21 24.24
C LEU E 164 -42.20 -19.72 22.79
N ASN E 165 -43.05 -18.77 22.50
CA ASN E 165 -43.14 -18.21 21.19
C ASN E 165 -43.52 -16.75 21.35
N VAL E 166 -42.57 -15.83 21.50
CA VAL E 166 -42.92 -14.45 21.74
C VAL E 166 -42.49 -13.60 20.57
N THR E 167 -42.93 -12.36 20.48
CA THR E 167 -42.57 -11.50 19.38
C THR E 167 -42.38 -10.08 19.87
N MET E 168 -41.58 -9.29 19.21
CA MET E 168 -41.32 -7.94 19.65
C MET E 168 -40.96 -7.14 18.43
N PRO E 169 -41.88 -6.35 17.89
CA PRO E 169 -41.67 -5.56 16.70
C PRO E 169 -40.68 -4.43 16.87
N ASN E 170 -40.14 -4.01 15.76
CA ASN E 170 -39.29 -2.88 15.78
C ASN E 170 -40.11 -1.86 15.09
N ASN E 171 -40.99 -1.24 15.84
CA ASN E 171 -41.78 -0.18 15.25
C ASN E 171 -41.06 1.16 15.34
N ASP E 172 -39.82 1.09 15.87
CA ASP E 172 -39.03 2.24 16.11
C ASP E 172 -38.30 2.77 14.91
N ASN E 173 -37.58 3.83 15.18
CA ASN E 173 -36.84 4.48 14.14
C ASN E 173 -35.45 3.90 13.93
N PHE E 174 -34.98 3.02 14.78
CA PHE E 174 -33.58 2.63 14.73
C PHE E 174 -33.37 1.14 14.83
N ASP E 175 -32.15 0.67 14.56
CA ASP E 175 -31.82 -0.72 14.75
C ASP E 175 -31.69 -1.01 16.23
N LYS E 176 -32.13 -2.21 16.62
CA LYS E 176 -32.10 -2.65 18.01
C LYS E 176 -31.18 -3.85 18.08
N LEU E 177 -30.26 -3.94 19.02
CA LEU E 177 -29.35 -5.08 19.14
C LEU E 177 -29.85 -5.91 20.32
N TYR E 178 -30.30 -7.17 20.14
CA TYR E 178 -30.72 -7.99 21.27
C TYR E 178 -29.65 -9.01 21.57
N ILE E 179 -29.21 -9.15 22.84
CA ILE E 179 -28.26 -10.17 23.29
C ILE E 179 -29.05 -11.25 23.97
N TRP E 180 -28.90 -12.48 23.55
CA TRP E 180 -29.58 -13.59 24.18
C TRP E 180 -28.62 -14.77 24.32
N GLY E 181 -29.06 -15.93 24.75
CA GLY E 181 -28.15 -17.04 24.88
C GLY E 181 -28.88 -18.33 25.10
N ILE E 182 -28.14 -19.39 25.27
CA ILE E 182 -28.69 -20.69 25.50
C ILE E 182 -27.88 -21.30 26.64
N HIS E 183 -28.45 -22.12 27.52
CA HIS E 183 -27.71 -22.72 28.63
C HIS E 183 -27.37 -24.13 28.22
N HIS E 184 -26.12 -24.56 28.43
CA HIS E 184 -25.72 -25.92 28.16
C HIS E 184 -25.60 -26.58 29.51
N PRO E 185 -26.43 -27.55 29.87
CA PRO E 185 -26.38 -28.23 31.14
C PRO E 185 -25.18 -29.15 31.22
N SER E 186 -24.70 -29.58 32.39
CA SER E 186 -23.57 -30.48 32.36
C SER E 186 -24.02 -31.92 32.44
N THR E 187 -25.17 -32.19 33.03
CA THR E 187 -25.65 -33.56 33.11
C THR E 187 -27.06 -33.64 32.55
N ASN E 188 -27.47 -34.82 32.10
CA ASN E 188 -28.80 -35.00 31.56
C ASN E 188 -29.86 -34.75 32.60
N GLN E 189 -29.56 -35.17 33.83
CA GLN E 189 -30.42 -34.89 34.96
C GLN E 189 -30.60 -33.39 35.14
N GLU E 190 -29.57 -32.58 34.89
CA GLU E 190 -29.66 -31.15 35.03
C GLU E 190 -30.58 -30.59 33.95
N GLN E 191 -30.44 -31.09 32.71
CA GLN E 191 -31.27 -30.67 31.60
C GLN E 191 -32.75 -30.83 31.92
N THR E 192 -33.14 -32.04 32.24
CA THR E 192 -34.52 -32.37 32.50
C THR E 192 -35.04 -31.70 33.74
N SER E 193 -34.21 -31.60 34.77
CA SER E 193 -34.57 -30.92 36.00
C SER E 193 -35.00 -29.49 35.70
N LEU E 194 -34.20 -28.76 34.95
CA LEU E 194 -34.50 -27.38 34.69
C LEU E 194 -35.53 -27.15 33.61
N TYR E 195 -35.35 -27.79 32.46
CA TYR E 195 -36.14 -27.44 31.31
C TYR E 195 -37.10 -28.51 30.88
N VAL E 196 -37.23 -29.55 31.70
CA VAL E 196 -38.13 -30.69 31.51
C VAL E 196 -37.81 -31.52 30.28
N GLN E 197 -37.81 -30.96 29.07
CA GLN E 197 -37.51 -31.76 27.90
C GLN E 197 -36.06 -32.25 27.89
N ALA E 198 -35.77 -33.31 27.14
CA ALA E 198 -34.43 -33.86 27.08
C ALA E 198 -33.50 -33.03 26.23
N SER E 199 -34.07 -32.25 25.32
CA SER E 199 -33.29 -31.41 24.43
C SER E 199 -33.99 -30.09 24.27
N GLY E 200 -33.33 -29.03 24.68
CA GLY E 200 -33.85 -27.70 24.44
C GLY E 200 -33.61 -27.30 23.00
N ARG E 201 -34.01 -26.08 22.65
CA ARG E 201 -33.92 -25.57 21.31
C ARG E 201 -34.19 -24.09 21.41
N VAL E 202 -33.38 -23.22 20.83
CA VAL E 202 -33.70 -21.81 20.81
C VAL E 202 -33.63 -21.39 19.34
N THR E 203 -34.67 -20.78 18.78
CA THR E 203 -34.66 -20.23 17.43
C THR E 203 -35.02 -18.76 17.56
N VAL E 204 -34.16 -17.85 17.12
CA VAL E 204 -34.42 -16.43 17.21
C VAL E 204 -34.44 -16.01 15.78
N SER E 205 -35.48 -15.33 15.34
CA SER E 205 -35.64 -14.99 13.96
C SER E 205 -36.16 -13.61 13.73
N THR E 206 -35.91 -13.05 12.57
CA THR E 206 -36.50 -11.80 12.15
C THR E 206 -37.08 -12.09 10.77
N ARG E 207 -37.52 -11.13 9.97
CA ARG E 207 -37.96 -11.51 8.65
C ARG E 207 -36.75 -11.82 7.82
N ARG E 208 -35.64 -11.16 8.13
CA ARG E 208 -34.42 -11.31 7.39
C ARG E 208 -33.52 -12.49 7.79
N SER E 209 -33.71 -13.15 8.93
CA SER E 209 -32.75 -14.16 9.33
C SER E 209 -33.33 -15.11 10.36
N GLN E 210 -32.61 -16.14 10.72
CA GLN E 210 -33.01 -17.07 11.76
C GLN E 210 -31.74 -17.65 12.35
N GLN E 211 -31.71 -18.13 13.58
CA GLN E 211 -30.59 -18.94 14.03
C GLN E 211 -31.19 -19.86 15.03
N THR E 212 -30.86 -21.14 14.93
CA THR E 212 -31.37 -22.08 15.87
C THR E 212 -30.15 -22.67 16.49
N ILE E 213 -30.07 -22.64 17.81
CA ILE E 213 -28.96 -23.22 18.51
C ILE E 213 -29.58 -24.33 19.33
N ILE E 214 -28.93 -25.47 19.44
CA ILE E 214 -29.39 -26.52 20.33
C ILE E 214 -28.29 -26.63 21.37
N PRO E 215 -28.61 -26.83 22.65
CA PRO E 215 -27.65 -26.90 23.73
C PRO E 215 -26.81 -28.15 23.65
N ASN E 216 -25.81 -28.29 24.51
CA ASN E 216 -24.94 -29.45 24.48
C ASN E 216 -24.65 -29.88 25.89
N ILE E 217 -25.17 -31.02 26.28
CA ILE E 217 -25.06 -31.49 27.63
C ILE E 217 -23.74 -32.20 27.83
N GLY E 218 -22.93 -31.80 28.80
CA GLY E 218 -21.68 -32.50 29.03
C GLY E 218 -20.85 -31.79 30.08
N SER E 219 -19.82 -32.41 30.63
CA SER E 219 -19.03 -31.72 31.60
C SER E 219 -17.92 -30.87 31.02
N ARG E 220 -17.90 -29.63 31.45
CA ARG E 220 -16.83 -28.73 31.12
C ARG E 220 -16.00 -28.58 32.39
N PRO E 221 -14.87 -27.90 32.39
CA PRO E 221 -14.10 -27.68 33.59
C PRO E 221 -14.84 -26.70 34.50
N TRP E 222 -14.63 -26.97 35.78
CA TRP E 222 -15.10 -26.21 36.91
C TRP E 222 -14.73 -24.73 36.75
N VAL E 223 -15.70 -23.85 36.61
CA VAL E 223 -15.42 -22.44 36.66
C VAL E 223 -16.46 -21.93 37.64
N ARG E 224 -15.98 -21.36 38.75
CA ARG E 224 -16.82 -20.87 39.82
C ARG E 224 -17.87 -21.87 40.29
N GLY E 225 -17.44 -23.12 40.49
CA GLY E 225 -18.34 -24.16 40.96
C GLY E 225 -19.19 -24.78 39.86
N LEU E 226 -19.17 -24.25 38.66
CA LEU E 226 -20.05 -24.72 37.63
C LEU E 226 -19.33 -25.41 36.52
N SER E 227 -19.98 -26.44 36.02
CA SER E 227 -19.49 -27.21 34.89
C SER E 227 -20.36 -26.91 33.68
N SER E 228 -21.22 -25.91 33.77
CA SER E 228 -22.11 -25.61 32.69
C SER E 228 -21.64 -24.32 32.05
N ARG E 229 -22.12 -24.01 30.87
CA ARG E 229 -21.76 -22.76 30.26
C ARG E 229 -23.02 -22.18 29.68
N ILE E 230 -23.02 -20.89 29.41
CA ILE E 230 -24.07 -20.39 28.57
C ILE E 230 -23.32 -19.79 27.39
N SER E 231 -23.82 -19.93 26.16
CA SER E 231 -23.17 -19.33 25.01
C SER E 231 -24.00 -18.13 24.61
N ILE E 232 -23.37 -16.99 24.29
CA ILE E 232 -24.01 -15.71 24.01
C ILE E 232 -24.22 -15.49 22.50
N TYR E 233 -25.35 -14.91 22.11
CA TYR E 233 -25.64 -14.66 20.70
C TYR E 233 -26.22 -13.28 20.57
N TRP E 234 -26.23 -12.69 19.39
CA TRP E 234 -26.74 -11.34 19.24
C TRP E 234 -27.61 -11.30 18.01
N THR E 235 -28.68 -10.54 17.99
CA THR E 235 -29.52 -10.42 16.82
C THR E 235 -29.77 -8.93 16.61
N ILE E 236 -29.49 -8.34 15.46
CA ILE E 236 -29.85 -6.94 15.28
C ILE E 236 -31.20 -6.97 14.58
N VAL E 237 -32.17 -6.18 15.02
CA VAL E 237 -33.48 -6.14 14.37
C VAL E 237 -33.62 -4.74 13.77
N LYS E 238 -33.73 -4.70 12.43
CA LYS E 238 -33.76 -3.46 11.68
C LYS E 238 -35.11 -2.77 11.89
N PRO E 239 -35.32 -1.47 11.62
CA PRO E 239 -36.60 -0.80 11.84
C PRO E 239 -37.66 -1.39 10.92
N GLY E 240 -38.82 -1.60 11.47
CA GLY E 240 -39.91 -2.22 10.77
C GLY E 240 -39.92 -3.74 10.90
N ASP E 241 -38.83 -4.36 11.37
CA ASP E 241 -38.78 -5.82 11.41
C ASP E 241 -39.39 -6.40 12.67
N VAL E 242 -39.37 -7.70 12.89
CA VAL E 242 -39.99 -8.25 14.05
C VAL E 242 -38.97 -9.19 14.62
N LEU E 243 -38.88 -9.29 15.94
CA LEU E 243 -38.07 -10.34 16.54
C LEU E 243 -39.05 -11.42 16.95
N VAL E 244 -38.80 -12.69 16.66
CA VAL E 244 -39.62 -13.75 17.18
C VAL E 244 -38.67 -14.67 17.92
N ILE E 245 -38.84 -14.88 19.23
CA ILE E 245 -37.98 -15.80 19.98
C ILE E 245 -38.84 -17.01 20.24
N ASN E 246 -38.42 -18.20 19.83
CA ASN E 246 -39.20 -19.41 20.04
C ASN E 246 -38.27 -20.41 20.66
N SER E 247 -38.70 -21.06 21.74
CA SER E 247 -37.84 -22.01 22.43
C SER E 247 -38.64 -22.99 23.21
N ASN E 248 -38.16 -24.23 23.33
CA ASN E 248 -38.81 -25.15 24.24
C ASN E 248 -37.85 -25.48 25.36
N GLY E 249 -36.76 -24.77 25.56
CA GLY E 249 -35.91 -25.05 26.69
C GLY E 249 -34.54 -24.43 26.55
N ASN E 250 -33.89 -24.17 27.67
CA ASN E 250 -32.53 -23.65 27.74
C ASN E 250 -32.37 -22.20 27.30
N LEU E 251 -33.48 -21.45 27.13
CA LEU E 251 -33.38 -20.08 26.68
C LEU E 251 -32.87 -19.22 27.83
N ILE E 252 -31.97 -18.30 27.52
CA ILE E 252 -31.54 -17.26 28.40
C ILE E 252 -32.14 -16.09 27.64
N ALA E 253 -33.28 -15.55 28.07
CA ALA E 253 -33.99 -14.52 27.32
C ALA E 253 -33.47 -13.09 27.41
N PRO E 254 -33.62 -12.26 26.38
CA PRO E 254 -33.18 -10.87 26.42
C PRO E 254 -34.10 -10.05 27.34
N ARG E 255 -33.68 -9.05 28.13
CA ARG E 255 -34.69 -8.26 28.83
C ARG E 255 -35.06 -6.99 28.06
N GLY E 256 -34.61 -6.84 26.82
CA GLY E 256 -34.90 -5.66 26.00
C GLY E 256 -33.78 -5.49 25.00
N TYR E 257 -33.52 -4.26 24.55
CA TYR E 257 -32.50 -4.05 23.53
C TYR E 257 -31.49 -2.96 23.85
N PHE E 258 -30.34 -3.07 23.21
CA PHE E 258 -29.34 -2.03 23.29
C PHE E 258 -29.58 -1.16 22.09
N LYS E 259 -29.42 0.15 22.18
CA LYS E 259 -29.53 1.00 21.02
C LYS E 259 -28.25 0.96 20.20
N MET E 260 -28.35 0.87 18.89
CA MET E 260 -27.13 0.96 18.13
C MET E 260 -26.91 2.37 17.63
N ARG E 261 -25.66 2.84 17.69
CA ARG E 261 -25.28 4.11 17.13
C ARG E 261 -24.23 3.88 16.07
N THR E 262 -23.92 4.91 15.31
CA THR E 262 -22.89 4.90 14.29
C THR E 262 -22.07 6.10 14.64
N GLY E 263 -20.84 5.91 15.10
CA GLY E 263 -20.05 7.04 15.52
C GLY E 263 -18.60 6.74 15.29
N LYS E 264 -17.73 7.33 16.09
CA LYS E 264 -16.31 7.11 15.92
C LYS E 264 -15.76 6.36 17.12
N SER E 265 -16.58 5.47 17.70
CA SER E 265 -16.13 4.84 18.92
C SER E 265 -15.36 3.59 18.64
N SER E 266 -14.48 3.30 19.57
CA SER E 266 -13.63 2.15 19.49
C SER E 266 -13.29 1.66 20.87
N ILE E 267 -12.56 0.57 20.94
CA ILE E 267 -12.14 0.03 22.19
C ILE E 267 -10.67 -0.13 22.05
N MET E 268 -9.89 -0.05 23.12
CA MET E 268 -8.43 -0.21 23.07
C MET E 268 -7.92 -0.89 24.32
N ARG E 269 -7.07 -1.90 24.23
CA ARG E 269 -6.55 -2.51 25.44
C ARG E 269 -5.32 -1.72 25.81
N SER E 270 -5.23 -1.28 27.06
CA SER E 270 -4.13 -0.46 27.51
C SER E 270 -4.15 -0.41 29.03
N ASP E 271 -2.97 -0.38 29.64
CA ASP E 271 -2.92 -0.19 31.07
C ASP E 271 -2.40 1.18 31.37
N ALA E 272 -2.25 2.02 30.36
CA ALA E 272 -1.81 3.37 30.59
C ALA E 272 -2.83 4.11 31.44
N PRO E 273 -2.41 4.86 32.44
CA PRO E 273 -3.26 5.67 33.30
C PRO E 273 -3.92 6.75 32.52
N ILE E 274 -5.17 7.04 32.82
CA ILE E 274 -5.85 8.14 32.17
C ILE E 274 -5.51 9.36 33.00
N ASP E 275 -5.25 10.48 32.37
CA ASP E 275 -4.83 11.66 33.09
C ASP E 275 -5.50 12.85 32.44
N THR E 276 -5.56 13.96 33.13
CA THR E 276 -6.26 15.07 32.60
C THR E 276 -5.29 15.91 31.82
N CYS E 277 -5.51 15.96 30.54
CA CYS E 277 -4.68 16.72 29.62
C CYS E 277 -5.30 16.55 28.28
N ILE E 278 -4.90 17.31 27.28
CA ILE E 278 -5.59 17.21 26.03
C ILE E 278 -4.58 16.80 24.99
N SER E 279 -4.93 15.74 24.28
CA SER E 279 -4.11 15.16 23.23
C SER E 279 -5.03 14.43 22.31
N GLU E 280 -4.89 14.61 21.02
CA GLU E 280 -5.81 13.97 20.09
C GLU E 280 -5.39 12.59 19.64
N CYS E 281 -4.11 12.27 19.75
CA CYS E 281 -3.67 10.99 19.30
C CYS E 281 -3.50 10.12 20.51
N ILE E 282 -4.12 8.94 20.50
CA ILE E 282 -3.95 7.99 21.59
C ILE E 282 -3.38 6.70 21.06
N THR E 283 -2.36 6.16 21.71
CA THR E 283 -1.89 4.84 21.41
C THR E 283 -2.04 4.07 22.71
N PRO E 284 -1.94 2.75 22.79
CA PRO E 284 -2.02 2.05 24.05
C PRO E 284 -0.88 2.40 24.99
N ASN E 285 0.17 3.06 24.50
CA ASN E 285 1.27 3.47 25.36
C ASN E 285 1.01 4.81 25.98
N GLY E 286 -0.09 5.45 25.70
CA GLY E 286 -0.36 6.77 26.22
C GLY E 286 -0.49 7.67 25.01
N SER E 287 -0.79 8.94 25.22
CA SER E 287 -0.95 9.83 24.12
C SER E 287 0.37 10.36 23.63
N ILE E 288 0.40 10.75 22.35
CA ILE E 288 1.59 11.22 21.69
C ILE E 288 1.24 12.48 20.90
N PRO E 289 2.12 13.42 20.70
CA PRO E 289 1.83 14.63 19.95
C PRO E 289 1.87 14.43 18.45
N ASN E 290 0.80 14.87 17.80
CA ASN E 290 0.71 14.69 16.36
C ASN E 290 1.32 15.86 15.61
N ASP E 291 2.38 16.47 16.11
CA ASP E 291 3.04 17.51 15.35
C ASP E 291 3.81 16.85 14.22
N LYS E 292 4.53 15.75 14.46
CA LYS E 292 5.32 15.13 13.42
C LYS E 292 4.48 14.30 12.47
N PRO E 293 4.84 14.10 11.20
CA PRO E 293 4.06 13.29 10.28
C PRO E 293 4.08 11.80 10.55
N PHE E 294 5.10 11.29 11.18
CA PHE E 294 5.21 9.85 11.34
C PHE E 294 5.48 9.55 12.80
N GLN E 295 5.24 8.33 13.27
CA GLN E 295 5.46 7.98 14.64
C GLN E 295 5.91 6.56 14.71
N ASN E 296 6.51 6.21 15.82
CA ASN E 296 7.04 4.89 16.00
C ASN E 296 6.69 4.38 17.39
N VAL E 297 5.73 5.03 18.06
CA VAL E 297 5.33 4.62 19.39
C VAL E 297 4.57 3.29 19.37
N ASN E 298 3.51 3.19 18.55
CA ASN E 298 2.73 1.98 18.51
C ASN E 298 1.90 2.00 17.23
N LYS E 299 1.61 0.83 16.65
CA LYS E 299 0.84 0.69 15.43
C LYS E 299 -0.63 0.77 15.76
N ILE E 300 -1.01 0.69 17.03
CA ILE E 300 -2.41 0.77 17.43
C ILE E 300 -2.66 2.22 17.78
N THR E 301 -3.67 2.86 17.27
CA THR E 301 -3.88 4.28 17.53
C THR E 301 -5.36 4.62 17.44
N TYR E 302 -5.78 5.72 18.03
CA TYR E 302 -7.15 6.20 17.95
C TYR E 302 -7.05 7.71 17.80
N GLY E 303 -7.80 8.35 16.92
CA GLY E 303 -7.76 9.80 16.81
C GLY E 303 -6.84 10.34 15.71
N ALA E 304 -6.50 11.63 15.72
CA ALA E 304 -5.62 12.22 14.70
C ALA E 304 -4.17 11.92 14.98
N CYS E 305 -3.59 10.86 14.45
CA CYS E 305 -2.24 10.46 14.83
C CYS E 305 -1.23 10.47 13.72
N PRO E 306 0.07 10.47 14.01
CA PRO E 306 1.07 10.40 12.97
C PRO E 306 1.03 8.98 12.39
N LYS E 307 1.56 8.75 11.19
CA LYS E 307 1.51 7.45 10.59
C LYS E 307 2.63 6.61 11.14
N TYR E 308 2.29 5.42 11.57
CA TYR E 308 3.28 4.50 12.11
C TYR E 308 4.26 4.09 11.06
N VAL E 309 5.50 4.07 11.42
CA VAL E 309 6.55 3.78 10.53
C VAL E 309 7.51 2.87 11.30
N LYS E 310 8.34 2.12 10.63
CA LYS E 310 9.29 1.26 11.32
C LYS E 310 10.43 2.12 11.84
N GLN E 311 10.84 3.11 11.05
CA GLN E 311 11.98 3.94 11.38
C GLN E 311 11.80 4.64 12.70
N ASN E 312 12.81 4.68 13.56
CA ASN E 312 12.60 5.41 14.78
C ASN E 312 13.19 6.81 14.66
N THR E 313 13.90 7.11 13.59
CA THR E 313 14.32 8.49 13.36
C THR E 313 14.42 8.75 11.87
N LEU E 314 13.92 9.91 11.41
CA LEU E 314 13.96 10.33 10.01
C LEU E 314 14.12 11.85 10.02
N LYS E 315 15.35 12.34 9.77
CA LYS E 315 15.64 13.77 9.85
C LYS E 315 15.48 14.48 8.54
N LEU E 316 14.71 15.56 8.57
CA LEU E 316 14.49 16.39 7.40
C LEU E 316 15.44 17.56 7.51
N ALA E 317 16.38 17.71 6.57
CA ALA E 317 17.30 18.84 6.57
C ALA E 317 16.50 20.09 6.34
N THR E 318 16.74 21.04 7.23
CA THR E 318 16.12 22.35 7.16
C THR E 318 17.19 23.41 7.02
N GLY E 319 18.33 23.07 6.41
CA GLY E 319 19.40 24.03 6.21
C GLY E 319 20.35 23.50 5.15
N MET E 320 21.29 24.33 4.68
CA MET E 320 22.25 23.96 3.67
C MET E 320 23.29 23.02 4.18
N ARG E 321 24.23 22.65 3.33
CA ARG E 321 25.37 21.87 3.71
C ARG E 321 26.18 22.60 4.74
N ASN E 322 26.73 21.87 5.69
CA ASN E 322 27.58 22.48 6.67
C ASN E 322 29.00 22.28 6.18
N VAL E 323 29.76 23.29 5.76
CA VAL E 323 31.16 23.09 5.37
C VAL E 323 31.96 24.02 6.29
N PRO E 324 32.27 23.67 7.54
CA PRO E 324 32.98 24.50 8.52
C PRO E 324 34.39 24.90 8.20
N GLU E 325 34.81 25.95 8.91
CA GLU E 325 36.12 26.52 8.72
C GLU E 325 37.19 25.48 9.07
N LYS E 326 36.93 24.60 10.03
CA LYS E 326 37.95 23.61 10.35
C LYS E 326 37.45 22.24 10.80
N GLN E 327 37.79 21.21 10.04
CA GLN E 327 37.51 19.84 10.45
C GLN E 327 38.81 19.40 11.13
N THR E 328 38.64 18.64 12.22
CA THR E 328 39.67 18.16 13.12
C THR E 328 40.33 16.85 12.71
N GLY F 1 26.65 19.14 -4.94
CA GLY F 1 25.58 20.07 -5.25
C GLY F 1 25.61 20.32 -6.74
N LEU F 2 24.43 20.38 -7.38
CA LEU F 2 24.32 20.57 -8.82
C LEU F 2 25.04 21.82 -9.29
N PHE F 3 25.04 22.88 -8.49
CA PHE F 3 25.64 24.08 -9.01
C PHE F 3 27.11 24.28 -8.68
N GLY F 4 27.69 23.52 -7.75
CA GLY F 4 29.14 23.64 -7.52
C GLY F 4 29.66 24.89 -6.81
N ALA F 5 28.78 25.67 -6.18
CA ALA F 5 29.22 26.82 -5.40
C ALA F 5 29.59 26.40 -3.99
N ILE F 6 28.60 25.98 -3.15
CA ILE F 6 28.83 25.53 -1.77
C ILE F 6 29.62 24.24 -1.86
N ALA F 7 30.61 24.07 -1.01
CA ALA F 7 31.50 22.92 -1.06
C ALA F 7 32.12 22.80 -2.45
N GLY F 8 32.17 23.93 -3.17
CA GLY F 8 32.66 23.95 -4.53
C GLY F 8 33.61 25.12 -4.62
N PHE F 9 33.34 26.03 -5.56
CA PHE F 9 34.26 27.15 -5.71
C PHE F 9 34.29 27.98 -4.46
N ILE F 10 33.24 27.96 -3.66
CA ILE F 10 33.30 28.61 -2.38
C ILE F 10 33.76 27.51 -1.41
N GLU F 11 35.08 27.39 -1.33
CA GLU F 11 35.79 26.42 -0.52
C GLU F 11 35.10 25.98 0.77
N ASN F 12 34.72 26.89 1.65
CA ASN F 12 34.06 26.49 2.89
C ASN F 12 33.17 27.59 3.37
N GLY F 13 32.56 27.37 4.49
CA GLY F 13 31.57 28.31 4.98
C GLY F 13 32.21 29.19 6.00
N TRP F 14 31.50 30.16 6.51
CA TRP F 14 32.04 31.06 7.49
C TRP F 14 31.30 30.78 8.78
N GLU F 15 31.95 30.23 9.80
CA GLU F 15 31.29 30.00 11.08
C GLU F 15 30.98 31.32 11.74
N GLY F 16 31.72 32.33 11.32
CA GLY F 16 31.54 33.67 11.83
C GLY F 16 30.30 34.39 11.35
N MET F 17 29.63 33.97 10.28
CA MET F 17 28.54 34.77 9.81
C MET F 17 27.31 34.35 10.57
N ILE F 18 27.09 35.00 11.70
CA ILE F 18 26.00 34.63 12.58
C ILE F 18 24.69 35.35 12.25
N ASP F 19 24.64 36.22 11.26
CA ASP F 19 23.47 37.04 10.99
C ASP F 19 22.74 36.77 9.68
N GLY F 20 23.05 35.71 8.94
CA GLY F 20 22.34 35.38 7.72
C GLY F 20 22.89 34.09 7.15
N TRP F 21 22.35 33.58 6.05
CA TRP F 21 22.86 32.34 5.53
C TRP F 21 23.87 32.56 4.44
N TYR F 22 23.73 33.65 3.70
CA TYR F 22 24.64 33.95 2.61
C TYR F 22 25.10 35.37 2.86
N GLY F 23 26.25 35.79 2.36
CA GLY F 23 26.69 37.15 2.61
C GLY F 23 28.00 37.51 1.94
N PHE F 24 28.48 38.70 2.32
CA PHE F 24 29.64 39.33 1.73
C PHE F 24 30.72 39.64 2.72
N ARG F 25 31.99 39.63 2.27
CA ARG F 25 33.19 39.96 3.01
C ARG F 25 34.04 40.77 2.07
N HIS F 26 34.65 41.85 2.49
CA HIS F 26 35.41 42.70 1.56
C HIS F 26 36.72 43.22 2.17
N GLN F 27 37.70 43.51 1.34
CA GLN F 27 38.91 44.13 1.80
C GLN F 27 38.97 45.30 0.84
N ASN F 28 38.99 46.53 1.32
CA ASN F 28 39.19 47.66 0.43
C ASN F 28 40.22 48.59 1.05
N SER F 29 40.45 49.70 0.41
CA SER F 29 41.44 50.70 0.79
C SER F 29 41.20 51.41 2.13
N GLU F 30 40.10 51.09 2.80
CA GLU F 30 39.67 51.75 4.00
C GLU F 30 39.71 50.73 5.14
N GLY F 31 39.36 49.46 4.87
CA GLY F 31 39.40 48.42 5.88
C GLY F 31 38.87 47.12 5.33
N THR F 32 38.33 46.32 6.24
CA THR F 32 37.77 45.03 5.92
C THR F 32 36.43 44.96 6.60
N GLY F 33 35.69 43.85 6.51
CA GLY F 33 34.38 43.75 7.14
C GLY F 33 33.52 42.76 6.37
N GLN F 34 32.44 42.37 6.98
CA GLN F 34 31.58 41.31 6.51
C GLN F 34 30.15 41.82 6.67
N ALA F 35 29.15 41.25 5.99
CA ALA F 35 27.76 41.65 6.15
C ALA F 35 26.87 40.57 5.52
N ALA F 36 25.83 40.05 6.18
CA ALA F 36 25.01 39.00 5.56
C ALA F 36 24.03 39.57 4.56
N ASP F 37 23.63 38.78 3.54
CA ASP F 37 22.65 39.23 2.58
C ASP F 37 21.28 38.73 3.00
N LEU F 38 20.36 39.64 3.29
CA LEU F 38 19.08 39.17 3.75
C LEU F 38 18.14 38.72 2.69
N LYS F 39 18.28 39.14 1.43
CA LYS F 39 17.34 38.69 0.42
C LYS F 39 17.55 37.23 0.06
N SER F 40 18.78 36.77 -0.13
CA SER F 40 18.95 35.37 -0.46
C SER F 40 18.71 34.53 0.79
N THR F 41 19.08 35.02 1.97
CA THR F 41 18.75 34.29 3.17
C THR F 41 17.25 34.04 3.32
N GLN F 42 16.39 35.02 3.02
CA GLN F 42 14.96 34.77 3.07
C GLN F 42 14.53 33.79 2.01
N ALA F 43 14.95 33.98 0.76
CA ALA F 43 14.64 33.03 -0.30
C ALA F 43 14.92 31.59 0.09
N ALA F 44 16.11 31.30 0.61
CA ALA F 44 16.44 29.98 1.09
C ALA F 44 15.47 29.53 2.17
N ILE F 45 15.22 30.38 3.16
CA ILE F 45 14.37 30.07 4.30
C ILE F 45 12.91 29.81 3.94
N ASP F 46 12.30 30.64 3.11
CA ASP F 46 10.91 30.49 2.78
C ASP F 46 10.66 29.20 2.02
N GLN F 47 11.49 28.86 1.04
CA GLN F 47 11.35 27.57 0.35
C GLN F 47 11.46 26.41 1.36
N ILE F 48 12.44 26.46 2.29
CA ILE F 48 12.58 25.41 3.24
C ILE F 48 11.36 25.39 4.12
N ASN F 49 10.76 26.52 4.46
CA ASN F 49 9.57 26.48 5.29
C ASN F 49 8.38 25.93 4.54
N GLY F 50 8.33 26.23 3.25
CA GLY F 50 7.24 25.79 2.41
C GLY F 50 7.16 24.28 2.36
N LYS F 51 8.30 23.66 2.04
CA LYS F 51 8.31 22.22 1.98
C LYS F 51 8.06 21.69 3.36
N LEU F 52 8.63 22.33 4.36
CA LEU F 52 8.45 21.85 5.70
C LEU F 52 6.98 21.90 6.10
N ASN F 53 6.24 22.90 5.68
CA ASN F 53 4.84 22.97 6.08
C ASN F 53 4.01 21.95 5.36
N ARG F 54 4.35 21.64 4.13
CA ARG F 54 3.57 20.69 3.36
C ARG F 54 3.76 19.31 3.98
N VAL F 55 4.97 18.93 4.39
CA VAL F 55 5.18 17.62 4.96
C VAL F 55 4.65 17.57 6.39
N ILE F 56 4.53 18.69 7.08
CA ILE F 56 4.04 18.67 8.45
C ILE F 56 2.51 18.78 8.51
N GLU F 57 1.82 18.88 7.36
CA GLU F 57 0.36 19.04 7.33
C GLU F 57 -0.39 17.71 7.15
N LYS F 58 -1.71 17.80 7.32
CA LYS F 58 -2.67 16.70 7.10
C LYS F 58 -2.58 15.37 7.90
N THR F 59 -2.72 15.36 9.24
CA THR F 59 -2.83 14.06 9.90
C THR F 59 -4.21 13.52 9.62
N ASN F 60 -4.27 12.27 9.22
CA ASN F 60 -5.53 11.63 8.93
C ASN F 60 -6.00 11.07 10.27
N GLU F 61 -7.27 11.27 10.62
CA GLU F 61 -7.82 10.68 11.81
C GLU F 61 -8.24 9.28 11.49
N LYS F 62 -8.05 8.32 12.37
CA LYS F 62 -8.59 7.00 12.13
C LYS F 62 -9.20 6.62 13.43
N PHE F 63 -10.37 6.00 13.41
CA PHE F 63 -10.96 5.59 14.66
C PHE F 63 -10.98 4.07 14.76
N HIS F 64 -12.11 3.39 14.70
CA HIS F 64 -12.14 1.94 14.84
C HIS F 64 -11.48 1.30 13.65
N GLN F 65 -10.36 0.63 13.87
CA GLN F 65 -9.71 -0.02 12.76
C GLN F 65 -9.82 -1.54 12.89
N ILE F 66 -8.80 -2.32 12.58
CA ILE F 66 -8.82 -3.75 12.78
C ILE F 66 -7.97 -4.00 13.99
N GLU F 67 -8.11 -5.15 14.63
CA GLU F 67 -7.33 -5.43 15.82
C GLU F 67 -5.91 -5.75 15.39
N LYS F 68 -4.89 -5.38 16.14
CA LYS F 68 -3.54 -5.59 15.61
C LYS F 68 -2.66 -6.40 16.53
N GLU F 69 -3.24 -7.01 17.57
CA GLU F 69 -2.52 -7.80 18.55
C GLU F 69 -3.46 -8.91 18.98
N PHE F 70 -3.04 -10.16 18.90
CA PHE F 70 -3.94 -11.27 19.18
C PHE F 70 -3.38 -12.04 20.36
N SER F 71 -4.16 -12.86 21.03
CA SER F 71 -3.62 -13.55 22.18
C SER F 71 -4.03 -15.00 22.22
N GLU F 72 -4.49 -15.48 21.07
CA GLU F 72 -4.99 -16.83 20.94
C GLU F 72 -4.66 -17.21 19.49
N VAL F 73 -4.44 -18.47 19.16
CA VAL F 73 -4.01 -18.80 17.84
C VAL F 73 -5.23 -19.16 17.02
N GLU F 74 -5.50 -18.40 15.98
CA GLU F 74 -6.72 -18.63 15.25
C GLU F 74 -6.56 -19.21 13.87
N GLY F 75 -5.46 -18.97 13.18
CA GLY F 75 -5.32 -19.44 11.80
C GLY F 75 -5.63 -18.45 10.71
N ARG F 76 -6.35 -18.87 9.73
CA ARG F 76 -6.52 -18.16 8.48
C ARG F 76 -6.95 -16.70 8.61
N ILE F 77 -8.02 -16.36 9.33
CA ILE F 77 -8.43 -14.97 9.36
C ILE F 77 -7.42 -14.12 10.10
N GLN F 78 -6.81 -14.61 11.17
CA GLN F 78 -5.84 -13.83 11.92
C GLN F 78 -4.56 -13.62 11.11
N ASP F 79 -4.19 -14.64 10.31
CA ASP F 79 -3.08 -14.58 9.37
C ASP F 79 -3.26 -13.40 8.40
N LEU F 80 -4.48 -13.23 7.89
CA LEU F 80 -4.79 -12.15 6.98
C LEU F 80 -4.74 -10.79 7.68
N GLU F 81 -5.27 -10.70 8.90
CA GLU F 81 -5.23 -9.47 9.65
C GLU F 81 -3.80 -9.02 9.85
N LYS F 82 -2.90 -9.94 10.23
CA LYS F 82 -1.52 -9.54 10.41
C LYS F 82 -0.88 -9.19 9.09
N TYR F 83 -1.20 -9.84 7.97
CA TYR F 83 -0.62 -9.49 6.70
C TYR F 83 -1.03 -8.11 6.22
N VAL F 84 -2.32 -7.75 6.35
CA VAL F 84 -2.79 -6.44 5.93
C VAL F 84 -2.02 -5.36 6.66
N GLU F 85 -1.83 -5.48 7.98
CA GLU F 85 -1.15 -4.42 8.69
C GLU F 85 0.31 -4.43 8.39
N ASP F 86 0.96 -5.60 8.26
CA ASP F 86 2.39 -5.61 8.03
C ASP F 86 2.67 -5.03 6.68
N THR F 87 1.84 -5.33 5.67
CA THR F 87 2.14 -4.73 4.38
C THR F 87 1.83 -3.25 4.40
N LYS F 88 0.87 -2.81 5.21
CA LYS F 88 0.58 -1.39 5.29
C LYS F 88 1.78 -0.66 5.88
N ILE F 89 2.34 -1.16 6.98
CA ILE F 89 3.48 -0.57 7.66
C ILE F 89 4.67 -0.55 6.74
N ASP F 90 4.92 -1.58 5.96
CA ASP F 90 6.10 -1.55 5.13
C ASP F 90 5.95 -0.54 4.03
N LEU F 91 4.73 -0.38 3.50
CA LEU F 91 4.52 0.56 2.42
C LEU F 91 4.68 1.98 2.95
N TRP F 92 4.13 2.30 4.13
CA TRP F 92 4.31 3.62 4.66
C TRP F 92 5.74 3.84 5.08
N SER F 93 6.51 2.84 5.54
CA SER F 93 7.90 3.09 5.89
C SER F 93 8.70 3.42 4.66
N TYR F 94 8.40 2.75 3.52
CA TYR F 94 9.10 3.01 2.28
C TYR F 94 8.84 4.44 1.93
N ASN F 95 7.59 4.86 2.02
CA ASN F 95 7.22 6.24 1.71
C ASN F 95 7.94 7.21 2.61
N ALA F 96 8.02 7.05 3.92
CA ALA F 96 8.69 8.06 4.72
C ALA F 96 10.18 8.13 4.37
N GLU F 97 10.82 6.98 4.10
CA GLU F 97 12.24 6.98 3.81
C GLU F 97 12.54 7.63 2.45
N LEU F 98 11.77 7.30 1.40
CA LEU F 98 12.03 7.91 0.13
C LEU F 98 11.72 9.37 0.23
N LEU F 99 10.68 9.77 0.97
CA LEU F 99 10.32 11.19 1.08
C LEU F 99 11.45 12.00 1.68
N VAL F 100 12.02 11.67 2.85
CA VAL F 100 13.05 12.54 3.37
C VAL F 100 14.29 12.47 2.51
N ALA F 101 14.59 11.36 1.86
CA ALA F 101 15.78 11.32 1.02
C ALA F 101 15.66 12.29 -0.15
N LEU F 102 14.56 12.16 -0.91
CA LEU F 102 14.19 13.01 -2.03
C LEU F 102 14.21 14.47 -1.61
N GLU F 103 13.54 14.78 -0.51
CA GLU F 103 13.53 16.09 0.06
C GLU F 103 14.92 16.64 0.39
N ASN F 104 15.71 15.91 1.17
CA ASN F 104 17.02 16.37 1.63
C ASN F 104 17.94 16.67 0.49
N GLN F 105 17.83 15.84 -0.52
CA GLN F 105 18.60 16.00 -1.72
C GLN F 105 18.24 17.34 -2.32
N HIS F 106 16.95 17.61 -2.40
CA HIS F 106 16.47 18.84 -3.01
C HIS F 106 16.81 20.06 -2.18
N THR F 107 16.82 19.97 -0.84
CA THR F 107 17.13 21.11 0.01
C THR F 107 18.58 21.50 -0.16
N ILE F 108 19.49 20.53 -0.25
CA ILE F 108 20.89 20.85 -0.52
C ILE F 108 21.03 21.52 -1.89
N ASP F 109 20.27 21.17 -2.91
CA ASP F 109 20.44 21.82 -4.19
C ASP F 109 19.83 23.18 -4.20
N LEU F 110 18.70 23.33 -3.54
CA LEU F 110 18.00 24.60 -3.40
C LEU F 110 18.86 25.62 -2.66
N THR F 111 19.44 25.31 -1.49
CA THR F 111 20.31 26.27 -0.80
C THR F 111 21.55 26.56 -1.62
N GLY F 112 22.10 25.53 -2.30
CA GLY F 112 23.20 25.70 -3.22
C GLY F 112 22.90 26.62 -4.39
N SER F 113 21.66 26.54 -4.86
CA SER F 113 21.18 27.38 -5.97
C SER F 113 21.26 28.81 -5.53
N GLU F 114 20.71 29.12 -4.36
CA GLU F 114 20.67 30.48 -3.86
C GLU F 114 22.07 31.06 -3.71
N MET F 115 23.04 30.23 -3.33
CA MET F 115 24.42 30.72 -3.24
C MET F 115 24.86 31.20 -4.60
N ASN F 116 24.78 30.30 -5.56
CA ASN F 116 25.22 30.59 -6.91
C ASN F 116 24.43 31.73 -7.53
N LYS F 117 23.14 31.85 -7.27
CA LYS F 117 22.38 32.98 -7.78
C LYS F 117 22.91 34.30 -7.19
N LEU F 118 23.24 34.39 -5.87
CA LEU F 118 23.78 35.61 -5.30
C LEU F 118 25.05 35.94 -6.03
N PHE F 119 25.89 34.94 -6.30
CA PHE F 119 27.16 35.16 -6.96
C PHE F 119 26.94 35.74 -8.34
N GLU F 120 26.20 35.04 -9.19
CA GLU F 120 25.90 35.49 -10.53
C GLU F 120 25.32 36.88 -10.56
N LYS F 121 24.49 37.21 -9.58
CA LYS F 121 23.89 38.52 -9.50
C LYS F 121 24.95 39.55 -9.22
N THR F 122 25.82 39.30 -8.25
CA THR F 122 26.86 40.24 -7.94
C THR F 122 27.77 40.39 -9.14
N ARG F 123 28.02 39.29 -9.87
CA ARG F 123 28.83 39.31 -11.07
C ARG F 123 28.26 40.26 -12.09
N ARG F 124 26.99 40.09 -12.43
CA ARG F 124 26.37 40.94 -13.43
C ARG F 124 26.40 42.42 -13.10
N GLN F 125 26.25 42.74 -11.82
CA GLN F 125 26.24 44.12 -11.36
C GLN F 125 27.56 44.80 -11.60
N LEU F 126 28.64 44.09 -11.31
CA LEU F 126 29.96 44.66 -11.43
C LEU F 126 30.45 44.87 -12.85
N ARG F 127 29.68 44.42 -13.81
CA ARG F 127 30.01 44.50 -15.23
C ARG F 127 31.48 44.45 -15.61
N GLU F 128 32.15 45.45 -16.20
CA GLU F 128 33.51 45.23 -16.67
C GLU F 128 34.53 45.63 -15.65
N ASN F 129 34.07 45.91 -14.44
CA ASN F 129 34.94 46.52 -13.48
C ASN F 129 35.54 45.51 -12.54
N ALA F 130 35.23 44.24 -12.68
CA ALA F 130 35.76 43.29 -11.75
C ALA F 130 36.01 42.01 -12.46
N GLU F 131 36.91 41.24 -11.89
CA GLU F 131 37.22 39.94 -12.42
C GLU F 131 36.99 38.93 -11.32
N GLU F 132 36.51 37.77 -11.72
CA GLU F 132 36.25 36.69 -10.80
C GLU F 132 37.57 36.01 -10.51
N MET F 133 38.00 35.90 -9.25
CA MET F 133 39.23 35.20 -8.99
C MET F 133 38.94 33.73 -8.76
N GLY F 134 37.71 33.31 -9.07
CA GLY F 134 37.33 31.89 -9.05
C GLY F 134 37.26 31.17 -7.72
N ASN F 135 37.32 31.89 -6.63
CA ASN F 135 37.22 31.29 -5.32
C ASN F 135 36.03 31.94 -4.64
N GLY F 136 35.07 32.46 -5.43
CA GLY F 136 33.96 33.15 -4.84
C GLY F 136 34.27 34.62 -4.54
N CYS F 137 35.49 35.10 -4.81
CA CYS F 137 35.77 36.50 -4.64
C CYS F 137 35.94 37.21 -5.97
N PHE F 138 35.49 38.45 -6.06
CA PHE F 138 35.72 39.29 -7.20
C PHE F 138 36.83 40.27 -6.85
N LYS F 139 37.76 40.49 -7.77
CA LYS F 139 38.68 41.59 -7.62
C LYS F 139 38.02 42.79 -8.26
N ILE F 140 37.72 43.85 -7.50
CA ILE F 140 37.14 45.06 -8.08
C ILE F 140 38.31 45.93 -8.51
N TYR F 141 38.42 46.20 -9.80
CA TYR F 141 39.54 46.95 -10.35
C TYR F 141 39.42 48.46 -10.28
N HIS F 142 38.91 49.04 -9.21
CA HIS F 142 38.87 50.47 -9.08
C HIS F 142 38.77 50.80 -7.61
N LYS F 143 39.02 52.04 -7.19
CA LYS F 143 38.99 52.40 -5.78
C LYS F 143 37.54 52.27 -5.29
N CYS F 144 37.27 51.33 -4.39
CA CYS F 144 35.91 51.13 -3.96
C CYS F 144 35.84 51.19 -2.45
N ASP F 145 35.48 52.37 -1.94
CA ASP F 145 35.38 52.58 -0.48
C ASP F 145 34.15 51.91 0.12
N ASN F 146 33.94 52.08 1.42
CA ASN F 146 32.84 51.39 2.06
C ASN F 146 31.47 51.70 1.50
N ALA F 147 31.23 52.89 0.94
CA ALA F 147 29.91 53.16 0.43
C ALA F 147 29.72 52.48 -0.89
N CYS F 148 30.81 52.36 -1.64
CA CYS F 148 30.79 51.62 -2.88
C CYS F 148 30.44 50.17 -2.56
N ILE F 149 31.11 49.56 -1.58
CA ILE F 149 30.79 48.20 -1.19
C ILE F 149 29.33 48.15 -0.73
N GLU F 150 28.81 49.12 0.01
CA GLU F 150 27.40 49.12 0.40
C GLU F 150 26.51 49.17 -0.83
N SER F 151 26.86 49.88 -1.90
CA SER F 151 25.98 49.92 -3.04
C SER F 151 26.02 48.66 -3.87
N ILE F 152 27.14 47.92 -3.88
CA ILE F 152 27.14 46.63 -4.58
C ILE F 152 26.21 45.67 -3.83
N ARG F 153 26.34 45.70 -2.51
CA ARG F 153 25.52 44.87 -1.66
C ARG F 153 24.07 45.27 -1.70
N ASN F 154 23.70 46.54 -1.90
CA ASN F 154 22.28 46.84 -1.92
C ASN F 154 21.79 47.05 -3.33
N GLY F 155 22.56 46.59 -4.29
CA GLY F 155 22.13 46.56 -5.67
C GLY F 155 21.98 47.89 -6.38
N THR F 156 22.64 48.93 -5.89
CA THR F 156 22.52 50.21 -6.56
C THR F 156 23.81 50.58 -7.24
N TYR F 157 24.79 49.68 -7.31
CA TYR F 157 26.10 50.00 -7.86
C TYR F 157 26.05 50.47 -9.31
N ASP F 158 26.42 51.72 -9.61
CA ASP F 158 26.43 52.11 -11.00
C ASP F 158 27.78 51.78 -11.57
N HIS F 159 27.84 50.86 -12.53
CA HIS F 159 29.11 50.42 -13.03
C HIS F 159 29.76 51.46 -13.89
N ASP F 160 28.97 52.29 -14.57
CA ASP F 160 29.54 53.29 -15.46
C ASP F 160 30.38 54.29 -14.72
N VAL F 161 29.94 54.62 -13.52
CA VAL F 161 30.64 55.55 -12.64
C VAL F 161 32.11 55.20 -12.52
N TYR F 162 32.46 53.92 -12.59
CA TYR F 162 33.85 53.51 -12.42
C TYR F 162 34.41 52.78 -13.63
N ARG F 163 33.65 52.68 -14.71
CA ARG F 163 34.08 51.92 -15.87
C ARG F 163 35.43 52.34 -16.39
N ASP F 164 35.66 53.63 -16.67
CA ASP F 164 36.92 54.09 -17.24
C ASP F 164 38.08 53.78 -16.33
N GLU F 165 37.94 54.10 -15.03
CA GLU F 165 38.99 53.89 -14.03
C GLU F 165 39.38 52.43 -14.04
N ALA F 166 38.38 51.60 -13.80
CA ALA F 166 38.56 50.16 -13.76
C ALA F 166 39.21 49.64 -15.01
N LEU F 167 38.52 49.80 -16.14
CA LEU F 167 38.91 49.33 -17.45
C LEU F 167 40.35 49.68 -17.76
N ASN F 168 40.77 50.91 -17.42
CA ASN F 168 42.13 51.31 -17.66
C ASN F 168 43.12 50.46 -16.86
N ASN F 169 42.97 50.40 -15.55
CA ASN F 169 43.97 49.69 -14.80
C ASN F 169 43.67 48.20 -14.72
N ARG F 170 42.66 47.75 -15.46
CA ARG F 170 42.38 46.34 -15.59
C ARG F 170 43.18 45.84 -16.77
N PHE F 171 43.10 46.52 -17.90
CA PHE F 171 43.81 46.10 -19.09
C PHE F 171 45.09 46.90 -19.33
N GLN F 172 45.77 47.45 -18.30
CA GLN F 172 47.03 48.15 -18.51
C GLN F 172 48.12 47.11 -18.77
N ILE F 173 48.17 46.64 -20.02
CA ILE F 173 49.16 45.67 -20.47
C ILE F 173 50.48 46.41 -20.51
N LYS F 174 51.17 46.34 -19.37
CA LYS F 174 52.41 47.07 -19.16
C LYS F 174 53.05 46.49 -17.91
N GLY F 175 53.77 45.38 -18.09
CA GLY F 175 54.47 44.70 -17.02
C GLY F 175 55.57 43.80 -17.59
C1 NAG G . -15.74 -34.90 34.59
C2 NAG G . -16.48 -34.83 35.90
C3 NAG G . -16.19 -33.52 36.66
C4 NAG G . -14.69 -33.31 36.78
C5 NAG G . -14.03 -33.44 35.42
C6 NAG G . -12.52 -33.40 35.53
C7 NAG G . -18.70 -35.95 35.95
C8 NAG G . -20.20 -35.80 35.75
N2 NAG G . -17.94 -34.87 35.69
O3 NAG G . -16.75 -33.59 37.96
O4 NAG G . -14.40 -31.97 37.29
O5 NAG G . -14.37 -34.70 34.82
O6 NAG G . -12.06 -34.72 35.83
O7 NAG G . -18.21 -37.03 36.27
C1 NAG G . -13.98 -31.82 38.64
C2 NAG G . -13.35 -30.46 38.83
C3 NAG G . -12.96 -30.19 40.27
C4 NAG G . -14.18 -30.47 41.12
C5 NAG G . -14.75 -31.86 40.88
C6 NAG G . -15.98 -32.14 41.74
C7 NAG G . -12.04 -29.76 36.89
C8 NAG G . -10.69 -29.78 36.21
N2 NAG G . -12.11 -30.36 38.06
O3 NAG G . -12.49 -28.87 40.41
O4 NAG G . -13.83 -30.41 42.51
O5 NAG G . -15.10 -31.93 39.51
O6 NAG G . -16.90 -31.10 41.51
O7 NAG G . -12.99 -29.17 36.39
C1 MAN G . -14.17 -29.24 43.24
C2 MAN G . -14.48 -29.66 44.65
C3 MAN G . -14.97 -28.40 45.37
C4 MAN G . -13.90 -27.26 45.27
C5 MAN G . -13.27 -27.10 43.86
C6 MAN G . -11.92 -26.43 43.92
O2 MAN G . -13.29 -30.20 45.21
O3 MAN G . -15.22 -28.68 46.75
O4 MAN G . -14.51 -26.00 45.58
O5 MAN G . -13.04 -28.38 43.23
O6 MAN G . -11.05 -27.35 44.54
C1 NAG H . -25.50 -44.77 -1.26
C2 NAG H . -25.14 -46.22 -0.95
C3 NAG H . -23.66 -46.52 -1.26
C4 NAG H . -23.32 -46.07 -2.66
C5 NAG H . -23.76 -44.64 -2.88
C6 NAG H . -23.57 -44.21 -4.34
C7 NAG H . -26.37 -47.25 0.94
C8 NAG H . -26.40 -47.56 2.43
N2 NAG H . -25.35 -46.52 0.47
O3 NAG H . -23.42 -47.90 -1.15
O4 NAG H . -21.88 -46.14 -2.85
O5 NAG H . -25.15 -44.49 -2.58
O6 NAG H . -24.72 -44.66 -5.06
O7 NAG H . -27.29 -47.62 0.20
C1 NAG H . -21.33 -47.20 -3.64
C2 NAG H . -19.92 -46.85 -4.11
C3 NAG H . -19.26 -47.98 -4.87
C4 NAG H . -19.38 -49.23 -4.02
C5 NAG H . -20.82 -49.51 -3.62
C6 NAG H . -20.96 -50.78 -2.77
C7 NAG H . -19.67 -44.47 -4.63
C8 NAG H . -19.78 -43.40 -5.70
N2 NAG H . -19.93 -45.70 -5.02
O3 NAG H . -17.93 -47.64 -5.16
O4 NAG H . -18.92 -50.36 -4.76
O5 NAG H . -21.29 -48.38 -2.87
O6 NAG H . -20.09 -50.69 -1.70
O7 NAG H . -19.30 -44.20 -3.49
C1 MAN H . -17.55 -50.80 -4.67
C2 MAN H . -17.51 -52.22 -5.29
C3 MAN H . -16.05 -52.67 -5.47
C4 MAN H . -15.33 -51.67 -6.36
C5 MAN H . -15.37 -50.30 -5.67
C6 MAN H . -14.70 -49.19 -6.48
O2 MAN H . -18.16 -52.15 -6.56
O3 MAN H . -15.88 -53.98 -6.01
O4 MAN H . -14.01 -52.14 -6.57
O5 MAN H . -16.76 -49.92 -5.46
O6 MAN H . -15.27 -49.09 -7.78
C1 NAG I . -45.53 -17.40 17.20
C2 NAG I . -46.82 -17.88 16.55
C3 NAG I . -47.07 -17.16 15.21
C4 NAG I . -46.98 -15.66 15.38
C5 NAG I . -45.69 -15.28 16.10
C6 NAG I . -45.65 -13.80 16.45
C7 NAG I . -47.41 -20.24 16.96
C8 NAG I . -47.31 -21.68 16.49
N2 NAG I . -46.75 -19.30 16.26
O3 NAG I . -48.36 -17.50 14.74
O4 NAG I . -46.98 -15.00 14.10
O5 NAG I . -45.56 -16.00 17.33
O6 NAG I . -46.33 -13.61 17.67
O7 NAG I . -48.04 -19.96 17.97
C1 NAG I . -48.17 -14.34 13.67
C2 NAG I . -47.85 -13.37 12.53
C3 NAG I . -49.08 -12.70 11.99
C4 NAG I . -50.06 -13.78 11.64
C5 NAG I . -50.36 -14.70 12.82
C6 NAG I . -51.35 -15.81 12.47
C7 NAG I . -45.68 -12.26 12.82
C8 NAG I . -44.92 -11.10 13.43
N2 NAG I . -46.98 -12.29 13.01
O3 NAG I . -48.74 -11.92 10.85
O4 NAG I . -51.31 -13.20 11.25
O5 NAG I . -49.12 -15.28 13.20
O6 NAG I . -50.88 -16.48 11.34
O7 NAG I . -45.10 -13.12 12.17
C1 MAN I . -51.52 -13.15 9.84
C2 MAN I . -52.91 -13.67 9.53
C3 MAN I . -53.18 -13.52 8.06
C4 MAN I . -52.87 -12.06 7.64
C5 MAN I . -51.41 -11.70 7.97
C6 MAN I . -50.91 -10.32 7.56
O2 MAN I . -53.97 -13.02 10.21
O3 MAN I . -54.54 -13.85 7.82
O4 MAN I . -53.11 -11.99 6.25
O5 MAN I . -51.25 -11.84 9.38
O6 MAN I . -51.69 -9.32 8.19
C1 SIA J . -12.35 -51.72 8.36
C2 SIA J . -13.41 -52.55 9.11
C3 SIA J . -12.77 -53.37 10.26
C4 SIA J . -12.46 -52.57 11.52
C5 SIA J . -13.69 -51.77 11.94
C6 SIA J . -14.16 -50.88 10.79
C7 SIA J . -15.42 -50.05 11.04
C8 SIA J . -15.66 -49.14 9.80
C9 SIA J . -16.75 -48.15 10.02
C10 SIA J . -13.85 -50.95 14.23
C11 SIA J . -13.42 -49.96 15.29
N5 SIA J . -13.29 -50.91 13.04
O1A SIA J . -11.89 -50.70 8.82
O1B SIA J . -11.94 -52.09 7.27
O2 SIA J . -14.03 -53.38 8.16
O4 SIA J . -12.02 -53.35 12.62
O6 SIA J . -14.43 -51.70 9.62
O7 SIA J . -16.49 -50.95 11.23
O8 SIA J . -14.52 -48.42 9.40
O9 SIA J . -16.89 -47.35 8.86
O10 SIA J . -14.74 -51.76 14.48
C1 NAG K . 27.64 -0.31 -14.96
C2 NAG K . 29.11 -0.68 -15.02
C3 NAG K . 29.30 -1.93 -14.20
C4 NAG K . 28.92 -1.61 -12.73
C5 NAG K . 27.44 -1.09 -12.70
C6 NAG K . 27.04 -0.57 -11.32
C7 NAG K . 30.77 -0.52 -16.80
C8 NAG K . 31.16 -0.77 -18.24
N2 NAG K . 29.56 -0.91 -16.38
O3 NAG K . 30.63 -2.40 -14.25
O4 NAG K . 29.11 -2.79 -11.98
O5 NAG K . 27.29 0.00 -13.63
O6 NAG K . 27.61 0.73 -11.13
O7 NAG K . 31.53 0.03 -16.01
C1 NAG L . 9.34 -37.31 20.57
C2 NAG L . 9.56 -38.75 21.00
C3 NAG L . 9.09 -38.89 22.43
C4 NAG L . 9.96 -38.00 23.34
C5 NAG L . 9.75 -36.53 22.89
C6 NAG L . 10.64 -35.52 23.68
C7 NAG L . 9.40 -40.17 19.06
C8 NAG L . 8.60 -41.15 18.20
N2 NAG L . 8.87 -39.73 20.19
O3 NAG L . 9.16 -40.23 22.86
O4 NAG L . 9.59 -38.23 24.71
O5 NAG L . 10.07 -36.44 21.47
O6 NAG L . 10.45 -35.57 25.09
O7 NAG L . 10.51 -39.77 18.69
C1 NAG M . 7.64 -19.38 -11.41
C2 NAG M . 7.74 -18.92 -12.89
C3 NAG M . 6.36 -18.43 -13.32
C4 NAG M . 5.32 -19.57 -13.09
C5 NAG M . 5.30 -19.91 -11.59
C6 NAG M . 4.30 -20.98 -11.17
C7 NAG M . 10.01 -18.08 -13.32
C8 NAG M . 10.94 -16.89 -13.54
N2 NAG M . 8.71 -17.85 -13.09
O3 NAG M . 6.38 -18.01 -14.68
O4 NAG M . 4.05 -19.15 -13.55
O5 NAG M . 6.61 -20.35 -11.24
O6 NAG M . 4.65 -21.49 -9.89
O7 NAG M . 10.44 -19.24 -13.33
C1 NAG N . 51.20 20.51 -12.81
C2 NAG N . 52.07 20.03 -11.67
C3 NAG N . 53.33 20.84 -11.66
C4 NAG N . 54.09 20.65 -12.97
C5 NAG N . 53.16 21.10 -14.14
C6 NAG N . 53.76 20.81 -15.51
C7 NAG N . 50.74 19.16 -9.83
C8 NAG N . 50.08 19.41 -8.48
N2 NAG N . 51.42 20.17 -10.38
O3 NAG N . 54.16 20.48 -10.58
O4 NAG N . 55.30 21.38 -12.91
O5 NAG N . 51.92 20.39 -14.05
O6 NAG N . 54.04 19.40 -15.64
O7 NAG N . 50.68 18.07 -10.41
C1 SIA O . -48.38 -23.47 0.89
C2 SIA O . -49.07 -24.69 1.54
C3 SIA O . -49.51 -25.72 0.43
C4 SIA O . -48.37 -26.57 -0.11
C5 SIA O . -47.59 -27.20 1.05
C6 SIA O . -47.07 -26.09 1.99
C7 SIA O . -46.31 -26.55 3.22
C8 SIA O . -45.77 -25.30 3.97
C9 SIA O . -44.83 -25.65 5.08
C10 SIA O . -46.19 -29.18 0.63
C11 SIA O . -44.93 -29.77 0.04
N5 SIA O . -46.44 -27.87 0.48
O1A SIA O . -47.25 -23.51 0.47
O1B SIA O . -49.01 -22.42 0.77
O2 SIA O . -50.17 -24.22 2.27
O4 SIA O . -48.79 -27.61 -1.00
O6 SIA O . -48.19 -25.31 2.47
O7 SIA O . -47.21 -27.28 4.02
O8 SIA O . -45.07 -24.37 3.16
O9 SIA O . -44.39 -24.45 5.69
O10 SIA O . -46.98 -29.89 1.25
C1 NAG P . -2.18 22.89 -21.45
C2 NAG P . -2.43 23.34 -22.88
C3 NAG P . -3.38 22.38 -23.50
C4 NAG P . -2.73 21.01 -23.54
C5 NAG P . -2.34 20.59 -22.07
C6 NAG P . -1.48 19.33 -22.03
C7 NAG P . -2.63 25.59 -23.87
C8 NAG P . -3.22 26.99 -23.84
N2 NAG P . -2.97 24.71 -22.93
O3 NAG P . -3.76 22.78 -24.80
O4 NAG P . -3.66 20.12 -24.13
O5 NAG P . -1.55 21.63 -21.47
O6 NAG P . -0.16 19.65 -22.44
O7 NAG P . -1.84 25.26 -24.76
C1 NAG Q . -29.66 -24.11 -20.93
C2 NAG Q . -30.91 -24.75 -21.51
C3 NAG Q . -30.71 -26.25 -21.52
C4 NAG Q . -29.54 -26.59 -22.47
C5 NAG Q . -28.26 -25.92 -21.91
C6 NAG Q . -27.01 -26.10 -22.83
C7 NAG Q . -32.82 -23.33 -20.99
C8 NAG Q . -34.05 -23.04 -20.15
N2 NAG Q . -32.12 -24.45 -20.77
O3 NAG Q . -31.88 -26.94 -21.92
O4 NAG Q . -29.43 -28.01 -22.56
O5 NAG Q . -28.53 -24.48 -21.76
O6 NAG Q . -26.70 -27.47 -23.07
O7 NAG Q . -32.45 -22.53 -21.85
C1 NAG R . -21.07 8.64 -6.76
C2 NAG R . -21.01 10.13 -6.31
C3 NAG R . -20.76 10.17 -4.81
C4 NAG R . -21.88 9.36 -4.11
C5 NAG R . -21.79 7.91 -4.60
C6 NAG R . -22.78 6.94 -3.95
C7 NAG R . -20.14 11.48 -8.18
C8 NAG R . -18.99 12.27 -8.82
N2 NAG R . -19.96 10.87 -7.00
O3 NAG R . -20.74 11.51 -4.34
O4 NAG R . -21.69 9.44 -2.70
O5 NAG R . -22.04 7.92 -6.00
O6 NAG R . -22.90 5.78 -4.76
O7 NAG R . -21.21 11.36 -8.78
C1 NAG S . 20.19 33.54 -40.95
C2 NAG S . 20.10 32.69 -42.18
C3 NAG S . 20.99 33.28 -43.24
C4 NAG S . 20.52 34.68 -43.58
C5 NAG S . 20.57 35.55 -42.28
C6 NAG S . 19.96 36.95 -42.48
C7 NAG S . 19.66 30.36 -41.63
C8 NAG S . 20.19 28.96 -41.37
N2 NAG S . 20.53 31.32 -41.93
O3 NAG S . 20.99 32.49 -44.40
O4 NAG S . 21.35 35.19 -44.62
O5 NAG S . 19.81 34.88 -41.26
O6 NAG S . 18.60 36.85 -42.94
O7 NAG S . 18.46 30.63 -41.55
C1 SIA T . -26.19 -22.41 41.34
C2 SIA T . -27.25 -23.51 41.59
C3 SIA T . -28.55 -22.87 42.20
C4 SIA T . -29.43 -22.19 41.15
C5 SIA T . -29.66 -23.12 39.95
C6 SIA T . -28.33 -23.55 39.36
C7 SIA T . -28.38 -24.54 38.21
C8 SIA T . -26.95 -24.76 37.68
C9 SIA T . -26.92 -25.51 36.38
C10 SIA T . -31.58 -22.71 38.47
C11 SIA T . -32.20 -21.87 37.38
N5 SIA T . -30.39 -22.36 38.94
O1A SIA T . -26.25 -21.67 40.39
O1B SIA T . -25.26 -22.29 42.14
O2 SIA T . -26.68 -24.44 42.47
O4 SIA T . -30.68 -21.77 41.67
O6 SIA T . -27.52 -24.19 40.38
O7 SIA T . -28.96 -25.74 38.66
O8 SIA T . -26.24 -23.55 37.44
O9 SIA T . -25.56 -25.64 35.99
O10 SIA T . -32.17 -23.69 38.90
C1 NAG U . 16.09 23.98 12.26
C2 NAG U . 16.13 25.29 13.02
C3 NAG U . 14.97 25.32 13.96
C4 NAG U . 13.69 25.28 13.13
C5 NAG U . 13.69 23.97 12.25
C6 NAG U . 12.53 23.94 11.23
C7 NAG U . 17.99 26.63 13.86
C8 NAG U . 19.31 26.71 14.63
N2 NAG U . 17.37 25.44 13.75
O3 NAG U . 14.98 26.47 14.77
O4 NAG U . 12.59 25.32 14.04
O5 NAG U . 14.91 23.91 11.48
O6 NAG U . 12.84 24.82 10.16
O7 NAG U . 17.50 27.64 13.34
C1 NAG V . -31.09 3.74 30.47
C2 NAG V . -31.96 3.70 31.71
C3 NAG V . -33.38 3.46 31.28
C4 NAG V . -33.87 4.64 30.44
C5 NAG V . -32.98 4.70 29.17
C6 NAG V . -33.30 5.94 28.25
C7 NAG V . -30.60 2.89 33.55
C8 NAG V . -30.19 1.76 34.49
N2 NAG V . -31.55 2.69 32.66
O3 NAG V . -34.25 3.28 32.40
O4 NAG V . -35.25 4.43 30.15
O5 NAG V . -31.58 4.79 29.59
O6 NAG V . -34.67 5.96 27.81
O7 NAG V . -30.03 3.97 33.60
C1 NAG W . 4.77 0.97 23.17
C2 NAG W . 6.32 0.91 23.20
C3 NAG W . 6.77 -0.37 22.52
C4 NAG W . 6.10 -1.57 23.23
C5 NAG W . 4.58 -1.41 23.07
C6 NAG W . 3.75 -2.56 23.64
C7 NAG W . 7.20 3.22 23.19
C8 NAG W . 7.89 4.36 22.43
N2 NAG W . 6.93 2.07 22.55
O3 NAG W . 8.19 -0.49 22.55
O4 NAG W . 6.58 -2.77 22.64
O5 NAG W . 4.21 -0.22 23.74
O6 NAG W . 2.40 -2.11 23.82
O7 NAG W . 6.85 3.36 24.36
C1 NAG X . 22.93 51.75 -1.00
C2 NAG X . 21.77 52.65 -0.65
C3 NAG X . 22.14 54.05 -1.07
C4 NAG X . 23.36 54.52 -0.28
C5 NAG X . 24.54 53.54 -0.61
C6 NAG X . 25.79 53.82 0.23
C7 NAG X . 19.64 51.49 -0.77
C8 NAG X . 18.40 51.11 -1.57
N2 NAG X . 20.55 52.26 -1.34
O3 NAG X . 21.08 54.95 -0.82
O4 NAG X . 23.63 55.87 -0.66
O5 NAG X . 24.12 52.18 -0.33
O6 NAG X . 25.45 53.79 1.61
O7 NAG X . 19.82 51.07 0.37
#